data_7E9V
# 
_entry.id   7E9V 
# 
_audit_conform.dict_name       mmcif_pdbx.dic 
_audit_conform.dict_version    5.380 
_audit_conform.dict_location   http://mmcif.pdb.org/dictionaries/ascii/mmcif_pdbx.dic 
# 
loop_
_database_2.database_id 
_database_2.database_code 
_database_2.pdbx_database_accession 
_database_2.pdbx_DOI 
PDB   7E9V         pdb_00007e9v 10.2210/pdb7e9v/pdb 
WWPDB D_1300020425 ?            ?                   
# 
_pdbx_database_status.status_code                     REL 
_pdbx_database_status.status_code_sf                  REL 
_pdbx_database_status.status_code_mr                  ? 
_pdbx_database_status.entry_id                        7E9V 
_pdbx_database_status.recvd_initial_deposition_date   2021-03-05 
_pdbx_database_status.SG_entry                        N 
_pdbx_database_status.deposit_site                    PDBJ 
_pdbx_database_status.process_site                    PDBJ 
_pdbx_database_status.status_code_cs                  ? 
_pdbx_database_status.status_code_nmr_data            ? 
_pdbx_database_status.methods_development_category    ? 
_pdbx_database_status.pdb_format_compatible           Y 
# 
loop_
_audit_author.name 
_audit_author.pdbx_ordinal 
_audit_author.identifier_ORCID 
'Wang, F.' 1 0000-0002-4384-5834 
'Lin, D.'  2 0000-0003-1705-5297 
'Wang, R.' 3 0000-0003-1029-122X 
'Wei, X.'  4 0000-0001-7042-6611 
'Shen, Z.' 5 0000-0003-0098-2051 
'Wang, M.' 6 0000-0002-2221-1082 
# 
_citation.abstract                  ? 
_citation.abstract_id_CAS           ? 
_citation.book_id_ISBN              ? 
_citation.book_publisher            ? 
_citation.book_publisher_city       ? 
_citation.book_title                ? 
_citation.coordinate_linkage        ? 
_citation.country                   ? 
_citation.database_id_Medline       ? 
_citation.details                   ? 
_citation.id                        primary 
_citation.journal_abbrev            'To Be Published' 
_citation.journal_id_ASTM           ? 
_citation.journal_id_CSD            0353 
_citation.journal_id_ISSN           ? 
_citation.journal_full              ? 
_citation.journal_issue             ? 
_citation.journal_volume            ? 
_citation.language                  ? 
_citation.page_first                ? 
_citation.page_last                 ? 
_citation.title                     'The Crystal Structure of human UMP-CMP kinase  from Biortus.' 
_citation.year                      ? 
_citation.database_id_CSD           ? 
_citation.pdbx_database_id_DOI      ? 
_citation.pdbx_database_id_PubMed   ? 
_citation.pdbx_database_id_patent   ? 
_citation.unpublished_flag          ? 
# 
loop_
_citation_author.citation_id 
_citation_author.name 
_citation_author.ordinal 
_citation_author.identifier_ORCID 
primary 'Wang, F.' 1 0000-0002-4384-5834 
primary 'Lin, D.'  2 0000-0003-1705-5297 
primary 'Wang, R.' 3 0000-0003-1029-122X 
primary 'Wei, X.'  4 0000-0001-7042-6611 
primary 'Shen, Z.' 5 0000-0003-0098-2051 
primary 'Wang, M.' 6 0000-0002-2221-1082 
# 
_cell.angle_alpha                  90.000 
_cell.angle_alpha_esd              ? 
_cell.angle_beta                   90.000 
_cell.angle_beta_esd               ? 
_cell.angle_gamma                  120.000 
_cell.angle_gamma_esd              ? 
_cell.entry_id                     7E9V 
_cell.details                      ? 
_cell.formula_units_Z              ? 
_cell.length_a                     61.926 
_cell.length_a_esd                 ? 
_cell.length_b                     61.926 
_cell.length_b_esd                 ? 
_cell.length_c                     225.397 
_cell.length_c_esd                 ? 
_cell.volume                       ? 
_cell.volume_esd                   ? 
_cell.Z_PDB                        12 
_cell.reciprocal_angle_alpha       ? 
_cell.reciprocal_angle_beta        ? 
_cell.reciprocal_angle_gamma       ? 
_cell.reciprocal_angle_alpha_esd   ? 
_cell.reciprocal_angle_beta_esd    ? 
_cell.reciprocal_angle_gamma_esd   ? 
_cell.reciprocal_length_a          ? 
_cell.reciprocal_length_b          ? 
_cell.reciprocal_length_c          ? 
_cell.reciprocal_length_a_esd      ? 
_cell.reciprocal_length_b_esd      ? 
_cell.reciprocal_length_c_esd      ? 
_cell.pdbx_unique_axis             ? 
# 
_symmetry.entry_id                         7E9V 
_symmetry.cell_setting                     ? 
_symmetry.Int_Tables_number                179 
_symmetry.space_group_name_Hall            ? 
_symmetry.space_group_name_H-M             'P 65 2 2' 
_symmetry.pdbx_full_space_group_name_H-M   ? 
# 
loop_
_entity.id 
_entity.type 
_entity.src_method 
_entity.pdbx_description 
_entity.formula_weight 
_entity.pdbx_number_of_molecules 
_entity.pdbx_ec 
_entity.pdbx_mutation 
_entity.pdbx_fragment 
_entity.details 
1 polymer     man 'UMP-CMP kinase' 24353.602 1  2.7.4.14,2.7.4.6 ? ? ? 
2 non-polymer syn 'SULFATE ION'    96.063    1  ?                ? ? ? 
3 water       nat water            18.015    32 ?                ? ? ? 
# 
_entity_name_com.entity_id   1 
_entity_name_com.name        
;Deoxycytidylate kinase,CK,dCMP kinase,Nucleoside-diphosphate kinase,Uridine monophosphate/cytidine monophosphate kinase,UMP/CMP kinase,UMP/CMPK
;
# 
_entity_poly.entity_id                      1 
_entity_poly.type                           'polypeptide(L)' 
_entity_poly.nstd_linkage                   no 
_entity_poly.nstd_monomer                   no 
_entity_poly.pdbx_seq_one_letter_code       
;MGSSHHHHHHENLYFQGGMKPLVVFVLGGPGAGKGTQCARIVEKYGYTHLSAGELLRDERKNPDSQYGELIEKYIKEGKI
VPVEITISLLKREMDQTMAANAQKNKFLIDGFPRNQDNLQGWNKTMDGKADVSFVLFFDCNNEICIERCLERGKSSGRSD
DNRESLEKRIQTYLQSTKPIIDLYEEMGKVKKIDASKSVDEVFDEVVQIFDKEG
;
_entity_poly.pdbx_seq_one_letter_code_can   
;MGSSHHHHHHENLYFQGGMKPLVVFVLGGPGAGKGTQCARIVEKYGYTHLSAGELLRDERKNPDSQYGELIEKYIKEGKI
VPVEITISLLKREMDQTMAANAQKNKFLIDGFPRNQDNLQGWNKTMDGKADVSFVLFFDCNNEICIERCLERGKSSGRSD
DNRESLEKRIQTYLQSTKPIIDLYEEMGKVKKIDASKSVDEVFDEVVQIFDKEG
;
_entity_poly.pdbx_strand_id                 A 
_entity_poly.pdbx_target_identifier         ? 
# 
loop_
_entity_poly_seq.entity_id 
_entity_poly_seq.num 
_entity_poly_seq.mon_id 
_entity_poly_seq.hetero 
1 1   MET n 
1 2   GLY n 
1 3   SER n 
1 4   SER n 
1 5   HIS n 
1 6   HIS n 
1 7   HIS n 
1 8   HIS n 
1 9   HIS n 
1 10  HIS n 
1 11  GLU n 
1 12  ASN n 
1 13  LEU n 
1 14  TYR n 
1 15  PHE n 
1 16  GLN n 
1 17  GLY n 
1 18  GLY n 
1 19  MET n 
1 20  LYS n 
1 21  PRO n 
1 22  LEU n 
1 23  VAL n 
1 24  VAL n 
1 25  PHE n 
1 26  VAL n 
1 27  LEU n 
1 28  GLY n 
1 29  GLY n 
1 30  PRO n 
1 31  GLY n 
1 32  ALA n 
1 33  GLY n 
1 34  LYS n 
1 35  GLY n 
1 36  THR n 
1 37  GLN n 
1 38  CYS n 
1 39  ALA n 
1 40  ARG n 
1 41  ILE n 
1 42  VAL n 
1 43  GLU n 
1 44  LYS n 
1 45  TYR n 
1 46  GLY n 
1 47  TYR n 
1 48  THR n 
1 49  HIS n 
1 50  LEU n 
1 51  SER n 
1 52  ALA n 
1 53  GLY n 
1 54  GLU n 
1 55  LEU n 
1 56  LEU n 
1 57  ARG n 
1 58  ASP n 
1 59  GLU n 
1 60  ARG n 
1 61  LYS n 
1 62  ASN n 
1 63  PRO n 
1 64  ASP n 
1 65  SER n 
1 66  GLN n 
1 67  TYR n 
1 68  GLY n 
1 69  GLU n 
1 70  LEU n 
1 71  ILE n 
1 72  GLU n 
1 73  LYS n 
1 74  TYR n 
1 75  ILE n 
1 76  LYS n 
1 77  GLU n 
1 78  GLY n 
1 79  LYS n 
1 80  ILE n 
1 81  VAL n 
1 82  PRO n 
1 83  VAL n 
1 84  GLU n 
1 85  ILE n 
1 86  THR n 
1 87  ILE n 
1 88  SER n 
1 89  LEU n 
1 90  LEU n 
1 91  LYS n 
1 92  ARG n 
1 93  GLU n 
1 94  MET n 
1 95  ASP n 
1 96  GLN n 
1 97  THR n 
1 98  MET n 
1 99  ALA n 
1 100 ALA n 
1 101 ASN n 
1 102 ALA n 
1 103 GLN n 
1 104 LYS n 
1 105 ASN n 
1 106 LYS n 
1 107 PHE n 
1 108 LEU n 
1 109 ILE n 
1 110 ASP n 
1 111 GLY n 
1 112 PHE n 
1 113 PRO n 
1 114 ARG n 
1 115 ASN n 
1 116 GLN n 
1 117 ASP n 
1 118 ASN n 
1 119 LEU n 
1 120 GLN n 
1 121 GLY n 
1 122 TRP n 
1 123 ASN n 
1 124 LYS n 
1 125 THR n 
1 126 MET n 
1 127 ASP n 
1 128 GLY n 
1 129 LYS n 
1 130 ALA n 
1 131 ASP n 
1 132 VAL n 
1 133 SER n 
1 134 PHE n 
1 135 VAL n 
1 136 LEU n 
1 137 PHE n 
1 138 PHE n 
1 139 ASP n 
1 140 CYS n 
1 141 ASN n 
1 142 ASN n 
1 143 GLU n 
1 144 ILE n 
1 145 CYS n 
1 146 ILE n 
1 147 GLU n 
1 148 ARG n 
1 149 CYS n 
1 150 LEU n 
1 151 GLU n 
1 152 ARG n 
1 153 GLY n 
1 154 LYS n 
1 155 SER n 
1 156 SER n 
1 157 GLY n 
1 158 ARG n 
1 159 SER n 
1 160 ASP n 
1 161 ASP n 
1 162 ASN n 
1 163 ARG n 
1 164 GLU n 
1 165 SER n 
1 166 LEU n 
1 167 GLU n 
1 168 LYS n 
1 169 ARG n 
1 170 ILE n 
1 171 GLN n 
1 172 THR n 
1 173 TYR n 
1 174 LEU n 
1 175 GLN n 
1 176 SER n 
1 177 THR n 
1 178 LYS n 
1 179 PRO n 
1 180 ILE n 
1 181 ILE n 
1 182 ASP n 
1 183 LEU n 
1 184 TYR n 
1 185 GLU n 
1 186 GLU n 
1 187 MET n 
1 188 GLY n 
1 189 LYS n 
1 190 VAL n 
1 191 LYS n 
1 192 LYS n 
1 193 ILE n 
1 194 ASP n 
1 195 ALA n 
1 196 SER n 
1 197 LYS n 
1 198 SER n 
1 199 VAL n 
1 200 ASP n 
1 201 GLU n 
1 202 VAL n 
1 203 PHE n 
1 204 ASP n 
1 205 GLU n 
1 206 VAL n 
1 207 VAL n 
1 208 GLN n 
1 209 ILE n 
1 210 PHE n 
1 211 ASP n 
1 212 LYS n 
1 213 GLU n 
1 214 GLY n 
# 
_entity_src_gen.entity_id                          1 
_entity_src_gen.pdbx_src_id                        1 
_entity_src_gen.pdbx_alt_source_flag               sample 
_entity_src_gen.pdbx_seq_type                      'Biological sequence' 
_entity_src_gen.pdbx_beg_seq_num                   1 
_entity_src_gen.pdbx_end_seq_num                   214 
_entity_src_gen.gene_src_common_name               Human 
_entity_src_gen.gene_src_genus                     ? 
_entity_src_gen.pdbx_gene_src_gene                 'CMPK1, CMK, CMPK, UCK, UMK, UMPK' 
_entity_src_gen.gene_src_species                   ? 
_entity_src_gen.gene_src_strain                    ? 
_entity_src_gen.gene_src_tissue                    ? 
_entity_src_gen.gene_src_tissue_fraction           ? 
_entity_src_gen.gene_src_details                   ? 
_entity_src_gen.pdbx_gene_src_fragment             ? 
_entity_src_gen.pdbx_gene_src_scientific_name      'Homo sapiens' 
_entity_src_gen.pdbx_gene_src_ncbi_taxonomy_id     9606 
_entity_src_gen.pdbx_gene_src_variant              ? 
_entity_src_gen.pdbx_gene_src_cell_line            ? 
_entity_src_gen.pdbx_gene_src_atcc                 ? 
_entity_src_gen.pdbx_gene_src_organ                ? 
_entity_src_gen.pdbx_gene_src_organelle            ? 
_entity_src_gen.pdbx_gene_src_cell                 ? 
_entity_src_gen.pdbx_gene_src_cellular_location    ? 
_entity_src_gen.host_org_common_name               ? 
_entity_src_gen.pdbx_host_org_scientific_name      'Escherichia coli' 
_entity_src_gen.pdbx_host_org_ncbi_taxonomy_id     562 
_entity_src_gen.host_org_genus                     ? 
_entity_src_gen.pdbx_host_org_gene                 ? 
_entity_src_gen.pdbx_host_org_organ                ? 
_entity_src_gen.host_org_species                   ? 
_entity_src_gen.pdbx_host_org_tissue               ? 
_entity_src_gen.pdbx_host_org_tissue_fraction      ? 
_entity_src_gen.pdbx_host_org_strain               ? 
_entity_src_gen.pdbx_host_org_variant              ? 
_entity_src_gen.pdbx_host_org_cell_line            ? 
_entity_src_gen.pdbx_host_org_atcc                 ? 
_entity_src_gen.pdbx_host_org_culture_collection   ? 
_entity_src_gen.pdbx_host_org_cell                 ? 
_entity_src_gen.pdbx_host_org_organelle            ? 
_entity_src_gen.pdbx_host_org_cellular_location    ? 
_entity_src_gen.pdbx_host_org_vector_type          ? 
_entity_src_gen.pdbx_host_org_vector               ? 
_entity_src_gen.host_org_details                   ? 
_entity_src_gen.expression_system_id               ? 
_entity_src_gen.plasmid_name                       ? 
_entity_src_gen.plasmid_details                    ? 
_entity_src_gen.pdbx_description                   ? 
# 
_struct_ref.id                         1 
_struct_ref.db_name                    UNP 
_struct_ref.db_code                    KCY_HUMAN 
_struct_ref.pdbx_db_accession          P30085 
_struct_ref.pdbx_db_isoform            ? 
_struct_ref.entity_id                  1 
_struct_ref.pdbx_seq_one_letter_code   
;MKPLVVFVLGGPGAGKGTQCARIVEKYGYTHLSAGELLRDERKNPDSQYGELIEKYIKEGKIVPVEITISLLKREMDQTM
AANAQKNKFLIDGFPRNQDNLQGWNKTMDGKADVSFVLFFDCNNEICIERCLERGKSSGRSDDNRESLEKRIQTYLQSTK
PIIDLYEEMGKVKKIDASKSVDEVFDEVVQIFDKEG
;
_struct_ref.pdbx_align_begin           1 
# 
_struct_ref_seq.align_id                      1 
_struct_ref_seq.ref_id                        1 
_struct_ref_seq.pdbx_PDB_id_code              7E9V 
_struct_ref_seq.pdbx_strand_id                A 
_struct_ref_seq.seq_align_beg                 19 
_struct_ref_seq.pdbx_seq_align_beg_ins_code   ? 
_struct_ref_seq.seq_align_end                 214 
_struct_ref_seq.pdbx_seq_align_end_ins_code   ? 
_struct_ref_seq.pdbx_db_accession             P30085 
_struct_ref_seq.db_align_beg                  1 
_struct_ref_seq.pdbx_db_align_beg_ins_code    ? 
_struct_ref_seq.db_align_end                  196 
_struct_ref_seq.pdbx_db_align_end_ins_code    ? 
_struct_ref_seq.pdbx_auth_seq_align_beg       1 
_struct_ref_seq.pdbx_auth_seq_align_end       196 
# 
loop_
_struct_ref_seq_dif.align_id 
_struct_ref_seq_dif.pdbx_pdb_id_code 
_struct_ref_seq_dif.mon_id 
_struct_ref_seq_dif.pdbx_pdb_strand_id 
_struct_ref_seq_dif.seq_num 
_struct_ref_seq_dif.pdbx_pdb_ins_code 
_struct_ref_seq_dif.pdbx_seq_db_name 
_struct_ref_seq_dif.pdbx_seq_db_accession_code 
_struct_ref_seq_dif.db_mon_id 
_struct_ref_seq_dif.pdbx_seq_db_seq_num 
_struct_ref_seq_dif.details 
_struct_ref_seq_dif.pdbx_auth_seq_num 
_struct_ref_seq_dif.pdbx_ordinal 
1 7E9V MET A 1  ? UNP P30085 ? ? 'initiating methionine' -17 1  
1 7E9V GLY A 2  ? UNP P30085 ? ? 'expression tag'        -16 2  
1 7E9V SER A 3  ? UNP P30085 ? ? 'expression tag'        -15 3  
1 7E9V SER A 4  ? UNP P30085 ? ? 'expression tag'        -14 4  
1 7E9V HIS A 5  ? UNP P30085 ? ? 'expression tag'        -13 5  
1 7E9V HIS A 6  ? UNP P30085 ? ? 'expression tag'        -12 6  
1 7E9V HIS A 7  ? UNP P30085 ? ? 'expression tag'        -11 7  
1 7E9V HIS A 8  ? UNP P30085 ? ? 'expression tag'        -10 8  
1 7E9V HIS A 9  ? UNP P30085 ? ? 'expression tag'        -9  9  
1 7E9V HIS A 10 ? UNP P30085 ? ? 'expression tag'        -8  10 
1 7E9V GLU A 11 ? UNP P30085 ? ? 'expression tag'        -7  11 
1 7E9V ASN A 12 ? UNP P30085 ? ? 'expression tag'        -6  12 
1 7E9V LEU A 13 ? UNP P30085 ? ? 'expression tag'        -5  13 
1 7E9V TYR A 14 ? UNP P30085 ? ? 'expression tag'        -4  14 
1 7E9V PHE A 15 ? UNP P30085 ? ? 'expression tag'        -3  15 
1 7E9V GLN A 16 ? UNP P30085 ? ? 'expression tag'        -2  16 
1 7E9V GLY A 17 ? UNP P30085 ? ? 'expression tag'        -1  17 
1 7E9V GLY A 18 ? UNP P30085 ? ? 'expression tag'        0   18 
# 
loop_
_chem_comp.id 
_chem_comp.type 
_chem_comp.mon_nstd_flag 
_chem_comp.name 
_chem_comp.pdbx_synonyms 
_chem_comp.formula 
_chem_comp.formula_weight 
ALA 'L-peptide linking' y ALANINE         ? 'C3 H7 N O2'     89.093  
ARG 'L-peptide linking' y ARGININE        ? 'C6 H15 N4 O2 1' 175.209 
ASN 'L-peptide linking' y ASPARAGINE      ? 'C4 H8 N2 O3'    132.118 
ASP 'L-peptide linking' y 'ASPARTIC ACID' ? 'C4 H7 N O4'     133.103 
CYS 'L-peptide linking' y CYSTEINE        ? 'C3 H7 N O2 S'   121.158 
GLN 'L-peptide linking' y GLUTAMINE       ? 'C5 H10 N2 O3'   146.144 
GLU 'L-peptide linking' y 'GLUTAMIC ACID' ? 'C5 H9 N O4'     147.129 
GLY 'peptide linking'   y GLYCINE         ? 'C2 H5 N O2'     75.067  
HIS 'L-peptide linking' y HISTIDINE       ? 'C6 H10 N3 O2 1' 156.162 
HOH non-polymer         . WATER           ? 'H2 O'           18.015  
ILE 'L-peptide linking' y ISOLEUCINE      ? 'C6 H13 N O2'    131.173 
LEU 'L-peptide linking' y LEUCINE         ? 'C6 H13 N O2'    131.173 
LYS 'L-peptide linking' y LYSINE          ? 'C6 H15 N2 O2 1' 147.195 
MET 'L-peptide linking' y METHIONINE      ? 'C5 H11 N O2 S'  149.211 
PHE 'L-peptide linking' y PHENYLALANINE   ? 'C9 H11 N O2'    165.189 
PRO 'L-peptide linking' y PROLINE         ? 'C5 H9 N O2'     115.130 
SER 'L-peptide linking' y SERINE          ? 'C3 H7 N O3'     105.093 
SO4 non-polymer         . 'SULFATE ION'   ? 'O4 S -2'        96.063  
THR 'L-peptide linking' y THREONINE       ? 'C4 H9 N O3'     119.119 
TRP 'L-peptide linking' y TRYPTOPHAN      ? 'C11 H12 N2 O2'  204.225 
TYR 'L-peptide linking' y TYROSINE        ? 'C9 H11 N O3'    181.189 
VAL 'L-peptide linking' y VALINE          ? 'C5 H11 N O2'    117.146 
# 
_exptl.absorpt_coefficient_mu     ? 
_exptl.absorpt_correction_T_max   ? 
_exptl.absorpt_correction_T_min   ? 
_exptl.absorpt_correction_type    ? 
_exptl.absorpt_process_details    ? 
_exptl.entry_id                   7E9V 
_exptl.crystals_number            1 
_exptl.details                    ? 
_exptl.method                     'X-RAY DIFFRACTION' 
_exptl.method_details             ? 
# 
_exptl_crystal.colour                      ? 
_exptl_crystal.density_diffrn              ? 
_exptl_crystal.density_Matthews            2.56 
_exptl_crystal.density_method              ? 
_exptl_crystal.density_percent_sol         56.94 
_exptl_crystal.description                 ? 
_exptl_crystal.F_000                       ? 
_exptl_crystal.id                          1 
_exptl_crystal.preparation                 ? 
_exptl_crystal.size_max                    ? 
_exptl_crystal.size_mid                    ? 
_exptl_crystal.size_min                    ? 
_exptl_crystal.size_rad                    ? 
_exptl_crystal.colour_lustre               ? 
_exptl_crystal.colour_modifier             ? 
_exptl_crystal.colour_primary              ? 
_exptl_crystal.density_meas                ? 
_exptl_crystal.density_meas_esd            ? 
_exptl_crystal.density_meas_gt             ? 
_exptl_crystal.density_meas_lt             ? 
_exptl_crystal.density_meas_temp           ? 
_exptl_crystal.density_meas_temp_esd       ? 
_exptl_crystal.density_meas_temp_gt        ? 
_exptl_crystal.density_meas_temp_lt        ? 
_exptl_crystal.pdbx_crystal_image_url      ? 
_exptl_crystal.pdbx_crystal_image_format   ? 
_exptl_crystal.pdbx_mosaicity              ? 
_exptl_crystal.pdbx_mosaicity_esd          ? 
# 
_exptl_crystal_grow.apparatus       ? 
_exptl_crystal_grow.atmosphere      ? 
_exptl_crystal_grow.crystal_id      1 
_exptl_crystal_grow.details         ? 
_exptl_crystal_grow.method          'VAPOR DIFFUSION, SITTING DROP' 
_exptl_crystal_grow.method_ref      ? 
_exptl_crystal_grow.pH              ? 
_exptl_crystal_grow.pressure        ? 
_exptl_crystal_grow.pressure_esd    ? 
_exptl_crystal_grow.seeding         ? 
_exptl_crystal_grow.seeding_ref     ? 
_exptl_crystal_grow.temp            293 
_exptl_crystal_grow.temp_details    ? 
_exptl_crystal_grow.temp_esd        ? 
_exptl_crystal_grow.time            ? 
_exptl_crystal_grow.pdbx_details    '2.5M  (NH4)2SO4, 0.1M Tris pH8.5' 
_exptl_crystal_grow.pdbx_pH_range   ? 
# 
_diffrn.ambient_environment              ? 
_diffrn.ambient_temp                     100 
_diffrn.ambient_temp_details             ? 
_diffrn.ambient_temp_esd                 ? 
_diffrn.crystal_id                       1 
_diffrn.crystal_support                  ? 
_diffrn.crystal_treatment                ? 
_diffrn.details                          ? 
_diffrn.id                               1 
_diffrn.ambient_pressure                 ? 
_diffrn.ambient_pressure_esd             ? 
_diffrn.ambient_pressure_gt              ? 
_diffrn.ambient_pressure_lt              ? 
_diffrn.ambient_temp_gt                  ? 
_diffrn.ambient_temp_lt                  ? 
_diffrn.pdbx_serial_crystal_experiment   N 
# 
_diffrn_detector.details                      ? 
_diffrn_detector.detector                     PIXEL 
_diffrn_detector.diffrn_id                    1 
_diffrn_detector.type                         'DECTRIS PILATUS3 S 6M' 
_diffrn_detector.area_resol_mean              ? 
_diffrn_detector.dtime                        ? 
_diffrn_detector.pdbx_frames_total            ? 
_diffrn_detector.pdbx_collection_time_total   ? 
_diffrn_detector.pdbx_collection_date         2020-08-27 
_diffrn_detector.pdbx_frequency               ? 
# 
_diffrn_radiation.collimation                      ? 
_diffrn_radiation.diffrn_id                        1 
_diffrn_radiation.filter_edge                      ? 
_diffrn_radiation.inhomogeneity                    ? 
_diffrn_radiation.monochromator                    ? 
_diffrn_radiation.polarisn_norm                    ? 
_diffrn_radiation.polarisn_ratio                   ? 
_diffrn_radiation.probe                            ? 
_diffrn_radiation.type                             ? 
_diffrn_radiation.xray_symbol                      ? 
_diffrn_radiation.wavelength_id                    1 
_diffrn_radiation.pdbx_monochromatic_or_laue_m_l   M 
_diffrn_radiation.pdbx_wavelength_list             ? 
_diffrn_radiation.pdbx_wavelength                  ? 
_diffrn_radiation.pdbx_diffrn_protocol             'SINGLE WAVELENGTH' 
_diffrn_radiation.pdbx_analyzer                    ? 
_diffrn_radiation.pdbx_scattering_type             x-ray 
# 
_diffrn_radiation_wavelength.id           1 
_diffrn_radiation_wavelength.wavelength   0.97949 
_diffrn_radiation_wavelength.wt           1.0 
# 
_diffrn_source.current                     ? 
_diffrn_source.details                     ? 
_diffrn_source.diffrn_id                   1 
_diffrn_source.power                       ? 
_diffrn_source.size                        ? 
_diffrn_source.source                      SYNCHROTRON 
_diffrn_source.target                      ? 
_diffrn_source.type                        'CLSI BEAMLINE 08ID-1' 
_diffrn_source.voltage                     ? 
_diffrn_source.take-off_angle              ? 
_diffrn_source.pdbx_wavelength_list        0.97949 
_diffrn_source.pdbx_wavelength             ? 
_diffrn_source.pdbx_synchrotron_beamline   08ID-1 
_diffrn_source.pdbx_synchrotron_site       CLSI 
# 
_reflns.B_iso_Wilson_estimate            ? 
_reflns.entry_id                         7E9V 
_reflns.data_reduction_details           ? 
_reflns.data_reduction_method            ? 
_reflns.d_resolution_high                2.10 
_reflns.d_resolution_low                 48.473 
_reflns.details                          ? 
_reflns.limit_h_max                      ? 
_reflns.limit_h_min                      ? 
_reflns.limit_k_max                      ? 
_reflns.limit_k_min                      ? 
_reflns.limit_l_max                      ? 
_reflns.limit_l_min                      ? 
_reflns.number_all                       ? 
_reflns.number_obs                       15960 
_reflns.observed_criterion               ? 
_reflns.observed_criterion_F_max         ? 
_reflns.observed_criterion_F_min         ? 
_reflns.observed_criterion_I_max         ? 
_reflns.observed_criterion_I_min         ? 
_reflns.observed_criterion_sigma_F       ? 
_reflns.observed_criterion_sigma_I       ? 
_reflns.percent_possible_obs             100.0 
_reflns.R_free_details                   ? 
_reflns.Rmerge_F_all                     ? 
_reflns.Rmerge_F_obs                     ? 
_reflns.Friedel_coverage                 ? 
_reflns.number_gt                        ? 
_reflns.threshold_expression             ? 
_reflns.pdbx_redundancy                  18.1 
_reflns.pdbx_Rmerge_I_obs                0.075 
_reflns.pdbx_Rmerge_I_all                ? 
_reflns.pdbx_Rsym_value                  ? 
_reflns.pdbx_netI_over_av_sigmaI         ? 
_reflns.pdbx_netI_over_sigmaI            24.0 
_reflns.pdbx_res_netI_over_av_sigmaI_2   ? 
_reflns.pdbx_res_netI_over_sigmaI_2      ? 
_reflns.pdbx_chi_squared                 ? 
_reflns.pdbx_scaling_rejects             ? 
_reflns.pdbx_d_res_high_opt              ? 
_reflns.pdbx_d_res_low_opt               ? 
_reflns.pdbx_d_res_opt_method            ? 
_reflns.phase_calculation_details        ? 
_reflns.pdbx_Rrim_I_all                  ? 
_reflns.pdbx_Rpim_I_all                  ? 
_reflns.pdbx_d_opt                       ? 
_reflns.pdbx_number_measured_all         ? 
_reflns.pdbx_diffrn_id                   1 
_reflns.pdbx_ordinal                     1 
_reflns.pdbx_CC_half                     ? 
_reflns.pdbx_CC_star                     ? 
_reflns.pdbx_R_split                     ? 
# 
_reflns_shell.d_res_high                  2.10 
_reflns_shell.d_res_low                   2.16 
_reflns_shell.meanI_over_sigI_all         ? 
_reflns_shell.meanI_over_sigI_obs         ? 
_reflns_shell.number_measured_all         ? 
_reflns_shell.number_measured_obs         ? 
_reflns_shell.number_possible             ? 
_reflns_shell.number_unique_all           ? 
_reflns_shell.number_unique_obs           1267 
_reflns_shell.percent_possible_all        ? 
_reflns_shell.percent_possible_obs        ? 
_reflns_shell.Rmerge_F_all                ? 
_reflns_shell.Rmerge_F_obs                ? 
_reflns_shell.Rmerge_I_all                ? 
_reflns_shell.Rmerge_I_obs                0.937 
_reflns_shell.meanI_over_sigI_gt          ? 
_reflns_shell.meanI_over_uI_all           ? 
_reflns_shell.meanI_over_uI_gt            ? 
_reflns_shell.number_measured_gt          ? 
_reflns_shell.number_unique_gt            ? 
_reflns_shell.percent_possible_gt         ? 
_reflns_shell.Rmerge_F_gt                 ? 
_reflns_shell.Rmerge_I_gt                 ? 
_reflns_shell.pdbx_redundancy             ? 
_reflns_shell.pdbx_Rsym_value             ? 
_reflns_shell.pdbx_chi_squared            ? 
_reflns_shell.pdbx_netI_over_sigmaI_all   ? 
_reflns_shell.pdbx_netI_over_sigmaI_obs   ? 
_reflns_shell.pdbx_Rrim_I_all             ? 
_reflns_shell.pdbx_Rpim_I_all             ? 
_reflns_shell.pdbx_rejects                ? 
_reflns_shell.pdbx_ordinal                1 
_reflns_shell.pdbx_diffrn_id              1 
_reflns_shell.pdbx_CC_half                ? 
_reflns_shell.pdbx_CC_star                ? 
_reflns_shell.pdbx_R_split                ? 
# 
_refine.aniso_B[1][1]                            1.072 
_refine.aniso_B[1][2]                            0.536 
_refine.aniso_B[1][3]                            0.000 
_refine.aniso_B[2][2]                            1.072 
_refine.aniso_B[2][3]                            0.000 
_refine.aniso_B[3][3]                            -3.478 
_refine.B_iso_max                                ? 
_refine.B_iso_mean                               48.109 
_refine.B_iso_min                                ? 
_refine.correlation_coeff_Fo_to_Fc               0.959 
_refine.correlation_coeff_Fo_to_Fc_free          0.938 
_refine.details                                  'Hydrogens have been added in their riding positions' 
_refine.diff_density_max                         ? 
_refine.diff_density_max_esd                     ? 
_refine.diff_density_min                         ? 
_refine.diff_density_min_esd                     ? 
_refine.diff_density_rms                         ? 
_refine.diff_density_rms_esd                     ? 
_refine.entry_id                                 7E9V 
_refine.pdbx_refine_id                           'X-RAY DIFFRACTION' 
_refine.ls_abs_structure_details                 ? 
_refine.ls_abs_structure_Flack                   ? 
_refine.ls_abs_structure_Flack_esd               ? 
_refine.ls_abs_structure_Rogers                  ? 
_refine.ls_abs_structure_Rogers_esd              ? 
_refine.ls_d_res_high                            2.100 
_refine.ls_d_res_low                             48.473 
_refine.ls_extinction_coef                       ? 
_refine.ls_extinction_coef_esd                   ? 
_refine.ls_extinction_expression                 ? 
_refine.ls_extinction_method                     ? 
_refine.ls_goodness_of_fit_all                   ? 
_refine.ls_goodness_of_fit_all_esd               ? 
_refine.ls_goodness_of_fit_obs                   ? 
_refine.ls_goodness_of_fit_obs_esd               ? 
_refine.ls_hydrogen_treatment                    ? 
_refine.ls_matrix_type                           ? 
_refine.ls_number_constraints                    ? 
_refine.ls_number_parameters                     ? 
_refine.ls_number_reflns_all                     ? 
_refine.ls_number_reflns_obs                     15874 
_refine.ls_number_reflns_R_free                  818 
_refine.ls_number_reflns_R_work                  15056 
_refine.ls_number_restraints                     ? 
_refine.ls_percent_reflns_obs                    99.987 
_refine.ls_percent_reflns_R_free                 5.153 
_refine.ls_R_factor_all                          0.207 
_refine.ls_R_factor_obs                          ? 
_refine.ls_R_factor_R_free                       0.2497 
_refine.ls_R_factor_R_free_error                 ? 
_refine.ls_R_factor_R_free_error_details         ? 
_refine.ls_R_factor_R_work                       0.2050 
_refine.ls_R_Fsqd_factor_obs                     ? 
_refine.ls_R_I_factor_obs                        ? 
_refine.ls_redundancy_reflns_all                 ? 
_refine.ls_redundancy_reflns_obs                 ? 
_refine.ls_restrained_S_all                      ? 
_refine.ls_restrained_S_obs                      ? 
_refine.ls_shift_over_esd_max                    ? 
_refine.ls_shift_over_esd_mean                   ? 
_refine.ls_structure_factor_coef                 ? 
_refine.ls_weighting_details                     ? 
_refine.ls_weighting_scheme                      ? 
_refine.ls_wR_factor_all                         ? 
_refine.ls_wR_factor_obs                         ? 
_refine.ls_wR_factor_R_free                      ? 
_refine.ls_wR_factor_R_work                      ? 
_refine.occupancy_max                            ? 
_refine.occupancy_min                            ? 
_refine.solvent_model_details                    'MASK BULK SOLVENT' 
_refine.solvent_model_param_bsol                 ? 
_refine.solvent_model_param_ksol                 ? 
_refine.pdbx_R_complete                          ? 
_refine.ls_R_factor_gt                           ? 
_refine.ls_goodness_of_fit_gt                    ? 
_refine.ls_goodness_of_fit_ref                   ? 
_refine.ls_shift_over_su_max                     ? 
_refine.ls_shift_over_su_max_lt                  ? 
_refine.ls_shift_over_su_mean                    ? 
_refine.ls_shift_over_su_mean_lt                 ? 
_refine.pdbx_ls_sigma_I                          ? 
_refine.pdbx_ls_sigma_F                          ? 
_refine.pdbx_ls_sigma_Fsqd                       ? 
_refine.pdbx_data_cutoff_high_absF               ? 
_refine.pdbx_data_cutoff_high_rms_absF           ? 
_refine.pdbx_data_cutoff_low_absF                ? 
_refine.pdbx_isotropic_thermal_model             ? 
_refine.pdbx_ls_cross_valid_method               'FREE R-VALUE' 
_refine.pdbx_method_to_determine_struct          'MOLECULAR REPLACEMENT' 
_refine.pdbx_starting_model                      1TEV 
_refine.pdbx_stereochemistry_target_values       ? 
_refine.pdbx_R_Free_selection_details            ? 
_refine.pdbx_stereochem_target_val_spec_case     ? 
_refine.pdbx_overall_ESU_R                       0.185 
_refine.pdbx_overall_ESU_R_Free                  0.172 
_refine.pdbx_solvent_vdw_probe_radii             1.200 
_refine.pdbx_solvent_ion_probe_radii             0.800 
_refine.pdbx_solvent_shrinkage_radii             0.800 
_refine.pdbx_real_space_R                        ? 
_refine.pdbx_density_correlation                 ? 
_refine.pdbx_pd_number_of_powder_patterns        ? 
_refine.pdbx_pd_number_of_points                 ? 
_refine.pdbx_pd_meas_number_of_points            ? 
_refine.pdbx_pd_proc_ls_prof_R_factor            ? 
_refine.pdbx_pd_proc_ls_prof_wR_factor           ? 
_refine.pdbx_pd_Marquardt_correlation_coeff      ? 
_refine.pdbx_pd_Fsqrd_R_factor                   ? 
_refine.pdbx_pd_ls_matrix_band_width             ? 
_refine.pdbx_overall_phase_error                 ? 
_refine.pdbx_overall_SU_R_free_Cruickshank_DPI   ? 
_refine.pdbx_overall_SU_R_free_Blow_DPI          ? 
_refine.pdbx_overall_SU_R_Blow_DPI               ? 
_refine.pdbx_TLS_residual_ADP_flag               ? 
_refine.pdbx_diffrn_id                           1 
_refine.overall_SU_B                             5.099 
_refine.overall_SU_ML                            0.133 
_refine.overall_SU_R_Cruickshank_DPI             ? 
_refine.overall_SU_R_free                        ? 
_refine.overall_FOM_free_R_set                   ? 
_refine.overall_FOM_work_R_set                   ? 
_refine.pdbx_average_fsc_overall                 ? 
_refine.pdbx_average_fsc_work                    ? 
_refine.pdbx_average_fsc_free                    ? 
# 
_refine_hist.pdbx_refine_id                   'X-RAY DIFFRACTION' 
_refine_hist.cycle_id                         LAST 
_refine_hist.details                          ? 
_refine_hist.d_res_high                       2.100 
_refine_hist.d_res_low                        48.473 
_refine_hist.number_atoms_solvent             32 
_refine_hist.number_atoms_total               1565 
_refine_hist.number_reflns_all                ? 
_refine_hist.number_reflns_obs                ? 
_refine_hist.number_reflns_R_free             ? 
_refine_hist.number_reflns_R_work             ? 
_refine_hist.R_factor_all                     ? 
_refine_hist.R_factor_obs                     ? 
_refine_hist.R_factor_R_free                  ? 
_refine_hist.R_factor_R_work                  ? 
_refine_hist.pdbx_number_residues_total       ? 
_refine_hist.pdbx_B_iso_mean_ligand           ? 
_refine_hist.pdbx_B_iso_mean_solvent          ? 
_refine_hist.pdbx_number_atoms_protein        1528 
_refine_hist.pdbx_number_atoms_nucleic_acid   0 
_refine_hist.pdbx_number_atoms_ligand         5 
_refine_hist.pdbx_number_atoms_lipid          ? 
_refine_hist.pdbx_number_atoms_carb           ? 
_refine_hist.pdbx_pseudo_atom_details         ? 
# 
loop_
_refine_ls_restr.pdbx_refine_id 
_refine_ls_restr.criterion 
_refine_ls_restr.dev_ideal 
_refine_ls_restr.dev_ideal_target 
_refine_ls_restr.number 
_refine_ls_restr.rejects 
_refine_ls_restr.type 
_refine_ls_restr.weight 
_refine_ls_restr.pdbx_restraint_function 
'X-RAY DIFFRACTION' ? 0.009  0.013  1553 ? r_bond_refined_d               ? ? 
'X-RAY DIFFRACTION' ? 0.001  0.017  1477 ? r_bond_other_d                 ? ? 
'X-RAY DIFFRACTION' ? 1.636  1.646  2081 ? r_angle_refined_deg            ? ? 
'X-RAY DIFFRACTION' ? 1.401  1.591  3448 ? r_angle_other_deg              ? ? 
'X-RAY DIFFRACTION' ? 6.073  5.000  190  ? r_dihedral_angle_1_deg         ? ? 
'X-RAY DIFFRACTION' ? 34.577 23.810 84   ? r_dihedral_angle_2_deg         ? ? 
'X-RAY DIFFRACTION' ? 17.218 15.000 307  ? r_dihedral_angle_3_deg         ? ? 
'X-RAY DIFFRACTION' ? 18.241 15.000 9    ? r_dihedral_angle_4_deg         ? ? 
'X-RAY DIFFRACTION' ? 0.078  0.200  198  ? r_chiral_restr                 ? ? 
'X-RAY DIFFRACTION' ? 0.008  0.020  1710 ? r_gen_planes_refined           ? ? 
'X-RAY DIFFRACTION' ? 0.001  0.020  301  ? r_gen_planes_other             ? ? 
'X-RAY DIFFRACTION' ? 0.221  0.200  309  ? r_nbd_refined                  ? ? 
'X-RAY DIFFRACTION' ? 0.175  0.200  1319 ? r_symmetry_nbd_other           ? ? 
'X-RAY DIFFRACTION' ? 0.168  0.200  752  ? r_nbtor_refined                ? ? 
'X-RAY DIFFRACTION' ? 0.082  0.200  750  ? r_symmetry_nbtor_other         ? ? 
'X-RAY DIFFRACTION' ? 0.109  0.200  39   ? r_xyhbond_nbd_refined          ? ? 
'X-RAY DIFFRACTION' ? 0.270  0.200  10   ? r_symmetry_nbd_refined         ? ? 
'X-RAY DIFFRACTION' ? 0.175  0.200  47   ? r_nbd_other                    ? ? 
'X-RAY DIFFRACTION' ? 0.216  0.200  3    ? r_symmetry_xyhbond_nbd_refined ? ? 
'X-RAY DIFFRACTION' ? 3.973  4.760  766  ? r_mcbond_it                    ? ? 
'X-RAY DIFFRACTION' ? 3.968  4.755  764  ? r_mcbond_other                 ? ? 
'X-RAY DIFFRACTION' ? 5.071  7.108  954  ? r_mcangle_it                   ? ? 
'X-RAY DIFFRACTION' ? 5.069  7.108  954  ? r_mcangle_other                ? ? 
'X-RAY DIFFRACTION' ? 5.315  5.392  787  ? r_scbond_it                    ? ? 
'X-RAY DIFFRACTION' ? 5.314  5.399  784  ? r_scbond_other                 ? ? 
'X-RAY DIFFRACTION' ? 7.904  7.805  1127 ? r_scangle_it                   ? ? 
'X-RAY DIFFRACTION' ? 7.913  7.815  1122 ? r_scangle_other                ? ? 
'X-RAY DIFFRACTION' ? 8.935  55.597 1700 ? r_lrange_it                    ? ? 
'X-RAY DIFFRACTION' ? 8.900  55.482 1697 ? r_lrange_other                 ? ? 
# 
loop_
_refine_ls_shell.pdbx_refine_id 
_refine_ls_shell.d_res_high 
_refine_ls_shell.d_res_low 
_refine_ls_shell.number_reflns_all 
_refine_ls_shell.number_reflns_obs 
_refine_ls_shell.number_reflns_R_free 
_refine_ls_shell.number_reflns_R_work 
_refine_ls_shell.percent_reflns_obs 
_refine_ls_shell.percent_reflns_R_free 
_refine_ls_shell.R_factor_all 
_refine_ls_shell.R_factor_obs 
_refine_ls_shell.R_factor_R_free 
_refine_ls_shell.R_factor_R_free_error 
_refine_ls_shell.R_factor_R_work 
_refine_ls_shell.redundancy_reflns_all 
_refine_ls_shell.redundancy_reflns_obs 
_refine_ls_shell.wR_factor_all 
_refine_ls_shell.wR_factor_obs 
_refine_ls_shell.wR_factor_R_free 
_refine_ls_shell.wR_factor_R_work 
_refine_ls_shell.pdbx_R_complete 
_refine_ls_shell.pdbx_total_number_of_bins_used 
_refine_ls_shell.pdbx_phase_error 
_refine_ls_shell.pdbx_fsc_work 
_refine_ls_shell.pdbx_fsc_free 
'X-RAY DIFFRACTION' 2.100 2.155  . . 71 1065 100.0000 . . . 0.323 . 0.253 . . . . . . . . . . . 
'X-RAY DIFFRACTION' 2.155 2.213  . . 55 1068 100.0000 . . . 0.283 . 0.244 . . . . . . . . . . . 
'X-RAY DIFFRACTION' 2.213 2.278  . . 54 1006 100.0000 . . . 0.403 . 0.254 . . . . . . . . . . . 
'X-RAY DIFFRACTION' 2.278 2.347  . . 58 993  100.0000 . . . 0.307 . 0.240 . . . . . . . . . . . 
'X-RAY DIFFRACTION' 2.347 2.424  . . 51 969  100.0000 . . . 0.262 . 0.210 . . . . . . . . . . . 
'X-RAY DIFFRACTION' 2.424 2.509  . . 42 942  100.0000 . . . 0.235 . 0.213 . . . . . . . . . . . 
'X-RAY DIFFRACTION' 2.509 2.604  . . 40 928  100.0000 . . . 0.249 . 0.222 . . . . . . . . . . . 
'X-RAY DIFFRACTION' 2.604 2.710  . . 41 874  100.0000 . . . 0.314 . 0.215 . . . . . . . . . . . 
'X-RAY DIFFRACTION' 2.710 2.830  . . 52 846  100.0000 . . . 0.258 . 0.208 . . . . . . . . . . . 
'X-RAY DIFFRACTION' 2.830 2.968  . . 44 810  100.0000 . . . 0.272 . 0.208 . . . . . . . . . . . 
'X-RAY DIFFRACTION' 2.968 3.128  . . 26 790  100.0000 . . . 0.362 . 0.242 . . . . . . . . . . . 
'X-RAY DIFFRACTION' 3.128 3.317  . . 51 715  100.0000 . . . 0.285 . 0.241 . . . . . . . . . . . 
'X-RAY DIFFRACTION' 3.317 3.545  . . 39 697  100.0000 . . . 0.293 . 0.236 . . . . . . . . . . . 
'X-RAY DIFFRACTION' 3.545 3.827  . . 36 663  100.0000 . . . 0.234 . 0.208 . . . . . . . . . . . 
'X-RAY DIFFRACTION' 3.827 4.190  . . 35 604  100.0000 . . . 0.189 . 0.171 . . . . . . . . . . . 
'X-RAY DIFFRACTION' 4.190 4.682  . . 36 556  100.0000 . . . 0.215 . 0.163 . . . . . . . . . . . 
'X-RAY DIFFRACTION' 4.682 5.399  . . 25 504  100.0000 . . . 0.238 . 0.186 . . . . . . . . . . . 
'X-RAY DIFFRACTION' 5.399 6.596  . . 19 446  100.0000 . . . 0.189 . 0.189 . . . . . . . . . . . 
'X-RAY DIFFRACTION' 6.596 9.258  . . 24 352  100.0000 . . . 0.217 . 0.168 . . . . . . . . . . . 
'X-RAY DIFFRACTION' 9.258 48.473 . . 19 228  99.1968  . . . 0.199 . 0.175 . . . . . . . . . . . 
# 
_struct.entry_id                     7E9V 
_struct.title                        'The Crystal Structure of human UMP-CMP kinase from Biortus.' 
_struct.pdbx_model_details           ? 
_struct.pdbx_formula_weight          ? 
_struct.pdbx_formula_weight_method   ? 
_struct.pdbx_model_type_details      ? 
_struct.pdbx_CASP_flag               N 
# 
_struct_keywords.entry_id        7E9V 
_struct_keywords.text            
'catalytic activity, cytidylate kinase activity, kinase activity, transferase activity, TRANSFERASE' 
_struct_keywords.pdbx_keywords   TRANSFERASE 
# 
loop_
_struct_asym.id 
_struct_asym.pdbx_blank_PDB_chainid_flag 
_struct_asym.pdbx_modified 
_struct_asym.entity_id 
_struct_asym.details 
A N N 1 ? 
B N N 2 ? 
C N N 3 ? 
# 
loop_
_struct_conf.conf_type_id 
_struct_conf.id 
_struct_conf.pdbx_PDB_helix_id 
_struct_conf.beg_label_comp_id 
_struct_conf.beg_label_asym_id 
_struct_conf.beg_label_seq_id 
_struct_conf.pdbx_beg_PDB_ins_code 
_struct_conf.end_label_comp_id 
_struct_conf.end_label_asym_id 
_struct_conf.end_label_seq_id 
_struct_conf.pdbx_end_PDB_ins_code 
_struct_conf.beg_auth_comp_id 
_struct_conf.beg_auth_asym_id 
_struct_conf.beg_auth_seq_id 
_struct_conf.end_auth_comp_id 
_struct_conf.end_auth_asym_id 
_struct_conf.end_auth_seq_id 
_struct_conf.pdbx_PDB_helix_class 
_struct_conf.details 
_struct_conf.pdbx_PDB_helix_length 
HELX_P HELX_P1 AA1 GLY A 33  ? GLY A 46  ? GLY A 15  GLY A 28  1 ? 14 
HELX_P HELX_P2 AA2 ALA A 52  ? ASN A 62  ? ALA A 34  ASN A 44  1 ? 11 
HELX_P HELX_P3 AA3 TYR A 67  ? GLY A 78  ? TYR A 49  GLY A 60  1 ? 12 
HELX_P HELX_P4 AA4 PRO A 82  ? ASN A 101 ? PRO A 64  ASN A 83  1 ? 20 
HELX_P HELX_P5 AA5 ASN A 115 ? ASP A 127 ? ASN A 97  ASP A 109 1 ? 13 
HELX_P HELX_P6 AA6 ASN A 141 ? SER A 156 ? ASN A 123 SER A 138 1 ? 16 
HELX_P HELX_P7 AA7 ASN A 162 ? MET A 187 ? ASN A 144 MET A 169 1 ? 26 
HELX_P HELX_P8 AA8 SER A 198 ? GLU A 213 ? SER A 180 GLU A 195 1 ? 16 
# 
_struct_conf_type.id          HELX_P 
_struct_conf_type.criteria    ? 
_struct_conf_type.reference   ? 
# 
_struct_mon_prot_cis.pdbx_id                1 
_struct_mon_prot_cis.label_comp_id          PHE 
_struct_mon_prot_cis.label_seq_id           112 
_struct_mon_prot_cis.label_asym_id          A 
_struct_mon_prot_cis.label_alt_id           . 
_struct_mon_prot_cis.pdbx_PDB_ins_code      ? 
_struct_mon_prot_cis.auth_comp_id           PHE 
_struct_mon_prot_cis.auth_seq_id            94 
_struct_mon_prot_cis.auth_asym_id           A 
_struct_mon_prot_cis.pdbx_label_comp_id_2   PRO 
_struct_mon_prot_cis.pdbx_label_seq_id_2    113 
_struct_mon_prot_cis.pdbx_label_asym_id_2   A 
_struct_mon_prot_cis.pdbx_PDB_ins_code_2    ? 
_struct_mon_prot_cis.pdbx_auth_comp_id_2    PRO 
_struct_mon_prot_cis.pdbx_auth_seq_id_2     95 
_struct_mon_prot_cis.pdbx_auth_asym_id_2    A 
_struct_mon_prot_cis.pdbx_PDB_model_num     1 
_struct_mon_prot_cis.pdbx_omega_angle       -5.05 
# 
_struct_sheet.id               AA1 
_struct_sheet.type             ? 
_struct_sheet.number_strands   5 
_struct_sheet.details          ? 
# 
loop_
_struct_sheet_order.sheet_id 
_struct_sheet_order.range_id_1 
_struct_sheet_order.range_id_2 
_struct_sheet_order.offset 
_struct_sheet_order.sense 
AA1 1 2 ? parallel 
AA1 2 3 ? parallel 
AA1 3 4 ? parallel 
AA1 4 5 ? parallel 
# 
loop_
_struct_sheet_range.sheet_id 
_struct_sheet_range.id 
_struct_sheet_range.beg_label_comp_id 
_struct_sheet_range.beg_label_asym_id 
_struct_sheet_range.beg_label_seq_id 
_struct_sheet_range.pdbx_beg_PDB_ins_code 
_struct_sheet_range.end_label_comp_id 
_struct_sheet_range.end_label_asym_id 
_struct_sheet_range.end_label_seq_id 
_struct_sheet_range.pdbx_end_PDB_ins_code 
_struct_sheet_range.beg_auth_comp_id 
_struct_sheet_range.beg_auth_asym_id 
_struct_sheet_range.beg_auth_seq_id 
_struct_sheet_range.end_auth_comp_id 
_struct_sheet_range.end_auth_asym_id 
_struct_sheet_range.end_auth_seq_id 
AA1 1 THR A 48  ? SER A 51  ? THR A 30  SER A 33  
AA1 2 LYS A 106 ? ASP A 110 ? LYS A 88  ASP A 92  
AA1 3 LEU A 22  ? LEU A 27  ? LEU A 4   LEU A 9   
AA1 4 ASP A 131 ? ASP A 139 ? ASP A 113 ASP A 121 
AA1 5 VAL A 190 ? ASP A 194 ? VAL A 172 ASP A 176 
# 
loop_
_pdbx_struct_sheet_hbond.sheet_id 
_pdbx_struct_sheet_hbond.range_id_1 
_pdbx_struct_sheet_hbond.range_id_2 
_pdbx_struct_sheet_hbond.range_1_label_atom_id 
_pdbx_struct_sheet_hbond.range_1_label_comp_id 
_pdbx_struct_sheet_hbond.range_1_label_asym_id 
_pdbx_struct_sheet_hbond.range_1_label_seq_id 
_pdbx_struct_sheet_hbond.range_1_PDB_ins_code 
_pdbx_struct_sheet_hbond.range_1_auth_atom_id 
_pdbx_struct_sheet_hbond.range_1_auth_comp_id 
_pdbx_struct_sheet_hbond.range_1_auth_asym_id 
_pdbx_struct_sheet_hbond.range_1_auth_seq_id 
_pdbx_struct_sheet_hbond.range_2_label_atom_id 
_pdbx_struct_sheet_hbond.range_2_label_comp_id 
_pdbx_struct_sheet_hbond.range_2_label_asym_id 
_pdbx_struct_sheet_hbond.range_2_label_seq_id 
_pdbx_struct_sheet_hbond.range_2_PDB_ins_code 
_pdbx_struct_sheet_hbond.range_2_auth_atom_id 
_pdbx_struct_sheet_hbond.range_2_auth_comp_id 
_pdbx_struct_sheet_hbond.range_2_auth_asym_id 
_pdbx_struct_sheet_hbond.range_2_auth_seq_id 
AA1 1 2 N LEU A 50  ? N LEU A 32  O LEU A 108 ? O LEU A 90  
AA1 2 3 O ILE A 109 ? O ILE A 91  N VAL A 26  ? N VAL A 8   
AA1 3 4 N LEU A 27  ? N LEU A 9   O LEU A 136 ? O LEU A 118 
AA1 4 5 N PHE A 137 ? N PHE A 119 O ILE A 193 ? O ILE A 175 
# 
_atom_sites.entry_id                    7E9V 
_atom_sites.Cartn_transf_matrix[1][1]   ? 
_atom_sites.Cartn_transf_matrix[1][2]   ? 
_atom_sites.Cartn_transf_matrix[1][3]   ? 
_atom_sites.Cartn_transf_matrix[2][1]   ? 
_atom_sites.Cartn_transf_matrix[2][2]   ? 
_atom_sites.Cartn_transf_matrix[2][3]   ? 
_atom_sites.Cartn_transf_matrix[3][1]   ? 
_atom_sites.Cartn_transf_matrix[3][2]   ? 
_atom_sites.Cartn_transf_matrix[3][3]   ? 
_atom_sites.Cartn_transf_vector[1]      ? 
_atom_sites.Cartn_transf_vector[2]      ? 
_atom_sites.Cartn_transf_vector[3]      ? 
_atom_sites.fract_transf_matrix[1][1]   -0.01249945 
_atom_sites.fract_transf_matrix[1][2]   0.01156343 
_atom_sites.fract_transf_matrix[1][3]   0.00759783 
_atom_sites.fract_transf_matrix[2][1]   -0.01324513 
_atom_sites.fract_transf_matrix[2][2]   -0.00669915 
_atom_sites.fract_transf_matrix[2][3]   0.01128545 
_atom_sites.fract_transf_matrix[3][1]   0.00267311 
_atom_sites.fract_transf_matrix[3][2]   0.00059575 
_atom_sites.fract_transf_matrix[3][3]   0.00349093 
_atom_sites.fract_transf_vector[1]      0.997429 
_atom_sites.fract_transf_vector[2]      0.429465 
_atom_sites.fract_transf_vector[3]      0.074177 
_atom_sites.solution_primary            ? 
_atom_sites.solution_secondary          ? 
_atom_sites.solution_hydrogens          ? 
_atom_sites.special_details             ? 
# 
loop_
_atom_type.symbol 
_atom_type.pdbx_scat_Z 
_atom_type.pdbx_N_electrons 
_atom_type.scat_Cromer_Mann_a1 
_atom_type.scat_Cromer_Mann_b1 
_atom_type.scat_Cromer_Mann_a2 
_atom_type.scat_Cromer_Mann_b2 
_atom_type.scat_Cromer_Mann_a3 
_atom_type.scat_Cromer_Mann_b3 
_atom_type.scat_Cromer_Mann_a4 
_atom_type.scat_Cromer_Mann_b4 
_atom_type.scat_Cromer_Mann_c 
C 6  6  2.310  20.844 1.020 10.208 1.589 0.569  0.865 51.651 0.216   
H 1  1  0.493  10.511 0.323 26.126 0.140 3.142  0.041 57.800 0.003   
N 7  7  12.222 0.006  3.135 9.893  2.014 28.997 1.167 0.583  -11.538 
O 8  8  3.049  13.277 2.287 5.701  1.546 0.324  0.867 32.909 0.251   
S 16 16 6.905  1.468  5.203 22.215 1.438 0.254  1.586 56.172 1.103   
# 
loop_
_atom_site.group_PDB 
_atom_site.id 
_atom_site.type_symbol 
_atom_site.label_atom_id 
_atom_site.label_alt_id 
_atom_site.label_comp_id 
_atom_site.label_asym_id 
_atom_site.label_entity_id 
_atom_site.label_seq_id 
_atom_site.pdbx_PDB_ins_code 
_atom_site.Cartn_x 
_atom_site.Cartn_y 
_atom_site.Cartn_z 
_atom_site.occupancy 
_atom_site.B_iso_or_equiv 
_atom_site.pdbx_formal_charge 
_atom_site.auth_seq_id 
_atom_site.auth_comp_id 
_atom_site.auth_asym_id 
_atom_site.auth_atom_id 
_atom_site.pdbx_PDB_model_num 
_atom_site.calc_flag 
ATOM   1    N N   . MET A 1 19  ? -5.647  22.219  3.827   1.000 86.230  ? 1   MET A N   1 ? 
ATOM   2    C CA  . MET A 1 19  ? -4.344  21.555  3.541   1.000 90.811  ? 1   MET A CA  1 ? 
ATOM   3    C C   . MET A 1 19  ? -4.127  20.395  4.538   1.000 91.998  ? 1   MET A C   1 ? 
ATOM   4    O O   . MET A 1 19  ? -3.178  20.469  5.347   1.000 99.337  ? 1   MET A O   1 ? 
ATOM   5    C CB  . MET A 1 19  ? -3.212  22.588  3.634   1.000 98.643  ? 1   MET A CB  1 ? 
ATOM   6    C CG  . MET A 1 19  ? -1.892  22.136  3.016   1.000 104.821 ? 1   MET A CG  1 ? 
ATOM   7    S SD  . MET A 1 19  ? -0.465  23.153  3.512   1.000 114.281 ? 1   MET A SD  1 ? 
ATOM   8    C CE  . MET A 1 19  ? 0.910   22.206  2.857   1.000 103.335 ? 1   MET A CE  1 ? 
ATOM   9    N N   . LYS A 1 20  ? -4.986  19.365  4.502   1.000 88.353  ? 2   LYS A N   1 ? 
ATOM   10   C CA  . LYS A 1 20  ? -4.859  18.120  5.319   1.000 82.115  ? 2   LYS A CA  1 ? 
ATOM   11   C C   . LYS A 1 20  ? -4.774  16.900  4.402   1.000 62.899  ? 2   LYS A C   1 ? 
ATOM   12   O O   . LYS A 1 20  ? -5.615  16.713  3.527   1.000 60.364  ? 2   LYS A O   1 ? 
ATOM   13   C CB  . LYS A 1 20  ? -6.039  17.946  6.276   1.000 86.651  ? 2   LYS A CB  1 ? 
ATOM   14   C CG  . LYS A 1 20  ? -5.714  17.097  7.496   1.000 85.674  ? 2   LYS A CG  1 ? 
ATOM   15   C CD  . LYS A 1 20  ? -6.898  16.353  8.054   1.000 81.474  ? 2   LYS A CD  1 ? 
ATOM   16   C CE  . LYS A 1 20  ? -6.971  16.443  9.561   1.000 79.177  ? 2   LYS A CE  1 ? 
ATOM   17   N NZ  . LYS A 1 20  ? -7.832  15.380  10.122  1.000 78.883  ? 2   LYS A NZ  1 ? 
ATOM   18   N N   . PRO A 1 21  ? -3.734  16.055  4.544   1.000 54.021  ? 3   PRO A N   1 ? 
ATOM   19   C CA  . PRO A 1 21  ? -3.498  14.972  3.595   1.000 51.016  ? 3   PRO A CA  1 ? 
ATOM   20   C C   . PRO A 1 21  ? -4.633  13.942  3.609   1.000 45.986  ? 3   PRO A C   1 ? 
ATOM   21   O O   . PRO A 1 21  ? -5.169  13.614  4.640   1.000 47.270  ? 3   PRO A O   1 ? 
ATOM   22   C CB  . PRO A 1 21  ? -2.159  14.328  3.976   1.000 54.736  ? 3   PRO A CB  1 ? 
ATOM   23   C CG  . PRO A 1 21  ? -1.723  15.000  5.287   1.000 54.975  ? 3   PRO A CG  1 ? 
ATOM   24   C CD  . PRO A 1 21  ? -2.689  16.134  5.573   1.000 57.340  ? 3   PRO A CD  1 ? 
ATOM   25   N N   . LEU A 1 22  ? -5.008  13.512  2.415   1.000 45.075  ? 4   LEU A N   1 ? 
ATOM   26   C CA  . LEU A 1 22  ? -6.002  12.434  2.200   1.000 49.072  ? 4   LEU A CA  1 ? 
ATOM   27   C C   . LEU A 1 22  ? -5.227  11.189  1.773   1.000 42.572  ? 4   LEU A C   1 ? 
ATOM   28   O O   . LEU A 1 22  ? -4.348  11.322  0.894   1.000 42.825  ? 4   LEU A O   1 ? 
ATOM   29   C CB  . LEU A 1 22  ? -7.000  12.868  1.119   1.000 49.081  ? 4   LEU A CB  1 ? 
ATOM   30   C CG  . LEU A 1 22  ? -7.866  14.088  1.446   1.000 58.680  ? 4   LEU A CG  1 ? 
ATOM   31   C CD1 . LEU A 1 22  ? -8.866  14.343  0.316   1.000 58.909  ? 4   LEU A CD1 1 ? 
ATOM   32   C CD2 . LEU A 1 22  ? -8.611  13.932  2.773   1.000 57.527  ? 4   LEU A CD2 1 ? 
ATOM   33   N N   . VAL A 1 23  ? -5.597  10.035  2.318   1.000 39.595  ? 5   VAL A N   1 ? 
ATOM   34   C CA  . VAL A 1 23  ? -4.863  8.763   2.085   1.000 41.974  ? 5   VAL A CA  1 ? 
ATOM   35   C C   . VAL A 1 23  ? -5.833  7.704   1.589   1.000 40.768  ? 5   VAL A C   1 ? 
ATOM   36   O O   . VAL A 1 23  ? -6.926  7.544   2.179   1.000 37.657  ? 5   VAL A O   1 ? 
ATOM   37   C CB  . VAL A 1 23  ? -4.156  8.327   3.381   1.000 40.874  ? 5   VAL A CB  1 ? 
ATOM   38   C CG1 . VAL A 1 23  ? -3.839  6.848   3.379   1.000 41.247  ? 5   VAL A CG1 1 ? 
ATOM   39   C CG2 . VAL A 1 23  ? -2.925  9.171   3.630   1.000 42.733  ? 5   VAL A CG2 1 ? 
ATOM   40   N N   . VAL A 1 24  ? -5.416  6.965   0.567   1.000 35.308  ? 6   VAL A N   1 ? 
ATOM   41   C CA  . VAL A 1 24  ? -6.133  5.761   0.096   1.000 35.114  ? 6   VAL A CA  1 ? 
ATOM   42   C C   . VAL A 1 24  ? -5.137  4.616   0.238   1.000 39.546  ? 6   VAL A C   1 ? 
ATOM   43   O O   . VAL A 1 24  ? -4.055  4.673   -0.416  1.000 35.640  ? 6   VAL A O   1 ? 
ATOM   44   C CB  . VAL A 1 24  ? -6.635  5.904   -1.352  1.000 35.243  ? 6   VAL A CB  1 ? 
ATOM   45   C CG1 . VAL A 1 24  ? -7.175  4.584   -1.879  1.000 33.516  ? 6   VAL A CG1 1 ? 
ATOM   46   C CG2 . VAL A 1 24  ? -7.674  7.009   -1.501  1.000 40.297  ? 6   VAL A CG2 1 ? 
ATOM   47   N N   . PHE A 1 25  ? -5.477  3.631   1.067   1.000 39.533  ? 7   PHE A N   1 ? 
ATOM   48   C CA  . PHE A 1 25  ? -4.655  2.418   1.229   1.000 40.586  ? 7   PHE A CA  1 ? 
ATOM   49   C C   . PHE A 1 25  ? -5.034  1.496   0.088   1.000 42.514  ? 7   PHE A C   1 ? 
ATOM   50   O O   . PHE A 1 25  ? -6.236  1.325   -0.175  1.000 35.957  ? 7   PHE A O   1 ? 
ATOM   51   C CB  . PHE A 1 25  ? -4.863  1.741   2.582   1.000 41.244  ? 7   PHE A CB  1 ? 
ATOM   52   C CG  . PHE A 1 25  ? -4.376  2.514   3.780   1.000 38.685  ? 7   PHE A CG  1 ? 
ATOM   53   C CD1 . PHE A 1 25  ? -3.118  3.097   3.794   1.000 38.842  ? 7   PHE A CD1 1 ? 
ATOM   54   C CD2 . PHE A 1 25  ? -5.151  2.588   4.931   1.000 43.571  ? 7   PHE A CD2 1 ? 
ATOM   55   C CE1 . PHE A 1 25  ? -2.663  3.776   4.918   1.000 40.236  ? 7   PHE A CE1 1 ? 
ATOM   56   C CE2 . PHE A 1 25  ? -4.698  3.283   6.048   1.000 42.452  ? 7   PHE A CE2 1 ? 
ATOM   57   C CZ  . PHE A 1 25  ? -3.454  3.863   6.045   1.000 40.415  ? 7   PHE A CZ  1 ? 
ATOM   58   N N   . VAL A 1 26  ? -4.031  0.927   -0.577  1.000 38.163  ? 8   VAL A N   1 ? 
ATOM   59   C CA  . VAL A 1 26  ? -4.238  -0.042  -1.679  1.000 35.560  ? 8   VAL A CA  1 ? 
ATOM   60   C C   . VAL A 1 26  ? -3.926  -1.436  -1.157  1.000 36.727  ? 8   VAL A C   1 ? 
ATOM   61   O O   . VAL A 1 26  ? -2.778  -1.699  -0.813  1.000 38.339  ? 8   VAL A O   1 ? 
ATOM   62   C CB  . VAL A 1 26  ? -3.399  0.335   -2.911  1.000 36.711  ? 8   VAL A CB  1 ? 
ATOM   63   C CG1 . VAL A 1 26  ? -3.664  -0.623  -4.054  1.000 39.645  ? 8   VAL A CG1 1 ? 
ATOM   64   C CG2 . VAL A 1 26  ? -3.663  1.772   -3.317  1.000 37.692  ? 8   VAL A CG2 1 ? 
ATOM   65   N N   . LEU A 1 27  ? -4.914  -2.319  -1.177  1.000 34.164  ? 9   LEU A N   1 ? 
ATOM   66   C CA  . LEU A 1 27  ? -4.810  -3.663  -0.557  1.000 36.094  ? 9   LEU A CA  1 ? 
ATOM   67   C C   . LEU A 1 27  ? -4.964  -4.719  -1.646  1.000 35.696  ? 9   LEU A C   1 ? 
ATOM   68   O O   . LEU A 1 27  ? -5.745  -4.506  -2.597  1.000 38.797  ? 9   LEU A O   1 ? 
ATOM   69   C CB  . LEU A 1 27  ? -5.901  -3.790  0.504   1.000 40.544  ? 9   LEU A CB  1 ? 
ATOM   70   C CG  . LEU A 1 27  ? -5.862  -2.747  1.624   1.000 44.567  ? 9   LEU A CG  1 ? 
ATOM   71   C CD1 . LEU A 1 27  ? -6.862  -3.102  2.708   1.000 53.990  ? 9   LEU A CD1 1 ? 
ATOM   72   C CD2 . LEU A 1 27  ? -4.478  -2.617  2.220   1.000 49.133  ? 9   LEU A CD2 1 ? 
ATOM   73   N N   . GLY A 1 28  ? -4.196  -5.798  -1.535  1.000 37.586  ? 10  GLY A N   1 ? 
ATOM   74   C CA  . GLY A 1 28  ? -4.280  -6.939  -2.459  1.000 35.936  ? 10  GLY A CA  1 ? 
ATOM   75   C C   . GLY A 1 28  ? -2.996  -7.728  -2.431  1.000 41.000  ? 10  GLY A C   1 ? 
ATOM   76   O O   . GLY A 1 28  ? -1.931  -7.145  -2.194  1.000 38.274  ? 10  GLY A O   1 ? 
ATOM   77   N N   . GLY A 1 29  ? -3.079  -9.036  -2.633  1.000 38.935  ? 11  GLY A N   1 ? 
ATOM   78   C CA  . GLY A 1 29  ? -1.884  -9.863  -2.539  1.000 39.830  ? 11  GLY A CA  1 ? 
ATOM   79   C C   . GLY A 1 29  ? -0.981  -9.583  -3.729  1.000 40.798  ? 11  GLY A C   1 ? 
ATOM   80   O O   . GLY A 1 29  ? -1.311  -8.806  -4.624  1.000 40.607  ? 11  GLY A O   1 ? 
ATOM   81   N N   . PRO A 1 30  ? 0.191   -10.235 -3.769  1.000 43.169  ? 12  PRO A N   1 ? 
ATOM   82   C CA  . PRO A 1 30  ? 1.056   -10.170 -4.949  1.000 40.796  ? 12  PRO A CA  1 ? 
ATOM   83   C C   . PRO A 1 30  ? 0.338   -10.677 -6.213  1.000 38.637  ? 12  PRO A C   1 ? 
ATOM   84   O O   . PRO A 1 30  ? -0.373  -11.674 -6.140  1.000 43.166  ? 12  PRO A O   1 ? 
ATOM   85   C CB  . PRO A 1 30  ? 2.218   -11.100 -4.564  1.000 46.100  ? 12  PRO A CB  1 ? 
ATOM   86   C CG  . PRO A 1 30  ? 1.611   -12.040 -3.529  1.000 47.835  ? 12  PRO A CG  1 ? 
ATOM   87   C CD  . PRO A 1 30  ? 0.655   -11.167 -2.737  1.000 43.624  ? 12  PRO A CD  1 ? 
ATOM   88   N N   . GLY A 1 31  ? 0.490   -9.988  -7.349  1.000 42.051  ? 13  GLY A N   1 ? 
ATOM   89   C CA  . GLY A 1 31  ? -0.158  -10.387 -8.615  1.000 45.758  ? 13  GLY A CA  1 ? 
ATOM   90   C C   . GLY A 1 31  ? -1.578  -9.831  -8.779  1.000 51.775  ? 13  GLY A C   1 ? 
ATOM   91   O O   . GLY A 1 31  ? -2.174  -10.089 -9.847  1.000 45.810  ? 13  GLY A O   1 ? 
ATOM   92   N N   . ALA A 1 32  ? -2.111  -9.077  -7.804  1.000 42.507  ? 14  ALA A N   1 ? 
ATOM   93   C CA  . ALA A 1 32  ? -3.500  -8.564  -7.814  1.000 42.984  ? 14  ALA A CA  1 ? 
ATOM   94   C C   . ALA A 1 32  ? -3.642  -7.356  -8.760  1.000 46.881  ? 14  ALA A C   1 ? 
ATOM   95   O O   . ALA A 1 32  ? -4.767  -6.869  -8.889  1.000 47.280  ? 14  ALA A O   1 ? 
ATOM   96   C CB  . ALA A 1 32  ? -3.946  -8.210  -6.406  1.000 45.873  ? 14  ALA A CB  1 ? 
ATOM   97   N N   . GLY A 1 33  ? -2.555  -6.849  -9.349  1.000 43.908  ? 15  GLY A N   1 ? 
ATOM   98   C CA  . GLY A 1 33  ? -2.591  -5.720  -10.292 1.000 42.793  ? 15  GLY A CA  1 ? 
ATOM   99   C C   . GLY A 1 33  ? -2.520  -4.362  -9.607  1.000 42.002  ? 15  GLY A C   1 ? 
ATOM   100  O O   . GLY A 1 33  ? -2.819  -3.387  -10.258 1.000 45.342  ? 15  GLY A O   1 ? 
ATOM   101  N N   . LYS A 1 34  ? -2.075  -4.291  -8.355  1.000 42.714  ? 16  LYS A N   1 ? 
ATOM   102  C CA  . LYS A 1 34  ? -1.860  -3.024  -7.612  1.000 41.860  ? 16  LYS A CA  1 ? 
ATOM   103  C C   . LYS A 1 34  ? -0.947  -2.068  -8.389  1.000 45.428  ? 16  LYS A C   1 ? 
ATOM   104  O O   . LYS A 1 34  ? -1.352  -0.880  -8.582  1.000 43.984  ? 16  LYS A O   1 ? 
ATOM   105  C CB  . LYS A 1 34  ? -1.230  -3.300  -6.250  1.000 41.651  ? 16  LYS A CB  1 ? 
ATOM   106  C CG  . LYS A 1 34  ? -2.088  -4.087  -5.259  1.000 44.597  ? 16  LYS A CG  1 ? 
ATOM   107  C CD  . LYS A 1 34  ? -1.516  -4.079  -3.842  1.000 45.069  ? 16  LYS A CD  1 ? 
ATOM   108  C CE  . LYS A 1 34  ? -0.203  -4.824  -3.704  1.000 45.276  ? 16  LYS A CE  1 ? 
ATOM   109  N NZ  . LYS A 1 34  ? -0.326  -6.191  -4.270  1.000 49.826  ? 16  LYS A NZ  1 ? 
ATOM   110  N N   . GLY A 1 35  ? 0.249   -2.524  -8.807  1.000 41.258  ? 17  GLY A N   1 ? 
ATOM   111  C CA  . GLY A 1 35  ? 1.240   -1.609  -9.417  1.000 39.923  ? 17  GLY A CA  1 ? 
ATOM   112  C C   . GLY A 1 35  ? 0.661   -0.898  -10.648 1.000 39.760  ? 17  GLY A C   1 ? 
ATOM   113  O O   . GLY A 1 35  ? 0.718   0.346   -10.740 1.000 42.098  ? 17  GLY A O   1 ? 
ATOM   114  N N   . THR A 1 36  ? 0.057   -1.627  -11.570 1.000 40.717  ? 18  THR A N   1 ? 
ATOM   115  C CA  . THR A 1 36  ? -0.419  -1.003  -12.833 1.000 43.393  ? 18  THR A CA  1 ? 
ATOM   116  C C   . THR A 1 36  ? -1.586  -0.020  -12.580 1.000 41.810  ? 18  THR A C   1 ? 
ATOM   117  O O   . THR A 1 36  ? -1.625  1.051   -13.258 1.000 45.433  ? 18  THR A O   1 ? 
ATOM   118  C CB  . THR A 1 36  ? -0.621  -2.072  -13.913 1.000 45.332  ? 18  THR A CB  1 ? 
ATOM   119  O OG1 . THR A 1 36  ? -0.843  -1.283  -15.081 1.000 55.034  ? 18  THR A OG1 1 ? 
ATOM   120  C CG2 . THR A 1 36  ? -1.745  -3.043  -13.660 1.000 48.052  ? 18  THR A CG2 1 ? 
ATOM   121  N N   . GLN A 1 37  ? -2.442  -0.269  -11.584 1.000 43.068  ? 19  GLN A N   1 ? 
ATOM   122  C CA  . GLN A 1 37  ? -3.612  0.604   -11.274 1.000 38.609  ? 19  GLN A CA  1 ? 
ATOM   123  C C   . GLN A 1 37  ? -3.143  1.857   -10.541 1.000 39.344  ? 19  GLN A C   1 ? 
ATOM   124  O O   . GLN A 1 37  ? -3.586  2.944   -10.903 1.000 39.185  ? 19  GLN A O   1 ? 
ATOM   125  C CB  . GLN A 1 37  ? -4.654  -0.168  -10.473 1.000 38.513  ? 19  GLN A CB  1 ? 
ATOM   126  C CG  . GLN A 1 37  ? -5.224  -1.345  -11.239 1.000 39.189  ? 19  GLN A CG  1 ? 
ATOM   127  C CD  . GLN A 1 37  ? -5.723  -0.986  -12.620 1.000 42.515  ? 19  GLN A CD  1 ? 
ATOM   128  O OE1 . GLN A 1 37  ? -6.153  0.134   -12.901 1.000 45.857  ? 19  GLN A OE1 1 ? 
ATOM   129  N NE2 . GLN A 1 37  ? -5.664  -1.954  -13.521 1.000 41.937  ? 19  GLN A NE2 1 ? 
ATOM   130  N N   . CYS A 1 38  ? -2.227  1.718   -9.587  1.000 42.032  ? 20  CYS A N   1 ? 
ATOM   131  C CA  . CYS A 1 38  ? -1.614  2.860   -8.872  1.000 41.505  ? 20  CYS A CA  1 ? 
ATOM   132  C C   . CYS A 1 38  ? -1.030  3.865   -9.883  1.000 39.534  ? 20  CYS A C   1 ? 
ATOM   133  O O   . CYS A 1 38  ? -1.336  5.084   -9.778  1.000 37.493  ? 20  CYS A O   1 ? 
ATOM   134  C CB  . CYS A 1 38  ? -0.602  2.333   -7.850  1.000 44.059  ? 20  CYS A CB  1 ? 
ATOM   135  S SG  . CYS A 1 38  ? -1.422  1.609   -6.400  1.000 47.323  ? 20  CYS A SG  1 ? 
ATOM   136  N N   . ALA A 1 39  ? -0.235  3.384   -10.840 1.000 39.312  ? 21  ALA A N   1 ? 
ATOM   137  C CA  . ALA A 1 39  ? 0.404   4.221   -11.886 1.000 40.083  ? 21  ALA A CA  1 ? 
ATOM   138  C C   . ALA A 1 39  ? -0.675  4.950   -12.710 1.000 39.654  ? 21  ALA A C   1 ? 
ATOM   139  O O   . ALA A 1 39  ? -0.501  6.134   -13.047 1.000 44.859  ? 21  ALA A O   1 ? 
ATOM   140  C CB  . ALA A 1 39  ? 1.265   3.349   -12.768 1.000 42.475  ? 21  ALA A CB  1 ? 
ATOM   141  N N   . ARG A 1 40  ? -1.791  4.284   -12.963 1.000 45.260  ? 22  ARG A N   1 ? 
ATOM   142  C CA  . ARG A 1 40  ? -2.933  4.871   -13.720 1.000 50.432  ? 22  ARG A CA  1 ? 
ATOM   143  C C   . ARG A 1 40  ? -3.644  5.932   -12.885 1.000 45.161  ? 22  ARG A C   1 ? 
ATOM   144  O O   . ARG A 1 40  ? -3.951  7.010   -13.440 1.000 41.761  ? 22  ARG A O   1 ? 
ATOM   145  C CB  . ARG A 1 40  ? -3.906  3.775   -14.157 1.000 50.615  ? 22  ARG A CB  1 ? 
ATOM   146  C CG  . ARG A 1 40  ? -3.445  3.091   -15.429 1.000 55.379  ? 22  ARG A CG  1 ? 
ATOM   147  C CD  . ARG A 1 40  ? -3.997  1.690   -15.618 1.000 67.171  ? 22  ARG A CD  1 ? 
ATOM   148  N NE  . ARG A 1 40  ? -2.908  0.987   -16.263 1.000 75.063  ? 22  ARG A NE  1 ? 
ATOM   149  C CZ  . ARG A 1 40  ? -2.644  1.037   -17.559 1.000 74.934  ? 22  ARG A CZ  1 ? 
ATOM   150  N NH1 . ARG A 1 40  ? -1.577  0.400   -18.031 1.000 73.528  ? 22  ARG A NH1 1 ? 
ATOM   151  N NH2 . ARG A 1 40  ? -3.464  1.689   -18.373 1.000 74.730  ? 22  ARG A NH2 1 ? 
ATOM   152  N N   . ILE A 1 41  ? -3.848  5.667   -11.593 1.000 45.857  ? 23  ILE A N   1 ? 
ATOM   153  C CA  . ILE A 1 41  ? -4.475  6.660   -10.665 1.000 39.566  ? 23  ILE A CA  1 ? 
ATOM   154  C C   . ILE A 1 41  ? -3.564  7.885   -10.560 1.000 43.816  ? 23  ILE A C   1 ? 
ATOM   155  O O   . ILE A 1 41  ? -4.077  9.014   -10.531 1.000 44.058  ? 23  ILE A O   1 ? 
ATOM   156  C CB  . ILE A 1 41  ? -4.745  5.997   -9.312  1.000 40.322  ? 23  ILE A CB  1 ? 
ATOM   157  C CG1 . ILE A 1 41  ? -5.715  4.819   -9.478  1.000 36.947  ? 23  ILE A CG1 1 ? 
ATOM   158  C CG2 . ILE A 1 41  ? -5.239  7.008   -8.299  1.000 42.176  ? 23  ILE A CG2 1 ? 
ATOM   159  C CD1 . ILE A 1 41  ? -5.852  3.940   -8.258  1.000 42.405  ? 23  ILE A CD1 1 ? 
ATOM   160  N N   . VAL A 1 42  ? -2.247  7.696   -10.465 1.000 42.367  ? 24  VAL A N   1 ? 
ATOM   161  C CA  . VAL A 1 42  ? -1.304  8.843   -10.320 1.000 39.968  ? 24  VAL A CA  1 ? 
ATOM   162  C C   . VAL A 1 42  ? -1.473  9.772   -11.547 1.000 43.120  ? 24  VAL A C   1 ? 
ATOM   163  O O   . VAL A 1 42  ? -1.553  11.012  -11.391 1.000 45.604  ? 24  VAL A O   1 ? 
ATOM   164  C CB  . VAL A 1 42  ? 0.150   8.355   -10.168 1.000 40.936  ? 24  VAL A CB  1 ? 
ATOM   165  C CG1 . VAL A 1 42  ? 1.140   9.453   -10.526 1.000 43.554  ? 24  VAL A CG1 1 ? 
ATOM   166  C CG2 . VAL A 1 42  ? 0.444   7.819   -8.763  1.000 39.121  ? 24  VAL A CG2 1 ? 
ATOM   167  N N   . GLU A 1 43  ? -1.506  9.182   -12.733 1.000 44.465  ? 25  GLU A N   1 ? 
ATOM   168  C CA  . GLU A 1 43  ? -1.543  9.904   -14.025 1.000 47.205  ? 25  GLU A CA  1 ? 
ATOM   169  C C   . GLU A 1 43  ? -2.882  10.656  -14.145 1.000 51.448  ? 25  GLU A C   1 ? 
ATOM   170  O O   . GLU A 1 43  ? -2.862  11.872  -14.393 1.000 48.559  ? 25  GLU A O   1 ? 
ATOM   171  C CB  . GLU A 1 43  ? -1.246  8.875   -15.109 1.000 52.606  ? 25  GLU A CB  1 ? 
ATOM   172  C CG  . GLU A 1 43  ? -0.867  9.498   -16.426 1.000 63.569  ? 25  GLU A CG  1 ? 
ATOM   173  C CD  . GLU A 1 43  ? -2.032  10.239  -17.030 1.000 76.465  ? 25  GLU A CD  1 ? 
ATOM   174  O OE1 . GLU A 1 43  ? -3.125  9.634   -17.128 1.000 86.696  ? 25  GLU A OE1 1 ? 
ATOM   175  O OE2 . GLU A 1 43  ? -1.852  11.428  -17.352 1.000 98.117  ? 25  GLU A OE2 1 ? 
ATOM   176  N N   . LYS A 1 44  ? -4.008  9.988   -13.909 1.000 47.326  ? 26  LYS A N   1 ? 
ATOM   177  C CA  . LYS A 1 44  ? -5.354  10.574  -14.107 1.000 49.427  ? 26  LYS A CA  1 ? 
ATOM   178  C C   . LYS A 1 44  ? -5.699  11.556  -12.973 1.000 53.992  ? 26  LYS A C   1 ? 
ATOM   179  O O   . LYS A 1 44  ? -6.273  12.632  -13.267 1.000 48.972  ? 26  LYS A O   1 ? 
ATOM   180  C CB  . LYS A 1 44  ? -6.383  9.448   -14.263 1.000 52.368  ? 26  LYS A CB  1 ? 
ATOM   181  C CG  . LYS A 1 44  ? -7.807  9.920   -14.570 1.000 51.225  ? 26  LYS A CG  1 ? 
ATOM   182  C CD  . LYS A 1 44  ? -8.637  8.900   -15.294 1.000 53.287  ? 26  LYS A CD  1 ? 
ATOM   183  C CE  . LYS A 1 44  ? -10.118 9.245   -15.336 1.000 58.553  ? 26  LYS A CE  1 ? 
ATOM   184  N NZ  . LYS A 1 44  ? -10.395 10.388  -16.237 1.000 58.653  ? 26  LYS A NZ  1 ? 
ATOM   185  N N   . TYR A 1 45  ? -5.360  11.268  -11.717 1.000 48.360  ? 27  TYR A N   1 ? 
ATOM   186  C CA  . TYR A 1 45  ? -5.943  12.024  -10.573 1.000 43.541  ? 27  TYR A CA  1 ? 
ATOM   187  C C   . TYR A 1 45  ? -4.885  12.822  -9.807  1.000 46.859  ? 27  TYR A C   1 ? 
ATOM   188  O O   . TYR A 1 45  ? -5.270  13.600  -8.931  1.000 44.339  ? 27  TYR A O   1 ? 
ATOM   189  C CB  . TYR A 1 45  ? -6.714  11.082  -9.651  1.000 39.551  ? 27  TYR A CB  1 ? 
ATOM   190  C CG  . TYR A 1 45  ? -7.885  10.427  -10.319 1.000 43.178  ? 27  TYR A CG  1 ? 
ATOM   191  C CD1 . TYR A 1 45  ? -9.083  11.106  -10.521 1.000 48.779  ? 27  TYR A CD1 1 ? 
ATOM   192  C CD2 . TYR A 1 45  ? -7.780  9.138   -10.791 1.000 43.097  ? 27  TYR A CD2 1 ? 
ATOM   193  C CE1 . TYR A 1 45  ? -10.161 10.502  -11.150 1.000 45.048  ? 27  TYR A CE1 1 ? 
ATOM   194  C CE2 . TYR A 1 45  ? -8.831  8.526   -11.434 1.000 43.962  ? 27  TYR A CE2 1 ? 
ATOM   195  C CZ  . TYR A 1 45  ? -10.030 9.196   -11.592 1.000 47.012  ? 27  TYR A CZ  1 ? 
ATOM   196  O OH  . TYR A 1 45  ? -11.043 8.536   -12.208 1.000 44.109  ? 27  TYR A OH  1 ? 
ATOM   197  N N   . GLY A 1 46  ? -3.598  12.684  -10.139 1.000 46.381  ? 28  GLY A N   1 ? 
ATOM   198  C CA  . GLY A 1 46  ? -2.538  13.480  -9.490  1.000 46.157  ? 28  GLY A CA  1 ? 
ATOM   199  C C   . GLY A 1 46  ? -2.324  13.092  -8.029  1.000 48.004  ? 28  GLY A C   1 ? 
ATOM   200  O O   . GLY A 1 46  ? -1.778  13.936  -7.259  1.000 44.720  ? 28  GLY A O   1 ? 
ATOM   201  N N   . TYR A 1 47  ? -2.695  11.857  -7.635  1.000 40.466  ? 29  TYR A N   1 ? 
ATOM   202  C CA  . TYR A 1 47  ? -2.257  11.290  -6.332  1.000 43.425  ? 29  TYR A CA  1 ? 
ATOM   203  C C   . TYR A 1 47  ? -0.742  11.103  -6.361  1.000 42.062  ? 29  TYR A C   1 ? 
ATOM   204  O O   . TYR A 1 47  ? -0.192  10.945  -7.461  1.000 39.519  ? 29  TYR A O   1 ? 
ATOM   205  C CB  . TYR A 1 47  ? -2.916  9.947   -6.034  1.000 42.974  ? 29  TYR A CB  1 ? 
ATOM   206  C CG  . TYR A 1 47  ? -4.307  10.059  -5.475  1.000 44.118  ? 29  TYR A CG  1 ? 
ATOM   207  C CD1 . TYR A 1 47  ? -5.304  10.735  -6.164  1.000 43.493  ? 29  TYR A CD1 1 ? 
ATOM   208  C CD2 . TYR A 1 47  ? -4.613  9.481   -4.259  1.000 44.334  ? 29  TYR A CD2 1 ? 
ATOM   209  C CE1 . TYR A 1 47  ? -6.592  10.804  -5.661  1.000 43.518  ? 29  TYR A CE1 1 ? 
ATOM   210  C CE2 . TYR A 1 47  ? -5.891  9.548   -3.734  1.000 45.193  ? 29  TYR A CE2 1 ? 
ATOM   211  C CZ  . TYR A 1 47  ? -6.871  10.220  -4.440  1.000 43.165  ? 29  TYR A CZ  1 ? 
ATOM   212  O OH  . TYR A 1 47  ? -8.114  10.211  -3.925  1.000 44.420  ? 29  TYR A OH  1 ? 
ATOM   213  N N   . THR A 1 48  ? -0.114  11.110  -5.186  1.000 43.066  ? 30  THR A N   1 ? 
ATOM   214  C CA  . THR A 1 48  ? 1.287   10.670  -5.005  1.000 46.078  ? 30  THR A CA  1 ? 
ATOM   215  C C   . THR A 1 48  ? 1.252   9.208   -4.528  1.000 43.861  ? 30  THR A C   1 ? 
ATOM   216  O O   . THR A 1 48  ? 0.606   8.920   -3.503  1.000 42.396  ? 30  THR A O   1 ? 
ATOM   217  C CB  . THR A 1 48  ? 2.040   11.637  -4.084  1.000 47.869  ? 30  THR A CB  1 ? 
ATOM   218  O OG1 . THR A 1 48  ? 1.855   12.984  -4.537  1.000 49.294  ? 30  THR A OG1 1 ? 
ATOM   219  C CG2 . THR A 1 48  ? 3.511   11.288  -4.007  1.000 43.874  ? 30  THR A CG2 1 ? 
ATOM   220  N N   . HIS A 1 49  ? 1.932   8.314   -5.236  1.000 40.028  ? 31  HIS A N   1 ? 
ATOM   221  C CA  . HIS A 1 49  ? 2.042   6.878   -4.869  1.000 44.941  ? 31  HIS A CA  1 ? 
ATOM   222  C C   . HIS A 1 49  ? 3.177   6.695   -3.854  1.000 44.411  ? 31  HIS A C   1 ? 
ATOM   223  O O   . HIS A 1 49  ? 4.339   6.998   -4.180  1.000 36.084  ? 31  HIS A O   1 ? 
ATOM   224  C CB  . HIS A 1 49  ? 2.226   6.027   -6.123  1.000 45.215  ? 31  HIS A CB  1 ? 
ATOM   225  C CG  . HIS A 1 49  ? 2.284   4.565   -5.868  1.000 42.773  ? 31  HIS A CG  1 ? 
ATOM   226  N ND1 . HIS A 1 49  ? 2.851   3.695   -6.772  1.000 52.849  ? 31  HIS A ND1 1 ? 
ATOM   227  C CD2 . HIS A 1 49  ? 1.826   3.807   -4.852  1.000 46.987  ? 31  HIS A CD2 1 ? 
ATOM   228  C CE1 . HIS A 1 49  ? 2.777   2.457   -6.300  1.000 52.424  ? 31  HIS A CE1 1 ? 
ATOM   229  N NE2 . HIS A 1 49  ? 2.142   2.499   -5.127  1.000 45.392  ? 31  HIS A NE2 1 ? 
ATOM   230  N N   . LEU A 1 50  ? 2.862   6.226   -2.649  1.000 39.426  ? 32  LEU A N   1 ? 
ATOM   231  C CA  . LEU A 1 50  ? 3.907   5.823   -1.667  1.000 37.086  ? 32  LEU A CA  1 ? 
ATOM   232  C C   . LEU A 1 50  ? 3.886   4.306   -1.512  1.000 40.610  ? 32  LEU A C   1 ? 
ATOM   233  O O   . LEU A 1 50  ? 2.806   3.685   -1.220  1.000 38.675  ? 32  LEU A O   1 ? 
ATOM   234  C CB  . LEU A 1 50  ? 3.700   6.509   -0.328  1.000 36.073  ? 32  LEU A CB  1 ? 
ATOM   235  C CG  . LEU A 1 50  ? 3.527   8.032   -0.332  1.000 40.090  ? 32  LEU A CG  1 ? 
ATOM   236  C CD1 . LEU A 1 50  ? 3.353   8.537   1.097   1.000 41.430  ? 32  LEU A CD1 1 ? 
ATOM   237  C CD2 . LEU A 1 50  ? 4.688   8.766   -1.022  1.000 42.232  ? 32  LEU A CD2 1 ? 
ATOM   238  N N   . SER A 1 51  ? 5.054   3.719   -1.684  1.000 34.441  ? 33  SER A N   1 ? 
ATOM   239  C CA  . SER A 1 51  ? 5.283   2.276   -1.474  1.000 40.554  ? 33  SER A CA  1 ? 
ATOM   240  C C   . SER A 1 51  ? 6.084   2.080   -0.197  1.000 43.136  ? 33  SER A C   1 ? 
ATOM   241  O O   . SER A 1 51  ? 7.285   2.435   -0.179  1.000 39.280  ? 33  SER A O   1 ? 
ATOM   242  C CB  . SER A 1 51  ? 5.967   1.675   -2.666  1.000 44.002  ? 33  SER A CB  1 ? 
ATOM   243  O OG  . SER A 1 51  ? 6.694   0.540   -2.223  1.000 53.625  ? 33  SER A OG  1 ? 
ATOM   244  N N   . ALA A 1 52  ? 5.445   1.540   0.832   1.000 40.025  ? 34  ALA A N   1 ? 
ATOM   245  C CA  . ALA A 1 52  ? 6.028   1.502   2.187   1.000 41.756  ? 34  ALA A CA  1 ? 
ATOM   246  C C   . ALA A 1 52  ? 7.282   0.624   2.165   1.000 37.782  ? 34  ALA A C   1 ? 
ATOM   247  O O   . ALA A 1 52  ? 8.247   0.952   2.894   1.000 37.648  ? 34  ALA A O   1 ? 
ATOM   248  C CB  . ALA A 1 52  ? 5.008   1.026   3.198   1.000 40.318  ? 34  ALA A CB  1 ? 
ATOM   249  N N   . GLY A 1 53  ? 7.236   -0.483  1.421   1.000 37.605  ? 35  GLY A N   1 ? 
ATOM   250  C CA  . GLY A 1 53  ? 8.348   -1.454  1.287   1.000 39.269  ? 35  GLY A CA  1 ? 
ATOM   251  C C   . GLY A 1 53  ? 9.549   -0.781  0.641   1.000 40.995  ? 35  GLY A C   1 ? 
ATOM   252  O O   . GLY A 1 53  ? 10.699  -0.997  1.096   1.000 41.649  ? 35  GLY A O   1 ? 
ATOM   253  N N   . GLU A 1 54  ? 9.295   0.081   -0.335  1.000 41.052  ? 36  GLU A N   1 ? 
ATOM   254  C CA  . GLU A 1 54  ? 10.367  0.775   -1.091  1.000 43.694  ? 36  GLU A CA  1 ? 
ATOM   255  C C   . GLU A 1 54  ? 10.978  1.830   -0.165  1.000 43.765  ? 36  GLU A C   1 ? 
ATOM   256  O O   . GLU A 1 54  ? 12.217  2.001   -0.172  1.000 37.391  ? 36  GLU A O   1 ? 
ATOM   257  C CB  . GLU A 1 54  ? 9.830   1.350   -2.406  1.000 48.773  ? 36  GLU A CB  1 ? 
ATOM   258  C CG  . GLU A 1 54  ? 10.927  1.740   -3.389  1.000 59.093  ? 36  GLU A CG  1 ? 
ATOM   259  C CD  . GLU A 1 54  ? 10.558  2.749   -4.476  1.000 67.623  ? 36  GLU A CD  1 ? 
ATOM   260  O OE1 . GLU A 1 54  ? 9.372   3.119   -4.599  1.000 66.427  ? 36  GLU A OE1 1 ? 
ATOM   261  O OE2 . GLU A 1 54  ? 11.473  3.179   -5.198  1.000 79.246  ? 36  GLU A OE2 1 ? 
ATOM   262  N N   . LEU A 1 55  ? 10.161  2.538   0.603   1.000 40.809  ? 37  LEU A N   1 ? 
ATOM   263  C CA  . LEU A 1 55  ? 10.674  3.662   1.426   1.000 41.326  ? 37  LEU A CA  1 ? 
ATOM   264  C C   . LEU A 1 55  ? 11.589  3.062   2.502   1.000 37.099  ? 37  LEU A C   1 ? 
ATOM   265  O O   . LEU A 1 55  ? 12.626  3.622   2.820   1.000 37.512  ? 37  LEU A O   1 ? 
ATOM   266  C CB  . LEU A 1 55  ? 9.498   4.427   2.039   1.000 40.704  ? 37  LEU A CB  1 ? 
ATOM   267  C CG  . LEU A 1 55  ? 8.663   5.279   1.091   1.000 45.158  ? 37  LEU A CG  1 ? 
ATOM   268  C CD1 . LEU A 1 55  ? 7.443   5.823   1.825   1.000 44.292  ? 37  LEU A CD1 1 ? 
ATOM   269  C CD2 . LEU A 1 55  ? 9.475   6.425   0.488   1.000 41.870  ? 37  LEU A CD2 1 ? 
ATOM   270  N N   . LEU A 1 56  ? 11.195  1.930   3.062   1.000 35.299  ? 38  LEU A N   1 ? 
ATOM   271  C CA  . LEU A 1 56  ? 12.007  1.226   4.090   1.000 41.050  ? 38  LEU A CA  1 ? 
ATOM   272  C C   . LEU A 1 56  ? 13.368  0.755   3.508   1.000 37.302  ? 38  LEU A C   1 ? 
ATOM   273  O O   . LEU A 1 56  ? 14.429  1.063   4.102   1.000 35.145  ? 38  LEU A O   1 ? 
ATOM   274  C CB  . LEU A 1 56  ? 11.156  0.058   4.595   1.000 41.129  ? 38  LEU A CB  1 ? 
ATOM   275  C CG  . LEU A 1 56  ? 11.623  -0.550  5.905   1.000 51.276  ? 38  LEU A CG  1 ? 
ATOM   276  C CD1 . LEU A 1 56  ? 11.959  0.537   6.920   1.000 50.065  ? 38  LEU A CD1 1 ? 
ATOM   277  C CD2 . LEU A 1 56  ? 10.579  -1.520  6.445   1.000 49.929  ? 38  LEU A CD2 1 ? 
ATOM   278  N N   . ARG A 1 57  ? 13.359  0.096   2.352   1.000 35.648  ? 39  ARG A N   1 ? 
ATOM   279  C CA  . ARG A 1 57  ? 14.583  -0.410  1.649   1.000 43.732  ? 39  ARG A CA  1 ? 
ATOM   280  C C   . ARG A 1 57  ? 15.505  0.777   1.293   1.000 42.703  ? 39  ARG A C   1 ? 
ATOM   281  O O   . ARG A 1 57  ? 16.691  0.763   1.658   1.000 44.586  ? 39  ARG A O   1 ? 
ATOM   282  C CB  . ARG A 1 57  ? 14.115  -1.353  0.522   1.000 48.478  ? 39  ARG A CB  1 ? 
ATOM   283  C CG  . ARG A 1 57  ? 15.053  -1.551  -0.659  1.000 62.525  ? 39  ARG A CG  1 ? 
ATOM   284  C CD  . ARG A 1 57  ? 14.660  -2.712  -1.585  1.000 70.024  ? 39  ARG A CD  1 ? 
ATOM   285  N NE  . ARG A 1 57  ? 13.249  -3.104  -1.476  1.000 74.116  ? 39  ARG A NE  1 ? 
ATOM   286  C CZ  . ARG A 1 57  ? 12.220  -2.512  -2.104  1.000 81.728  ? 39  ARG A CZ  1 ? 
ATOM   287  N NH1 . ARG A 1 57  ? 12.415  -1.484  -2.922  1.000 84.669  ? 39  ARG A NH1 1 ? 
ATOM   288  N NH2 . ARG A 1 57  ? 10.985  -2.954  -1.904  1.000 72.630  ? 39  ARG A NH2 1 ? 
ATOM   289  N N   . ASP A 1 58  ? 15.000  1.862   0.729   1.000 42.311  ? 40  ASP A N   1 ? 
ATOM   290  C CA  . ASP A 1 58  ? 15.823  3.077   0.472   1.000 41.284  ? 40  ASP A CA  1 ? 
ATOM   291  C C   . ASP A 1 58  ? 16.399  3.683   1.758   1.000 47.231  ? 40  ASP A C   1 ? 
ATOM   292  O O   . ASP A 1 58  ? 17.573  4.107   1.776   1.000 44.486  ? 40  ASP A O   1 ? 
ATOM   293  C CB  . ASP A 1 58  ? 14.995  4.152   -0.218  1.000 48.234  ? 40  ASP A CB  1 ? 
ATOM   294  C CG  . ASP A 1 58  ? 14.731  3.774   -1.651  1.000 50.751  ? 40  ASP A CG  1 ? 
ATOM   295  O OD1 . ASP A 1 58  ? 15.319  2.777   -2.097  1.000 50.676  ? 40  ASP A OD1 1 ? 
ATOM   296  O OD2 . ASP A 1 58  ? 13.961  4.474   -2.285  1.000 60.167  ? 40  ASP A OD2 1 ? 
ATOM   297  N N   . GLU A 1 59  ? 15.600  3.781   2.809   1.000 42.502  ? 41  GLU A N   1 ? 
ATOM   298  C CA  . GLU A 1 59  ? 16.096  4.321   4.094   1.000 40.657  ? 41  GLU A CA  1 ? 
ATOM   299  C C   . GLU A 1 59  ? 17.221  3.404   4.615   1.000 39.633  ? 41  GLU A C   1 ? 
ATOM   300  O O   . GLU A 1 59  ? 18.222  3.911   5.166   1.000 43.510  ? 41  GLU A O   1 ? 
ATOM   301  C CB  . GLU A 1 59  ? 14.902  4.484   5.026   1.000 42.040  ? 41  GLU A CB  1 ? 
ATOM   302  C CG  . GLU A 1 59  ? 15.189  5.369   6.201   1.000 43.227  ? 41  GLU A CG  1 ? 
ATOM   303  C CD  . GLU A 1 59  ? 15.178  6.851   5.886   1.000 41.344  ? 41  GLU A CD  1 ? 
ATOM   304  O OE1 . GLU A 1 59  ? 14.981  7.190   4.753   1.000 40.844  ? 41  GLU A OE1 1 ? 
ATOM   305  O OE2 . GLU A 1 59  ? 15.305  7.646   6.808   1.000 36.799  ? 41  GLU A OE2 1 ? 
ATOM   306  N N   . ARG A 1 60  ? 17.084  2.095   4.448   1.000 37.703  ? 42  ARG A N   1 ? 
ATOM   307  C CA  . ARG A 1 60  ? 18.081  1.129   4.953   1.000 42.429  ? 42  ARG A CA  1 ? 
ATOM   308  C C   . ARG A 1 60  ? 19.401  1.309   4.185   1.000 51.717  ? 42  ARG A C   1 ? 
ATOM   309  O O   . ARG A 1 60  ? 20.445  1.201   4.792   1.000 46.529  ? 42  ARG A O   1 ? 
ATOM   310  C CB  . ARG A 1 60  ? 17.537  -0.285  4.791   1.000 44.683  ? 42  ARG A CB  1 ? 
ATOM   311  C CG  . ARG A 1 60  ? 18.418  -1.332  5.452   1.000 51.214  ? 42  ARG A CG  1 ? 
ATOM   312  C CD  . ARG A 1 60  ? 18.156  -2.713  4.901   1.000 53.428  ? 42  ARG A CD  1 ? 
ATOM   313  N NE  . ARG A 1 60  ? 18.745  -2.895  3.579   1.000 70.485  ? 42  ARG A NE  1 ? 
ATOM   314  C CZ  . ARG A 1 60  ? 18.079  -3.207  2.468   1.000 70.266  ? 42  ARG A CZ  1 ? 
ATOM   315  N NH1 . ARG A 1 60  ? 18.748  -3.347  1.331   1.000 65.420  ? 42  ARG A NH1 1 ? 
ATOM   316  N NH2 . ARG A 1 60  ? 16.764  -3.389  2.502   1.000 68.245  ? 42  ARG A NH2 1 ? 
ATOM   317  N N   . LYS A 1 61  ? 19.346  1.580   2.884   1.000 54.281  ? 43  LYS A N   1 ? 
ATOM   318  C CA  . LYS A 1 61  ? 20.538  1.689   2.000   1.000 55.930  ? 43  LYS A CA  1 ? 
ATOM   319  C C   . LYS A 1 61  ? 21.189  3.079   2.048   1.000 49.719  ? 43  LYS A C   1 ? 
ATOM   320  O O   . LYS A 1 61  ? 22.402  3.141   1.862   1.000 62.398  ? 43  LYS A O   1 ? 
ATOM   321  C CB  . LYS A 1 61  ? 20.129  1.456   0.541   1.000 58.205  ? 43  LYS A CB  1 ? 
ATOM   322  C CG  . LYS A 1 61  ? 19.609  0.070   0.222   1.000 65.820  ? 43  LYS A CG  1 ? 
ATOM   323  C CD  . LYS A 1 61  ? 18.850  0.037   -1.082  1.000 73.746  ? 43  LYS A CD  1 ? 
ATOM   324  C CE  . LYS A 1 61  ? 18.512  -1.372  -1.521  1.000 82.327  ? 43  LYS A CE  1 ? 
ATOM   325  N NZ  . LYS A 1 61  ? 17.734  -1.389  -2.785  1.000 86.441  ? 43  LYS A NZ  1 ? 
ATOM   326  N N   . ASN A 1 62  ? 20.406  4.153   2.106   1.000 50.026  ? 44  ASN A N   1 ? 
ATOM   327  C CA  . ASN A 1 62  ? 20.892  5.527   1.839   1.000 47.835  ? 44  ASN A CA  1 ? 
ATOM   328  C C   . ASN A 1 62  ? 21.780  5.949   2.993   1.000 57.766  ? 44  ASN A C   1 ? 
ATOM   329  O O   . ASN A 1 62  ? 21.477  5.680   4.172   1.000 52.227  ? 44  ASN A O   1 ? 
ATOM   330  C CB  . ASN A 1 62  ? 19.808  6.579   1.589   1.000 57.834  ? 44  ASN A CB  1 ? 
ATOM   331  C CG  . ASN A 1 62  ? 19.169  6.418   0.223   1.000 63.680  ? 44  ASN A CG  1 ? 
ATOM   332  O OD1 . ASN A 1 62  ? 19.705  5.708   -0.619  1.000 61.038  ? 44  ASN A OD1 1 ? 
ATOM   333  N ND2 . ASN A 1 62  ? 18.030  7.053   -0.003  1.000 49.502  ? 44  ASN A ND2 1 ? 
ATOM   334  N N   . PRO A 1 63  ? 22.903  6.598   2.619   1.000 55.208  ? 45  PRO A N   1 ? 
ATOM   335  C CA  . PRO A 1 63  ? 24.008  6.873   3.532   1.000 60.430  ? 45  PRO A CA  1 ? 
ATOM   336  C C   . PRO A 1 63  ? 23.556  8.011   4.439   1.000 57.838  ? 45  PRO A C   1 ? 
ATOM   337  O O   . PRO A 1 63  ? 23.058  8.986   3.891   1.000 52.950  ? 45  PRO A O   1 ? 
ATOM   338  C CB  . PRO A 1 63  ? 25.158  7.372   2.628   1.000 58.299  ? 45  PRO A CB  1 ? 
ATOM   339  C CG  . PRO A 1 63  ? 24.446  7.945   1.403   1.000 57.085  ? 45  PRO A CG  1 ? 
ATOM   340  C CD  . PRO A 1 63  ? 23.160  7.145   1.269   1.000 59.088  ? 45  PRO A CD  1 ? 
ATOM   341  N N   . ASP A 1 64  ? 23.701  7.872   5.751   1.000 52.149  ? 46  ASP A N   1 ? 
ATOM   342  C CA  . ASP A 1 64  ? 23.281  8.962   6.662   1.000 62.740  ? 46  ASP A CA  1 ? 
ATOM   343  C C   . ASP A 1 64  ? 21.825  9.311   6.359   1.000 48.096  ? 46  ASP A C   1 ? 
ATOM   344  O O   . ASP A 1 64  ? 21.510  10.498  6.369   1.000 55.510  ? 46  ASP A O   1 ? 
ATOM   345  C CB  . ASP A 1 64  ? 24.120  10.238  6.469   1.000 70.551  ? 46  ASP A CB  1 ? 
ATOM   346  C CG  . ASP A 1 64  ? 25.621  10.013  6.437   1.000 78.449  ? 46  ASP A CG  1 ? 
ATOM   347  O OD1 . ASP A 1 64  ? 26.206  9.854   7.527   1.000 73.272  ? 46  ASP A OD1 1 ? 
ATOM   348  O OD2 . ASP A 1 64  ? 26.193  10.007  5.318   1.000 83.333  ? 46  ASP A OD2 1 ? 
ATOM   349  N N   . SER A 1 65  ? 20.987  8.325   6.038   1.000 44.770  ? 47  SER A N   1 ? 
ATOM   350  C CA  . SER A 1 65  ? 19.518  8.520   6.010   1.000 43.071  ? 47  SER A CA  1 ? 
ATOM   351  C C   . SER A 1 65  ? 19.081  8.815   7.442   1.000 42.089  ? 47  SER A C   1 ? 
ATOM   352  O O   . SER A 1 65  ? 19.760  8.378   8.403   1.000 41.613  ? 47  SER A O   1 ? 
ATOM   353  C CB  . SER A 1 65  ? 18.786  7.315   5.441   1.000 42.378  ? 47  SER A CB  1 ? 
ATOM   354  O OG  . SER A 1 65  ? 18.958  6.193   6.300   1.000 44.387  ? 47  SER A OG  1 ? 
ATOM   355  N N   . GLN A 1 66  ? 17.922  9.433   7.606   1.000 42.008  ? 48  GLN A N   1 ? 
ATOM   356  C CA  . GLN A 1 66  ? 17.374  9.697   8.957   1.000 42.587  ? 48  GLN A CA  1 ? 
ATOM   357  C C   . GLN A 1 66  ? 17.349  8.406   9.794   1.000 40.863  ? 48  GLN A C   1 ? 
ATOM   358  O O   . GLN A 1 66  ? 17.822  8.441   10.947  1.000 46.181  ? 48  GLN A O   1 ? 
ATOM   359  C CB  . GLN A 1 66  ? 15.991  10.309  8.825   1.000 40.774  ? 48  GLN A CB  1 ? 
ATOM   360  C CG  . GLN A 1 66  ? 15.459  10.814  10.154  1.000 43.376  ? 48  GLN A CG  1 ? 
ATOM   361  C CD  . GLN A 1 66  ? 14.228  11.664  9.953   1.000 40.490  ? 48  GLN A CD  1 ? 
ATOM   362  O OE1 . GLN A 1 66  ? 13.673  11.737  8.865   1.000 41.757  ? 48  GLN A OE1 1 ? 
ATOM   363  N NE2 . GLN A 1 66  ? 13.810  12.305  11.017  1.000 38.418  ? 48  GLN A NE2 1 ? 
ATOM   364  N N   . TYR A 1 67  ? 16.832  7.293   9.276   1.000 38.822  ? 49  TYR A N   1 ? 
ATOM   365  C CA  . TYR A 1 67  ? 16.569  6.090   10.113  1.000 39.529  ? 49  TYR A CA  1 ? 
ATOM   366  C C   . TYR A 1 67  ? 17.471  4.902   9.730   1.000 41.112  ? 49  TYR A C   1 ? 
ATOM   367  O O   . TYR A 1 67  ? 17.283  3.824   10.325  1.000 42.746  ? 49  TYR A O   1 ? 
ATOM   368  C CB  . TYR A 1 67  ? 15.084  5.716   10.052  1.000 42.097  ? 49  TYR A CB  1 ? 
ATOM   369  C CG  . TYR A 1 67  ? 14.111  6.801   10.468  1.000 38.573  ? 49  TYR A CG  1 ? 
ATOM   370  C CD1 . TYR A 1 67  ? 14.044  7.216   11.779  1.000 41.680  ? 49  TYR A CD1 1 ? 
ATOM   371  C CD2 . TYR A 1 67  ? 13.273  7.430   9.555   1.000 40.364  ? 49  TYR A CD2 1 ? 
ATOM   372  C CE1 . TYR A 1 67  ? 13.182  8.221   12.177  1.000 39.672  ? 49  TYR A CE1 1 ? 
ATOM   373  C CE2 . TYR A 1 67  ? 12.395  8.450   9.925   1.000 36.432  ? 49  TYR A CE2 1 ? 
ATOM   374  C CZ  . TYR A 1 67  ? 12.349  8.835   11.253  1.000 38.185  ? 49  TYR A CZ  1 ? 
ATOM   375  O OH  . TYR A 1 67  ? 11.504  9.785   11.717  1.000 40.384  ? 49  TYR A OH  1 ? 
ATOM   376  N N   . GLY A 1 68  ? 18.426  5.065   8.808   1.000 41.127  ? 50  GLY A N   1 ? 
ATOM   377  C CA  . GLY A 1 68  ? 19.328  3.977   8.358   1.000 44.602  ? 50  GLY A CA  1 ? 
ATOM   378  C C   . GLY A 1 68  ? 20.036  3.271   9.507   1.000 45.335  ? 50  GLY A C   1 ? 
ATOM   379  O O   . GLY A 1 68  ? 19.897  2.022   9.662   1.000 48.802  ? 50  GLY A O   1 ? 
ATOM   380  N N   . GLU A 1 69  ? 20.737  4.017   10.351  1.000 51.356  ? 51  GLU A N   1 ? 
ATOM   381  C CA  . GLU A 1 69  ? 21.463  3.414   11.507  1.000 50.289  ? 51  GLU A CA  1 ? 
ATOM   382  C C   . GLU A 1 69  ? 20.495  2.815   12.542  1.000 50.150  ? 51  GLU A C   1 ? 
ATOM   383  O O   . GLU A 1 69  ? 20.849  1.794   13.193  1.000 47.409  ? 51  GLU A O   1 ? 
ATOM   384  C CB  . GLU A 1 69  ? 22.391  4.460   12.110  1.000 59.576  ? 51  GLU A CB  1 ? 
ATOM   385  C CG  . GLU A 1 69  ? 23.644  4.643   11.264  1.000 61.211  ? 51  GLU A CG  1 ? 
ATOM   386  C CD  . GLU A 1 69  ? 24.935  4.676   12.062  1.000 67.022  ? 51  GLU A CD  1 ? 
ATOM   387  O OE1 . GLU A 1 69  ? 25.024  4.009   13.145  1.000 59.316  ? 51  GLU A OE1 1 ? 
ATOM   388  O OE2 . GLU A 1 69  ? 25.841  5.400   11.617  1.000 76.666  ? 51  GLU A OE2 1 ? 
ATOM   389  N N   . LEU A 1 70  ? 19.295  3.367   12.699  1.000 41.994  ? 52  LEU A N   1 ? 
ATOM   390  C CA  . LEU A 1 70  ? 18.324  2.751   13.628  1.000 40.602  ? 52  LEU A CA  1 ? 
ATOM   391  C C   . LEU A 1 70  ? 17.913  1.406   13.056  1.000 41.908  ? 52  LEU A C   1 ? 
ATOM   392  O O   . LEU A 1 70  ? 17.888  0.406   13.794  1.000 40.171  ? 52  LEU A O   1 ? 
ATOM   393  C CB  . LEU A 1 70  ? 17.122  3.670   13.827  1.000 43.661  ? 52  LEU A CB  1 ? 
ATOM   394  C CG  . LEU A 1 70  ? 16.108  3.173   14.840  1.000 41.232  ? 52  LEU A CG  1 ? 
ATOM   395  C CD1 . LEU A 1 70  ? 16.799  2.840   16.154  1.000 45.754  ? 52  LEU A CD1 1 ? 
ATOM   396  C CD2 . LEU A 1 70  ? 15.004  4.210   15.047  1.000 44.094  ? 52  LEU A CD2 1 ? 
ATOM   397  N N   . ILE A 1 71  ? 17.622  1.380   11.765  1.000 43.018  ? 53  ILE A N   1 ? 
ATOM   398  C CA  . ILE A 1 71  ? 17.142  0.149   11.092  1.000 45.745  ? 53  ILE A CA  1 ? 
ATOM   399  C C   . ILE A 1 71  ? 18.217  -0.944  11.259  1.000 46.093  ? 53  ILE A C   1 ? 
ATOM   400  O O   . ILE A 1 71  ? 17.840  -2.096  11.554  1.000 44.758  ? 53  ILE A O   1 ? 
ATOM   401  C CB  . ILE A 1 71  ? 16.786  0.467   9.633   1.000 42.918  ? 53  ILE A CB  1 ? 
ATOM   402  C CG1 . ILE A 1 71  ? 15.490  1.279   9.538   1.000 43.078  ? 53  ILE A CG1 1 ? 
ATOM   403  C CG2 . ILE A 1 71  ? 16.709  -0.808  8.820   1.000 43.089  ? 53  ILE A CG2 1 ? 
ATOM   404  C CD1 . ILE A 1 71  ? 15.290  1.946   8.208   1.000 39.722  ? 53  ILE A CD1 1 ? 
ATOM   405  N N   . GLU A 1 72  ? 19.500  -0.603  11.124  1.000 49.210  ? 54  GLU A N   1 ? 
ATOM   406  C CA  . GLU A 1 72  ? 20.618  -1.587  11.229  1.000 52.327  ? 54  GLU A CA  1 ? 
ATOM   407  C C   . GLU A 1 72  ? 20.704  -2.163  12.652  1.000 49.819  ? 54  GLU A C   1 ? 
ATOM   408  O O   . GLU A 1 72  ? 20.998  -3.358  12.768  1.000 54.339  ? 54  GLU A O   1 ? 
ATOM   409  C CB  . GLU A 1 72  ? 21.954  -0.973  10.820  1.000 59.692  ? 54  GLU A CB  1 ? 
ATOM   410  C CG  . GLU A 1 72  ? 23.015  -2.029  10.521  1.000 76.073  ? 54  GLU A CG  1 ? 
ATOM   411  C CD  . GLU A 1 72  ? 24.320  -1.853  11.289  1.000 91.097  ? 54  GLU A CD  1 ? 
ATOM   412  O OE1 . GLU A 1 72  ? 24.618  -0.708  11.688  1.000 95.178  ? 54  GLU A OE1 1 ? 
ATOM   413  O OE2 . GLU A 1 72  ? 25.039  -2.859  11.499  1.000 101.367 ? 54  GLU A OE2 1 ? 
ATOM   414  N N   . LYS A 1 73  ? 20.398  -1.386  13.701  1.000 47.801  ? 55  LYS A N   1 ? 
ATOM   415  C CA  . LYS A 1 73  ? 20.258  -1.938  15.079  1.000 51.335  ? 55  LYS A CA  1 ? 
ATOM   416  C C   . LYS A 1 73  ? 19.327  -3.164  15.024  1.000 53.037  ? 55  LYS A C   1 ? 
ATOM   417  O O   . LYS A 1 73  ? 19.721  -4.233  15.528  1.000 46.389  ? 55  LYS A O   1 ? 
ATOM   418  C CB  . LYS A 1 73  ? 19.691  -0.938  16.104  1.000 51.587  ? 55  LYS A CB  1 ? 
ATOM   419  C CG  . LYS A 1 73  ? 20.496  0.332   16.380  1.000 51.462  ? 55  LYS A CG  1 ? 
ATOM   420  C CD  . LYS A 1 73  ? 21.970  0.103   16.564  1.000 52.066  ? 55  LYS A CD  1 ? 
ATOM   421  C CE  . LYS A 1 73  ? 22.726  1.392   16.805  1.000 53.289  ? 55  LYS A CE  1 ? 
ATOM   422  N NZ  . LYS A 1 73  ? 22.846  2.182   15.561  1.000 54.374  ? 55  LYS A NZ  1 ? 
ATOM   423  N N   . TYR A 1 74  ? 18.116  -2.997  14.477  1.000 48.160  ? 56  TYR A N   1 ? 
ATOM   424  C CA  . TYR A 1 74  ? 17.057  -4.046  14.434  1.000 47.241  ? 56  TYR A CA  1 ? 
ATOM   425  C C   . TYR A 1 74  ? 17.583  -5.249  13.642  1.000 49.719  ? 56  TYR A C   1 ? 
ATOM   426  O O   . TYR A 1 74  ? 17.428  -6.405  14.097  1.000 44.034  ? 56  TYR A O   1 ? 
ATOM   427  C CB  . TYR A 1 74  ? 15.748  -3.458  13.908  1.000 45.107  ? 56  TYR A CB  1 ? 
ATOM   428  C CG  . TYR A 1 74  ? 15.083  -2.522  14.887  1.000 42.377  ? 56  TYR A CG  1 ? 
ATOM   429  C CD1 . TYR A 1 74  ? 14.429  -3.039  15.989  1.000 42.612  ? 56  TYR A CD1 1 ? 
ATOM   430  C CD2 . TYR A 1 74  ? 15.145  -1.142  14.757  1.000 39.123  ? 56  TYR A CD2 1 ? 
ATOM   431  C CE1 . TYR A 1 74  ? 13.825  -2.222  16.926  1.000 41.697  ? 56  TYR A CE1 1 ? 
ATOM   432  C CE2 . TYR A 1 74  ? 14.550  -0.307  15.695  1.000 39.863  ? 56  TYR A CE2 1 ? 
ATOM   433  C CZ  . TYR A 1 74  ? 13.875  -0.856  16.777  1.000 37.053  ? 56  TYR A CZ  1 ? 
ATOM   434  O OH  . TYR A 1 74  ? 13.262  -0.135  17.754  1.000 43.005  ? 56  TYR A OH  1 ? 
ATOM   435  N N   . ILE A 1 75  ? 18.237  -4.978  12.520  1.000 45.419  ? 57  ILE A N   1 ? 
ATOM   436  C CA  . ILE A 1 75  ? 18.765  -6.035  11.609  1.000 53.910  ? 57  ILE A CA  1 ? 
ATOM   437  C C   . ILE A 1 75  ? 19.816  -6.863  12.356  1.000 50.690  ? 57  ILE A C   1 ? 
ATOM   438  O O   . ILE A 1 75  ? 19.641  -8.072  12.410  1.000 54.063  ? 57  ILE A O   1 ? 
ATOM   439  C CB  . ILE A 1 75  ? 19.299  -5.394  10.317  1.000 53.788  ? 57  ILE A CB  1 ? 
ATOM   440  C CG1 . ILE A 1 75  ? 18.134  -5.025  9.394   1.000 53.001  ? 57  ILE A CG1 1 ? 
ATOM   441  C CG2 . ILE A 1 75  ? 20.318  -6.293  9.618   1.000 61.950  ? 57  ILE A CG2 1 ? 
ATOM   442  C CD1 . ILE A 1 75  ? 18.519  -4.049  8.306   1.000 55.783  ? 57  ILE A CD1 1 ? 
ATOM   443  N N   . LYS A 1 76  ? 20.824  -6.211  12.942  1.000 55.232  ? 58  LYS A N   1 ? 
ATOM   444  C CA  . LYS A 1 76  ? 21.881  -6.821  13.803  1.000 57.042  ? 58  LYS A CA  1 ? 
ATOM   445  C C   . LYS A 1 76  ? 21.274  -7.692  14.896  1.000 52.624  ? 58  LYS A C   1 ? 
ATOM   446  O O   . LYS A 1 76  ? 21.884  -8.691  15.217  1.000 59.638  ? 58  LYS A O   1 ? 
ATOM   447  C CB  . LYS A 1 76  ? 22.721  -5.755  14.514  1.000 63.042  ? 58  LYS A CB  1 ? 
ATOM   448  C CG  . LYS A 1 76  ? 23.734  -5.046  13.625  1.000 70.315  ? 58  LYS A CG  1 ? 
ATOM   449  C CD  . LYS A 1 76  ? 25.043  -5.795  13.484  1.000 80.127  ? 58  LYS A CD  1 ? 
ATOM   450  C CE  . LYS A 1 76  ? 25.969  -5.615  14.670  1.000 90.825  ? 58  LYS A CE  1 ? 
ATOM   451  N NZ  . LYS A 1 76  ? 27.382  -5.887  14.312  1.000 95.879  ? 58  LYS A NZ  1 ? 
ATOM   452  N N   . GLU A 1 77  ? 20.145  -7.285  15.469  1.000 50.712  ? 59  GLU A N   1 ? 
ATOM   453  C CA  . GLU A 1 77  ? 19.466  -7.988  16.587  1.000 54.829  ? 59  GLU A CA  1 ? 
ATOM   454  C C   . GLU A 1 77  ? 18.593  -9.139  16.084  1.000 53.561  ? 59  GLU A C   1 ? 
ATOM   455  O O   . GLU A 1 77  ? 18.114  -9.887  16.941  1.000 59.809  ? 59  GLU A O   1 ? 
ATOM   456  C CB  . GLU A 1 77  ? 18.550  -7.042  17.369  1.000 52.530  ? 59  GLU A CB  1 ? 
ATOM   457  C CG  . GLU A 1 77  ? 19.302  -5.943  18.069  1.000 55.533  ? 59  GLU A CG  1 ? 
ATOM   458  C CD  . GLU A 1 77  ? 18.411  -5.013  18.864  1.000 54.885  ? 59  GLU A CD  1 ? 
ATOM   459  O OE1 . GLU A 1 77  ? 18.806  -4.658  19.976  1.000 56.971  ? 59  GLU A OE1 1 ? 
ATOM   460  O OE2 . GLU A 1 77  ? 17.353  -4.614  18.350  1.000 51.443  ? 59  GLU A OE2 1 ? 
ATOM   461  N N   . GLY A 1 78  ? 18.337  -9.246  14.780  1.000 56.087  ? 60  GLY A N   1 ? 
ATOM   462  C CA  . GLY A 1 78  ? 17.383  -10.232 14.245  1.000 52.817  ? 60  GLY A CA  1 ? 
ATOM   463  C C   . GLY A 1 78  ? 15.967  -9.909  14.673  1.000 58.085  ? 60  GLY A C   1 ? 
ATOM   464  O O   . GLY A 1 78  ? 15.232  -10.846 15.053  1.000 51.450  ? 60  GLY A O   1 ? 
ATOM   465  N N   . LYS A 1 79  ? 15.587  -8.627  14.632  1.000 55.461  ? 61  LYS A N   1 ? 
ATOM   466  C CA  . LYS A 1 79  ? 14.276  -8.162  15.155  1.000 54.019  ? 61  LYS A CA  1 ? 
ATOM   467  C C   . LYS A 1 79  ? 13.477  -7.518  14.023  1.000 50.575  ? 61  LYS A C   1 ? 
ATOM   468  O O   . LYS A 1 79  ? 14.099  -6.976  13.123  1.000 51.442  ? 61  LYS A O   1 ? 
ATOM   469  C CB  . LYS A 1 79  ? 14.514  -7.166  16.289  1.000 59.846  ? 61  LYS A CB  1 ? 
ATOM   470  C CG  . LYS A 1 79  ? 13.502  -7.234  17.413  1.000 71.283  ? 61  LYS A CG  1 ? 
ATOM   471  C CD  . LYS A 1 79  ? 13.998  -6.563  18.664  1.000 70.914  ? 61  LYS A CD  1 ? 
ATOM   472  C CE  . LYS A 1 79  ? 12.921  -5.736  19.323  1.000 77.659  ? 61  LYS A CE  1 ? 
ATOM   473  N NZ  . LYS A 1 79  ? 13.456  -5.080  20.535  1.000 88.717  ? 61  LYS A NZ  1 ? 
ATOM   474  N N   . ILE A 1 80  ? 12.148  -7.501  14.119  1.000 50.432  ? 62  ILE A N   1 ? 
ATOM   475  C CA  . ILE A 1 80  ? 11.295  -6.781  13.132  1.000 51.570  ? 62  ILE A CA  1 ? 
ATOM   476  C C   . ILE A 1 80  ? 11.524  -5.270  13.278  1.000 50.713  ? 62  ILE A C   1 ? 
ATOM   477  O O   . ILE A 1 80  ? 11.599  -4.774  14.430  1.000 46.511  ? 62  ILE A O   1 ? 
ATOM   478  C CB  . ILE A 1 80  ? 9.815   -7.170  13.263  1.000 57.289  ? 62  ILE A CB  1 ? 
ATOM   479  C CG1 . ILE A 1 80  ? 9.666   -8.681  13.482  1.000 72.356  ? 62  ILE A CG1 1 ? 
ATOM   480  C CG2 . ILE A 1 80  ? 9.055   -6.687  12.031  1.000 60.452  ? 62  ILE A CG2 1 ? 
ATOM   481  C CD1 . ILE A 1 80  ? 8.264   -9.226  13.340  1.000 73.273  ? 62  ILE A CD1 1 ? 
ATOM   482  N N   . VAL A 1 81  ? 11.670  -4.564  12.156  1.000 47.180  ? 63  VAL A N   1 ? 
ATOM   483  C CA  . VAL A 1 81  ? 11.736  -3.071  12.141  1.000 44.171  ? 63  VAL A CA  1 ? 
ATOM   484  C C   . VAL A 1 81  ? 10.380  -2.575  12.641  1.000 43.922  ? 63  VAL A C   1 ? 
ATOM   485  O O   . VAL A 1 81  ? 9.361   -2.966  12.125  1.000 42.497  ? 63  VAL A O   1 ? 
ATOM   486  C CB  . VAL A 1 81  ? 12.101  -2.488  10.765  1.000 44.443  ? 63  VAL A CB  1 ? 
ATOM   487  C CG1 . VAL A 1 81  ? 12.163  -0.970  10.816  1.000 48.503  ? 63  VAL A CG1 1 ? 
ATOM   488  C CG2 . VAL A 1 81  ? 13.419  -3.029  10.233  1.000 47.549  ? 63  VAL A CG2 1 ? 
ATOM   489  N N   . PRO A 1 82  ? 10.283  -1.756  13.703  1.000 45.356  ? 64  PRO A N   1 ? 
ATOM   490  C CA  . PRO A 1 82  ? 8.968   -1.349  14.184  1.000 45.440  ? 64  PRO A CA  1 ? 
ATOM   491  C C   . PRO A 1 82  ? 8.222   -0.526  13.121  1.000 46.853  ? 64  PRO A C   1 ? 
ATOM   492  O O   . PRO A 1 82  ? 8.814   0.282   12.429  1.000 34.708  ? 64  PRO A O   1 ? 
ATOM   493  C CB  . PRO A 1 82  ? 9.202   -0.557  15.481  1.000 43.031  ? 64  PRO A CB  1 ? 
ATOM   494  C CG  . PRO A 1 82  ? 10.715  -0.401  15.610  1.000 47.010  ? 64  PRO A CG  1 ? 
ATOM   495  C CD  . PRO A 1 82  ? 11.388  -1.240  14.525  1.000 46.499  ? 64  PRO A CD  1 ? 
ATOM   496  N N   . VAL A 1 83  ? 6.911   -0.772  13.047  1.000 42.176  ? 65  VAL A N   1 ? 
ATOM   497  C CA  . VAL A 1 83  ? 5.943   -0.054  12.180  1.000 41.472  ? 65  VAL A CA  1 ? 
ATOM   498  C C   . VAL A 1 83  ? 6.094   1.464   12.374  1.000 38.399  ? 65  VAL A C   1 ? 
ATOM   499  O O   . VAL A 1 83  ? 5.827   2.212   11.429  1.000 39.275  ? 65  VAL A O   1 ? 
ATOM   500  C CB  . VAL A 1 83  ? 4.514   -0.553  12.494  1.000 42.816  ? 65  VAL A CB  1 ? 
ATOM   501  C CG1 . VAL A 1 83  ? 3.977   0.023   13.796  1.000 47.057  ? 65  VAL A CG1 1 ? 
ATOM   502  C CG2 . VAL A 1 83  ? 3.569   -0.246  11.349  1.000 42.428  ? 65  VAL A CG2 1 ? 
ATOM   503  N N   . GLU A 1 84  ? 6.514   1.910   13.563  1.000 36.392  ? 66  GLU A N   1 ? 
ATOM   504  C CA  . GLU A 1 84  ? 6.603   3.348   13.919  1.000 38.780  ? 66  GLU A CA  1 ? 
ATOM   505  C C   . GLU A 1 84  ? 7.556   4.033   12.948  1.000 37.205  ? 66  GLU A C   1 ? 
ATOM   506  O O   . GLU A 1 84  ? 7.393   5.235   12.667  1.000 35.019  ? 66  GLU A O   1 ? 
ATOM   507  C CB  . GLU A 1 84  ? 7.092   3.524   15.358  1.000 40.114  ? 66  GLU A CB  1 ? 
ATOM   508  C CG  . GLU A 1 84  ? 6.015   3.365   16.400  1.000 37.255  ? 66  GLU A CG  1 ? 
ATOM   509  C CD  . GLU A 1 84  ? 5.733   1.919   16.758  1.000 43.807  ? 66  GLU A CD  1 ? 
ATOM   510  O OE1 . GLU A 1 84  ? 6.445   1.047   16.233  1.000 41.676  ? 66  GLU A OE1 1 ? 
ATOM   511  O OE2 . GLU A 1 84  ? 4.807   1.675   17.560  1.000 45.107  ? 66  GLU A OE2 1 ? 
ATOM   512  N N   . ILE A 1 85  ? 8.535   3.282   12.453  1.000 36.415  ? 67  ILE A N   1 ? 
ATOM   513  C CA  . ILE A 1 85  ? 9.526   3.818   11.487  1.000 36.044  ? 67  ILE A CA  1 ? 
ATOM   514  C C   . ILE A 1 85  ? 8.847   3.937   10.132  1.000 34.485  ? 67  ILE A C   1 ? 
ATOM   515  O O   . ILE A 1 85  ? 9.043   4.967   9.450   1.000 37.927  ? 67  ILE A O   1 ? 
ATOM   516  C CB  . ILE A 1 85  ? 10.797  2.947   11.463  1.000 36.016  ? 67  ILE A CB  1 ? 
ATOM   517  C CG1 . ILE A 1 85  ? 11.521  3.044   12.816  1.000 37.360  ? 67  ILE A CG1 1 ? 
ATOM   518  C CG2 . ILE A 1 85  ? 11.651  3.391   10.273  1.000 36.997  ? 67  ILE A CG2 1 ? 
ATOM   519  C CD1 . ILE A 1 85  ? 12.784  2.224   12.951  1.000 37.753  ? 67  ILE A CD1 1 ? 
ATOM   520  N N   . THR A 1 86  ? 8.053   2.927   9.766   1.000 36.225  ? 68  THR A N   1 ? 
ATOM   521  C CA  . THR A 1 86  ? 7.310   2.923   8.489   1.000 38.782  ? 68  THR A CA  1 ? 
ATOM   522  C C   . THR A 1 86  ? 6.334   4.095   8.476   1.000 36.084  ? 68  THR A C   1 ? 
ATOM   523  O O   . THR A 1 86  ? 6.326   4.844   7.478   1.000 37.770  ? 68  THR A O   1 ? 
ATOM   524  C CB  . THR A 1 86  ? 6.590   1.599   8.253   1.000 40.241  ? 68  THR A CB  1 ? 
ATOM   525  O OG1 . THR A 1 86  ? 7.636   0.679   8.015   1.000 39.437  ? 68  THR A OG1 1 ? 
ATOM   526  C CG2 . THR A 1 86  ? 5.688   1.634   7.040   1.000 39.806  ? 68  THR A CG2 1 ? 
ATOM   527  N N   . ILE A 1 87  ? 5.580   4.267   9.559   1.000 36.534  ? 69  ILE A N   1 ? 
ATOM   528  C CA  . ILE A 1 87  ? 4.602   5.393   9.664   1.000 37.865  ? 69  ILE A CA  1 ? 
ATOM   529  C C   . ILE A 1 87  ? 5.380   6.696   9.524   1.000 37.293  ? 69  ILE A C   1 ? 
ATOM   530  O O   . ILE A 1 87  ? 4.921   7.576   8.777   1.000 40.915  ? 69  ILE A O   1 ? 
ATOM   531  C CB  . ILE A 1 87  ? 3.786   5.294   10.958  1.000 37.362  ? 69  ILE A CB  1 ? 
ATOM   532  C CG1 . ILE A 1 87  ? 2.889   4.058   10.920  1.000 38.957  ? 69  ILE A CG1 1 ? 
ATOM   533  C CG2 . ILE A 1 87  ? 3.015   6.583   11.187  1.000 41.173  ? 69  ILE A CG2 1 ? 
ATOM   534  C CD1 . ILE A 1 87  ? 2.488   3.507   12.268  1.000 42.266  ? 69  ILE A CD1 1 ? 
ATOM   535  N N   . SER A 1 88  ? 6.537   6.821   10.181  1.000 38.477  ? 70  SER A N   1 ? 
ATOM   536  C CA  . SER A 1 88  ? 7.342   8.082   10.168  1.000 38.609  ? 70  SER A CA  1 ? 
ATOM   537  C C   . SER A 1 88  ? 7.836   8.367   8.751   1.000 38.241  ? 70  SER A C   1 ? 
ATOM   538  O O   . SER A 1 88  ? 7.859   9.537   8.334   1.000 38.128  ? 70  SER A O   1 ? 
ATOM   539  C CB  . SER A 1 88  ? 8.498   8.061   11.160  1.000 43.421  ? 70  SER A CB  1 ? 
ATOM   540  O OG  . SER A 1 88  ? 8.051   7.822   12.499  1.000 39.943  ? 70  SER A OG  1 ? 
ATOM   541  N N   . LEU A 1 89  ? 8.196   7.326   8.004   1.000 36.679  ? 71  LEU A N   1 ? 
ATOM   542  C CA  . LEU A 1 89  ? 8.627   7.507   6.600   1.000 37.775  ? 71  LEU A CA  1 ? 
ATOM   543  C C   . LEU A 1 89  ? 7.450   7.958   5.736   1.000 37.078  ? 71  LEU A C   1 ? 
ATOM   544  O O   . LEU A 1 89  ? 7.631   8.856   4.900   1.000 34.829  ? 71  LEU A O   1 ? 
ATOM   545  C CB  . LEU A 1 89  ? 9.222   6.203   6.086   1.000 36.803  ? 71  LEU A CB  1 ? 
ATOM   546  C CG  . LEU A 1 89  ? 10.588  5.876   6.680   1.000 37.325  ? 71  LEU A CG  1 ? 
ATOM   547  C CD1 . LEU A 1 89  ? 10.958  4.433   6.365   1.000 39.813  ? 71  LEU A CD1 1 ? 
ATOM   548  C CD2 . LEU A 1 89  ? 11.641  6.825   6.105   1.000 38.353  ? 71  LEU A CD2 1 ? 
ATOM   549  N N   . LEU A 1 90  ? 6.314   7.287   5.847   1.000 36.489  ? 72  LEU A N   1 ? 
ATOM   550  C CA  . LEU A 1 90  ? 5.099   7.688   5.086   1.000 39.945  ? 72  LEU A CA  1 ? 
ATOM   551  C C   . LEU A 1 90  ? 4.772   9.162   5.411   1.000 38.962  ? 72  LEU A C   1 ? 
ATOM   552  O O   . LEU A 1 90  ? 4.534   9.963   4.469   1.000 39.328  ? 72  LEU A O   1 ? 
ATOM   553  C CB  . LEU A 1 90  ? 3.940   6.751   5.454   1.000 34.271  ? 72  LEU A CB  1 ? 
ATOM   554  C CG  . LEU A 1 90  ? 4.084   5.328   4.923   1.000 35.927  ? 72  LEU A CG  1 ? 
ATOM   555  C CD1 . LEU A 1 90  ? 2.986   4.416   5.497   1.000 37.487  ? 72  LEU A CD1 1 ? 
ATOM   556  C CD2 . LEU A 1 90  ? 4.071   5.307   3.402   1.000 36.931  ? 72  LEU A CD2 1 ? 
ATOM   557  N N   . LYS A 1 91  ? 4.768   9.530   6.686   1.000 43.516  ? 73  LYS A N   1 ? 
ATOM   558  C CA  . LYS A 1 91  ? 4.395   10.906  7.120   1.000 42.227  ? 73  LYS A CA  1 ? 
ATOM   559  C C   . LYS A 1 91  ? 5.422   11.905  6.586   1.000 45.468  ? 73  LYS A C   1 ? 
ATOM   560  O O   . LYS A 1 91  ? 5.030   13.002  6.119   1.000 44.851  ? 73  LYS A O   1 ? 
ATOM   561  C CB  . LYS A 1 91  ? 4.315   11.008  8.642   1.000 40.725  ? 73  LYS A CB  1 ? 
ATOM   562  C CG  . LYS A 1 91  ? 4.017   12.408  9.182   1.000 40.512  ? 73  LYS A CG  1 ? 
ATOM   563  C CD  . LYS A 1 91  ? 3.976   12.416  10.700  1.000 46.650  ? 73  LYS A CD  1 ? 
ATOM   564  C CE  . LYS A 1 91  ? 3.401   13.691  11.297  1.000 50.243  ? 73  LYS A CE  1 ? 
ATOM   565  N NZ  . LYS A 1 91  ? 4.234   14.851  10.924  1.000 47.123  ? 73  LYS A NZ  1 ? 
ATOM   566  N N   . ARG A 1 92  ? 6.698   11.572  6.671   1.000 42.323  ? 74  ARG A N   1 ? 
ATOM   567  C CA  . ARG A 1 92  ? 7.761   12.472  6.153   1.000 41.734  ? 74  ARG A CA  1 ? 
ATOM   568  C C   . ARG A 1 92  ? 7.516   12.723  4.663   1.000 41.484  ? 74  ARG A C   1 ? 
ATOM   569  O O   . ARG A 1 92  ? 7.563   13.872  4.239   1.000 45.930  ? 74  ARG A O   1 ? 
ATOM   570  C CB  . ARG A 1 92  ? 9.138   11.876  6.449   1.000 43.667  ? 74  ARG A CB  1 ? 
ATOM   571  C CG  . ARG A 1 92  ? 10.280  12.755  5.975   1.000 47.843  ? 74  ARG A CG  1 ? 
ATOM   572  C CD  . ARG A 1 92  ? 11.626  12.122  6.272   1.000 48.063  ? 74  ARG A CD  1 ? 
ATOM   573  N NE  . ARG A 1 92  ? 11.943  11.103  5.280   1.000 42.306  ? 74  ARG A NE  1 ? 
ATOM   574  C CZ  . ARG A 1 92  ? 12.861  10.149  5.435   1.000 42.421  ? 74  ARG A CZ  1 ? 
ATOM   575  N NH1 . ARG A 1 92  ? 13.616  10.058  6.530   1.000 42.201  ? 74  ARG A NH1 1 ? 
ATOM   576  N NH2 . ARG A 1 92  ? 13.049  9.298   4.463   1.000 43.550  ? 74  ARG A NH2 1 ? 
ATOM   577  N N   . GLU A 1 93  ? 7.282   11.676  3.882   1.000 42.422  ? 75  GLU A N   1 ? 
ATOM   578  C CA  . GLU A 1 93  ? 7.050   11.783  2.416   1.000 43.781  ? 75  GLU A CA  1 ? 
ATOM   579  C C   . GLU A 1 93  ? 5.840   12.678  2.157   1.000 44.732  ? 75  GLU A C   1 ? 
ATOM   580  O O   . GLU A 1 93  ? 5.868   13.474  1.190   1.000 42.690  ? 75  GLU A O   1 ? 
ATOM   581  C CB  . GLU A 1 93  ? 6.823   10.410  1.775   1.000 44.150  ? 75  GLU A CB  1 ? 
ATOM   582  C CG  . GLU A 1 93  ? 8.114   9.647   1.565   1.000 48.783  ? 75  GLU A CG  1 ? 
ATOM   583  C CD  . GLU A 1 93  ? 9.041   10.358  0.590   1.000 51.999  ? 75  GLU A CD  1 ? 
ATOM   584  O OE1 . GLU A 1 93  ? 8.636   10.561  -0.564  1.000 61.737  ? 75  GLU A OE1 1 ? 
ATOM   585  O OE2 . GLU A 1 93  ? 10.094  10.781  1.005   1.000 57.849  ? 75  GLU A OE2 1 ? 
ATOM   586  N N   . MET A 1 94  ? 4.784   12.513  2.950   1.000 42.556  ? 76  MET A N   1 ? 
ATOM   587  C CA  . MET A 1 94  ? 3.567   13.328  2.788   1.000 42.282  ? 76  MET A CA  1 ? 
ATOM   588  C C   . MET A 1 94  ? 3.883   14.793  3.142   1.000 46.606  ? 76  MET A C   1 ? 
ATOM   589  O O   . MET A 1 94  ? 3.438   15.650  2.399   1.000 43.718  ? 76  MET A O   1 ? 
ATOM   590  C CB  . MET A 1 94  ? 2.436   12.801  3.654   1.000 40.723  ? 76  MET A CB  1 ? 
ATOM   591  C CG  . MET A 1 94  ? 1.809   11.554  3.062   1.000 47.307  ? 76  MET A CG  1 ? 
ATOM   592  S SD  . MET A 1 94  ? 0.522   10.852  4.116   1.000 52.277  ? 76  MET A SD  1 ? 
ATOM   593  C CE  . MET A 1 94  ? 1.413   10.499  5.612   1.000 53.125  ? 76  MET A CE  1 ? 
ATOM   594  N N   . ASP A 1 95  ? 4.619   15.066  4.226   1.000 47.625  ? 77  ASP A N   1 ? 
ATOM   595  C CA  . ASP A 1 95  ? 4.941   16.458  4.649   1.000 47.944  ? 77  ASP A CA  1 ? 
ATOM   596  C C   . ASP A 1 95  ? 5.813   17.125  3.583   1.000 52.316  ? 77  ASP A C   1 ? 
ATOM   597  O O   . ASP A 1 95  ? 5.523   18.274  3.263   1.000 54.689  ? 77  ASP A O   1 ? 
ATOM   598  C CB  . ASP A 1 95  ? 5.602   16.498  6.026   1.000 52.497  ? 77  ASP A CB  1 ? 
ATOM   599  C CG  . ASP A 1 95  ? 4.696   15.967  7.123   1.000 49.276  ? 77  ASP A CG  1 ? 
ATOM   600  O OD1 . ASP A 1 95  ? 3.470   15.858  6.892   1.000 51.094  ? 77  ASP A OD1 1 ? 
ATOM   601  O OD2 . ASP A 1 95  ? 5.210   15.644  8.187   1.000 54.975  ? 77  ASP A OD2 1 ? 
ATOM   602  N N   . GLN A 1 96  ? 6.808   16.418  3.032   1.000 53.374  ? 78  GLN A N   1 ? 
ATOM   603  C CA  . GLN A 1 96  ? 7.738   16.970  2.009   1.000 53.472  ? 78  GLN A CA  1 ? 
ATOM   604  C C   . GLN A 1 96  ? 6.974   17.258  0.710   1.000 58.200  ? 78  GLN A C   1 ? 
ATOM   605  O O   . GLN A 1 96  ? 7.175   18.358  0.125   1.000 59.645  ? 78  GLN A O   1 ? 
ATOM   606  C CB  . GLN A 1 96  ? 8.916   16.026  1.781   1.000 54.591  ? 78  GLN A CB  1 ? 
ATOM   607  C CG  . GLN A 1 96  ? 9.842   15.920  2.988   1.000 55.264  ? 78  GLN A CG  1 ? 
ATOM   608  C CD  . GLN A 1 96  ? 10.968  14.949  2.718   1.000 48.969  ? 78  GLN A CD  1 ? 
ATOM   609  O OE1 . GLN A 1 96  ? 10.965  14.247  1.723   1.000 53.882  ? 78  GLN A OE1 1 ? 
ATOM   610  N NE2 . GLN A 1 96  ? 11.974  14.941  3.574   1.000 50.408  ? 78  GLN A NE2 1 ? 
ATOM   611  N N   . THR A 1 97  ? 6.084   16.352  0.291   1.000 52.869  ? 79  THR A N   1 ? 
ATOM   612  C CA  . THR A 1 97  ? 5.270   16.524  -0.947  1.000 51.814  ? 79  THR A CA  1 ? 
ATOM   613  C C   . THR A 1 97  ? 4.425   17.795  -0.808  1.000 53.626  ? 79  THR A C   1 ? 
ATOM   614  O O   . THR A 1 97  ? 4.454   18.634  -1.729  1.000 59.689  ? 79  THR A O   1 ? 
ATOM   615  C CB  . THR A 1 97  ? 4.418   15.286  -1.226  1.000 46.608  ? 79  THR A CB  1 ? 
ATOM   616  O OG1 . THR A 1 97  ? 5.323   14.183  -1.298  1.000 46.213  ? 79  THR A OG1 1 ? 
ATOM   617  C CG2 . THR A 1 97  ? 3.609   15.386  -2.498  1.000 46.279  ? 79  THR A CG2 1 ? 
ATOM   618  N N   . MET A 1 98  ? 3.741   17.956  0.319   1.000 55.540  ? 80  MET A N   1 ? 
ATOM   619  C CA  . MET A 1 98  ? 2.806   19.085  0.521   1.000 57.219  ? 80  MET A CA  1 ? 
ATOM   620  C C   . MET A 1 98  ? 3.574   20.387  0.789   1.000 65.074  ? 80  MET A C   1 ? 
ATOM   621  O O   . MET A 1 98  ? 3.101   21.440  0.347   1.000 66.431  ? 80  MET A O   1 ? 
ATOM   622  C CB  . MET A 1 98  ? 1.834   18.774  1.649   1.000 57.189  ? 80  MET A CB  1 ? 
ATOM   623  C CG  . MET A 1 98  ? 0.836   17.722  1.209   1.000 54.385  ? 80  MET A CG  1 ? 
ATOM   624  S SD  . MET A 1 98  ? -0.494  17.442  2.388   1.000 61.077  ? 80  MET A SD  1 ? 
ATOM   625  C CE  . MET A 1 98  ? -1.422  18.956  2.156   1.000 65.442  ? 80  MET A CE  1 ? 
ATOM   626  N N   . ALA A 1 99  ? 4.725   20.337  1.450   1.000 61.616  ? 81  ALA A N   1 ? 
ATOM   627  C CA  . ALA A 1 99  ? 5.582   21.526  1.656   1.000 64.138  ? 81  ALA A CA  1 ? 
ATOM   628  C C   . ALA A 1 99  ? 6.018   22.044  0.282   1.000 61.387  ? 81  ALA A C   1 ? 
ATOM   629  O O   . ALA A 1 99  ? 5.858   23.242  0.055   1.000 64.523  ? 81  ALA A O   1 ? 
ATOM   630  C CB  . ALA A 1 99  ? 6.774   21.218  2.541   1.000 62.167  ? 81  ALA A CB  1 ? 
ATOM   631  N N   . ALA A 1 100 ? 6.501   21.163  -0.602  1.000 62.151  ? 82  ALA A N   1 ? 
ATOM   632  C CA  . ALA A 1 100 ? 6.931   21.489  -1.984  1.000 61.051  ? 82  ALA A CA  1 ? 
ATOM   633  C C   . ALA A 1 100 ? 5.748   21.914  -2.867  1.000 72.741  ? 82  ALA A C   1 ? 
ATOM   634  O O   . ALA A 1 100 ? 6.007   22.612  -3.861  1.000 82.861  ? 82  ALA A O   1 ? 
ATOM   635  C CB  . ALA A 1 100 ? 7.652   20.320  -2.600  1.000 65.268  ? 82  ALA A CB  1 ? 
ATOM   636  N N   . ASN A 1 101 ? 4.509   21.513  -2.557  1.000 70.635  ? 83  ASN A N   1 ? 
ATOM   637  C CA  . ASN A 1 101 ? 3.320   21.876  -3.377  1.000 68.164  ? 83  ASN A CA  1 ? 
ATOM   638  C C   . ASN A 1 101 ? 2.017   21.584  -2.617  1.000 66.662  ? 83  ASN A C   1 ? 
ATOM   639  O O   . ASN A 1 101 ? 1.509   20.440  -2.715  1.000 69.583  ? 83  ASN A O   1 ? 
ATOM   640  C CB  . ASN A 1 101 ? 3.352   21.153  -4.725  1.000 74.126  ? 83  ASN A CB  1 ? 
ATOM   641  C CG  . ASN A 1 101 ? 2.101   21.378  -5.548  1.000 78.446  ? 83  ASN A CG  1 ? 
ATOM   642  O OD1 . ASN A 1 101 ? 1.113   21.964  -5.087  1.000 80.897  ? 83  ASN A OD1 1 ? 
ATOM   643  N ND2 . ASN A 1 101 ? 2.143   20.906  -6.777  1.000 70.888  ? 83  ASN A ND2 1 ? 
ATOM   644  N N   . ALA A 1 102 ? 1.451   22.616  -1.982  1.000 65.639  ? 84  ALA A N   1 ? 
ATOM   645  C CA  . ALA A 1 102 ? 0.329   22.553  -1.011  1.000 63.762  ? 84  ALA A CA  1 ? 
ATOM   646  C C   . ALA A 1 102 ? -0.880  21.834  -1.597  1.000 60.536  ? 84  ALA A C   1 ? 
ATOM   647  O O   . ALA A 1 102 ? -1.768  21.439  -0.798  1.000 73.217  ? 84  ALA A O   1 ? 
ATOM   648  C CB  . ALA A 1 102 ? -0.058  23.941  -0.571  1.000 65.585  ? 84  ALA A CB  1 ? 
ATOM   649  N N   . GLN A 1 103 ? -0.938  21.709  -2.924  1.000 64.654  ? 85  GLN A N   1 ? 
ATOM   650  C CA  . GLN A 1 103 ? -2.112  21.167  -3.655  1.000 63.030  ? 85  GLN A CA  1 ? 
ATOM   651  C C   . GLN A 1 103 ? -2.011  19.642  -3.777  1.000 62.127  ? 85  GLN A C   1 ? 
ATOM   652  O O   . GLN A 1 103 ? -3.076  19.047  -3.928  1.000 65.196  ? 85  GLN A O   1 ? 
ATOM   653  C CB  . GLN A 1 103 ? -2.244  21.805  -5.042  1.000 69.683  ? 85  GLN A CB  1 ? 
ATOM   654  C CG  . GLN A 1 103 ? -2.391  23.327  -5.023  1.000 77.698  ? 85  GLN A CG  1 ? 
ATOM   655  C CD  . GLN A 1 103 ? -3.423  23.808  -4.030  1.000 83.852  ? 85  GLN A CD  1 ? 
ATOM   656  O OE1 . GLN A 1 103 ? -3.132  24.601  -3.133  1.000 86.855  ? 85  GLN A OE1 1 ? 
ATOM   657  N NE2 . GLN A 1 103 ? -4.643  23.312  -4.170  1.000 79.749  ? 85  GLN A NE2 1 ? 
ATOM   658  N N   . LYS A 1 104 ? -0.805  19.052  -3.734  1.000 55.752  ? 86  LYS A N   1 ? 
ATOM   659  C CA  . LYS A 1 104 ? -0.572  17.581  -3.861  1.000 54.695  ? 86  LYS A CA  1 ? 
ATOM   660  C C   . LYS A 1 104 ? -0.835  16.913  -2.508  1.000 55.814  ? 86  LYS A C   1 ? 
ATOM   661  O O   . LYS A 1 104 ? 0.145   16.439  -1.841  1.000 53.172  ? 86  LYS A O   1 ? 
ATOM   662  C CB  . LYS A 1 104 ? 0.852   17.296  -4.339  1.000 56.310  ? 86  LYS A CB  1 ? 
ATOM   663  C CG  . LYS A 1 104 ? 1.060   17.441  -5.834  1.000 64.752  ? 86  LYS A CG  1 ? 
ATOM   664  C CD  . LYS A 1 104 ? 0.773   16.146  -6.555  1.000 65.789  ? 86  LYS A CD  1 ? 
ATOM   665  C CE  . LYS A 1 104 ? 1.162   16.158  -8.014  1.000 64.121  ? 86  LYS A CE  1 ? 
ATOM   666  N NZ  . LYS A 1 104 ? 0.084   15.567  -8.838  1.000 63.366  ? 86  LYS A NZ  1 ? 
ATOM   667  N N   . ASN A 1 105 ? -2.110  16.902  -2.113  1.000 49.715  ? 87  ASN A N   1 ? 
ATOM   668  C CA  . ASN A 1 105 ? -2.564  16.526  -0.747  1.000 48.568  ? 87  ASN A CA  1 ? 
ATOM   669  C C   . ASN A 1 105 ? -3.136  15.104  -0.784  1.000 43.030  ? 87  ASN A C   1 ? 
ATOM   670  O O   . ASN A 1 105 ? -3.710  14.663  0.264   1.000 49.998  ? 87  ASN A O   1 ? 
ATOM   671  C CB  . ASN A 1 105 ? -3.608  17.508  -0.198  1.000 50.056  ? 87  ASN A CB  1 ? 
ATOM   672  C CG  . ASN A 1 105 ? -4.964  17.329  -0.859  1.000 53.540  ? 87  ASN A CG  1 ? 
ATOM   673  O OD1 . ASN A 1 105 ? -5.063  17.348  -2.082  1.000 54.954  ? 87  ASN A OD1 1 ? 
ATOM   674  N ND2 . ASN A 1 105 ? -5.996  17.064  -0.074  1.000 61.734  ? 87  ASN A ND2 1 ? 
ATOM   675  N N   . LYS A 1 106 ? -3.045  14.422  -1.931  1.000 36.553  ? 88  LYS A N   1 ? 
ATOM   676  C CA  . LYS A 1 106 ? -3.697  13.097  -2.106  1.000 45.712  ? 88  LYS A CA  1 ? 
ATOM   677  C C   . LYS A 1 106 ? -2.642  12.004  -2.294  1.000 43.767  ? 88  LYS A C   1 ? 
ATOM   678  O O   . LYS A 1 106 ? -1.781  12.130  -3.216  1.000 38.313  ? 88  LYS A O   1 ? 
ATOM   679  C CB  . LYS A 1 106 ? -4.691  13.145  -3.262  1.000 50.582  ? 88  LYS A CB  1 ? 
ATOM   680  C CG  . LYS A 1 106 ? -5.809  14.149  -3.030  1.000 54.925  ? 88  LYS A CG  1 ? 
ATOM   681  C CD  . LYS A 1 106 ? -6.900  14.149  -4.080  1.000 59.972  ? 88  LYS A CD  1 ? 
ATOM   682  C CE  . LYS A 1 106 ? -8.207  14.641  -3.490  1.000 66.802  ? 88  LYS A CE  1 ? 
ATOM   683  N NZ  . LYS A 1 106 ? -9.219  14.925  -4.535  1.000 69.876  ? 88  LYS A NZ  1 ? 
ATOM   684  N N   . PHE A 1 107 ? -2.779  10.938  -1.496  1.000 37.711  ? 89  PHE A N   1 ? 
ATOM   685  C CA  . PHE A 1 107 ? -1.772  9.860   -1.356  1.000 38.102  ? 89  PHE A CA  1 ? 
ATOM   686  C C   . PHE A 1 107 ? -2.425  8.507   -1.447  1.000 41.047  ? 89  PHE A C   1 ? 
ATOM   687  O O   . PHE A 1 107 ? -3.443  8.235   -0.776  1.000 39.152  ? 89  PHE A O   1 ? 
ATOM   688  C CB  . PHE A 1 107 ? -0.974  9.974   -0.060  1.000 37.054  ? 89  PHE A CB  1 ? 
ATOM   689  C CG  . PHE A 1 107 ? -0.216  11.273  -0.005  1.000 39.854  ? 89  PHE A CG  1 ? 
ATOM   690  C CD1 . PHE A 1 107 ? 0.991   11.410  -0.658  1.000 43.082  ? 89  PHE A CD1 1 ? 
ATOM   691  C CD2 . PHE A 1 107 ? -0.765  12.389  0.611   1.000 43.542  ? 89  PHE A CD2 1 ? 
ATOM   692  C CE1 . PHE A 1 107 ? 1.680   12.617  -0.634  1.000 44.443  ? 89  PHE A CE1 1 ? 
ATOM   693  C CE2 . PHE A 1 107 ? -0.076  13.593  0.634   1.000 44.196  ? 89  PHE A CE2 1 ? 
ATOM   694  C CZ  . PHE A 1 107 ? 1.134   13.704  -0.004  1.000 44.514  ? 89  PHE A CZ  1 ? 
ATOM   695  N N   . LEU A 1 108 ? -1.740  7.708   -2.245  1.000 35.395  ? 90  LEU A N   1 ? 
ATOM   696  C CA  . LEU A 1 108 ? -1.997  6.291   -2.540  1.000 40.076  ? 90  LEU A CA  1 ? 
ATOM   697  C C   . LEU A 1 108 ? -0.882  5.504   -1.852  1.000 42.873  ? 90  LEU A C   1 ? 
ATOM   698  O O   . LEU A 1 108 ? 0.317   5.707   -2.226  1.000 42.608  ? 90  LEU A O   1 ? 
ATOM   699  C CB  . LEU A 1 108 ? -1.932  6.208   -4.067  1.000 45.761  ? 90  LEU A CB  1 ? 
ATOM   700  C CG  . LEU A 1 108 ? -2.849  5.202   -4.715  1.000 46.564  ? 90  LEU A CG  1 ? 
ATOM   701  C CD1 . LEU A 1 108 ? -4.295  5.551   -4.430  1.000 46.555  ? 90  LEU A CD1 1 ? 
ATOM   702  C CD2 . LEU A 1 108 ? -2.557  5.130   -6.209  1.000 46.140  ? 90  LEU A CD2 1 ? 
ATOM   703  N N   . ILE A 1 109 ? -1.222  4.712   -0.842  1.000 35.456  ? 91  ILE A N   1 ? 
ATOM   704  C CA  . ILE A 1 109 ? -0.207  3.975   -0.038  1.000 37.411  ? 91  ILE A CA  1 ? 
ATOM   705  C C   . ILE A 1 109 ? -0.402  2.484   -0.257  1.000 41.169  ? 91  ILE A C   1 ? 
ATOM   706  O O   . ILE A 1 109 ? -1.527  2.006   0.021   1.000 37.056  ? 91  ILE A O   1 ? 
ATOM   707  C CB  . ILE A 1 109 ? -0.277  4.367   1.442   1.000 36.495  ? 91  ILE A CB  1 ? 
ATOM   708  C CG1 . ILE A 1 109 ? 0.001   5.866   1.603   1.000 40.331  ? 91  ILE A CG1 1 ? 
ATOM   709  C CG2 . ILE A 1 109 ? 0.646   3.501   2.280   1.000 37.574  ? 91  ILE A CG2 1 ? 
ATOM   710  C CD1 . ILE A 1 109 ? -0.144  6.370   3.017   1.000 42.344  ? 91  ILE A CD1 1 ? 
ATOM   711  N N   . ASP A 1 110 ? 0.647   1.785   -0.723  1.000 37.875  ? 92  ASP A N   1 ? 
ATOM   712  C CA  . ASP A 1 110 ? 0.654   0.299   -0.805  1.000 37.920  ? 92  ASP A CA  1 ? 
ATOM   713  C C   . ASP A 1 110 ? 1.789   -0.203  0.076   1.000 36.343  ? 92  ASP A C   1 ? 
ATOM   714  O O   . ASP A 1 110 ? 2.630   0.596   0.549   1.000 36.555  ? 92  ASP A O   1 ? 
ATOM   715  C CB  . ASP A 1 110 ? 0.707   -0.191  -2.262  1.000 45.421  ? 92  ASP A CB  1 ? 
ATOM   716  C CG  . ASP A 1 110 ? 2.097   -0.083  -2.847  1.000 50.480  ? 92  ASP A CG  1 ? 
ATOM   717  O OD1 . ASP A 1 110 ? 2.938   -0.911  -2.486  1.000 69.160  ? 92  ASP A OD1 1 ? 
ATOM   718  O OD2 . ASP A 1 110 ? 2.355   0.870   -3.556  1.000 61.467  ? 92  ASP A OD2 1 ? 
ATOM   719  N N   . GLY A 1 111 ? 1.769   -1.497  0.340   1.000 34.142  ? 93  GLY A N   1 ? 
ATOM   720  C CA  . GLY A 1 111 ? 2.703   -2.175  1.246   1.000 34.053  ? 93  GLY A CA  1 ? 
ATOM   721  C C   . GLY A 1 111 ? 2.428   -1.864  2.707   1.000 41.242  ? 93  GLY A C   1 ? 
ATOM   722  O O   . GLY A 1 111 ? 3.179   -2.374  3.555   1.000 35.207  ? 93  GLY A O   1 ? 
ATOM   723  N N   . PHE A 1 112 ? 1.359   -1.114  2.995   1.000 39.448  ? 94  PHE A N   1 ? 
ATOM   724  C CA  . PHE A 1 112 ? 0.949   -0.743  4.364   1.000 39.037  ? 94  PHE A CA  1 ? 
ATOM   725  C C   . PHE A 1 112 ? -0.549  -0.422  4.375   1.000 38.576  ? 94  PHE A C   1 ? 
ATOM   726  O O   . PHE A 1 112 ? -1.016  0.216   3.449   1.000 38.575  ? 94  PHE A O   1 ? 
ATOM   727  C CB  . PHE A 1 112 ? 1.763   0.459   4.828   1.000 37.571  ? 94  PHE A CB  1 ? 
ATOM   728  C CG  . PHE A 1 112 ? 1.398   0.922   6.207   1.000 38.475  ? 94  PHE A CG  1 ? 
ATOM   729  C CD1 . PHE A 1 112 ? 0.310   1.757   6.402   1.000 41.005  ? 94  PHE A CD1 1 ? 
ATOM   730  C CD2 . PHE A 1 112 ? 2.108   0.478   7.310   1.000 41.289  ? 94  PHE A CD2 1 ? 
ATOM   731  C CE1 . PHE A 1 112 ? -0.062  2.139   7.678   1.000 39.661  ? 94  PHE A CE1 1 ? 
ATOM   732  C CE2 . PHE A 1 112 ? 1.722   0.856   8.588   1.000 39.132  ? 94  PHE A CE2 1 ? 
ATOM   733  C CZ  . PHE A 1 112 ? 0.648   1.687   8.765   1.000 38.649  ? 94  PHE A CZ  1 ? 
ATOM   734  N N   . PRO A 1 113 ? -1.345  -0.785  5.412   1.000 36.370  ? 95  PRO A N   1 ? 
ATOM   735  C CA  . PRO A 1 113 ? -0.889  -1.594  6.543   1.000 36.995  ? 95  PRO A CA  1 ? 
ATOM   736  C C   . PRO A 1 113 ? -0.872  -3.096  6.182   1.000 36.942  ? 95  PRO A C   1 ? 
ATOM   737  O O   . PRO A 1 113 ? -1.663  -3.507  5.372   1.000 38.648  ? 95  PRO A O   1 ? 
ATOM   738  C CB  . PRO A 1 113 ? -1.937  -1.278  7.618   1.000 37.865  ? 95  PRO A CB  1 ? 
ATOM   739  C CG  . PRO A 1 113 ? -3.211  -1.030  6.844   1.000 37.141  ? 95  PRO A CG  1 ? 
ATOM   740  C CD  . PRO A 1 113 ? -2.763  -0.404  5.541   1.000 38.561  ? 95  PRO A CD  1 ? 
ATOM   741  N N   . ARG A 1 114 ? -0.010  -3.895  6.800   1.000 41.321  ? 96  ARG A N   1 ? 
ATOM   742  C CA  . ARG A 1 114 ? 0.078   -5.361  6.516   1.000 42.255  ? 96  ARG A CA  1 ? 
ATOM   743  C C   . ARG A 1 114 ? -0.791  -6.184  7.480   1.000 37.901  ? 96  ARG A C   1 ? 
ATOM   744  O O   . ARG A 1 114 ? -1.055  -7.336  7.152   1.000 44.477  ? 96  ARG A O   1 ? 
ATOM   745  C CB  . ARG A 1 114 ? 1.539   -5.821  6.554   1.000 48.386  ? 96  ARG A CB  1 ? 
ATOM   746  C CG  . ARG A 1 114 ? 2.492   -4.832  5.888   1.000 61.669  ? 96  ARG A CG  1 ? 
ATOM   747  C CD  . ARG A 1 114 ? 3.817   -5.382  5.378   1.000 67.484  ? 96  ARG A CD  1 ? 
ATOM   748  N NE  . ARG A 1 114 ? 3.642   -6.666  4.702   1.000 78.591  ? 96  ARG A NE  1 ? 
ATOM   749  C CZ  . ARG A 1 114 ? 2.914   -6.866  3.594   1.000 80.129  ? 96  ARG A CZ  1 ? 
ATOM   750  N NH1 . ARG A 1 114 ? 2.275   -5.865  3.005   1.000 95.044  ? 96  ARG A NH1 1 ? 
ATOM   751  N NH2 . ARG A 1 114 ? 2.822   -8.078  3.076   1.000 70.140  ? 96  ARG A NH2 1 ? 
ATOM   752  N N   . ASN A 1 115 ? -1.156  -5.647  8.647   1.000 37.235  ? 97  ASN A N   1 ? 
ATOM   753  C CA  . ASN A 1 115 ? -1.876  -6.367  9.732   1.000 37.619  ? 97  ASN A CA  1 ? 
ATOM   754  C C   . ASN A 1 115 ? -2.580  -5.337  10.600  1.000 40.722  ? 97  ASN A C   1 ? 
ATOM   755  O O   . ASN A 1 115 ? -2.320  -4.145  10.414  1.000 36.641  ? 97  ASN A O   1 ? 
ATOM   756  C CB  . ASN A 1 115 ? -0.958  -7.281  10.559  1.000 37.252  ? 97  ASN A CB  1 ? 
ATOM   757  C CG  . ASN A 1 115 ? 0.184   -6.541  11.221  1.000 40.374  ? 97  ASN A CG  1 ? 
ATOM   758  O OD1 . ASN A 1 115 ? 0.013   -5.478  11.833  1.000 41.551  ? 97  ASN A OD1 1 ? 
ATOM   759  N ND2 . ASN A 1 115 ? 1.377   -7.074  11.066  1.000 42.832  ? 97  ASN A ND2 1 ? 
ATOM   760  N N   . GLN A 1 116 ? -3.458  -5.771  11.506  1.000 43.326  ? 98  GLN A N   1 ? 
ATOM   761  C CA  . GLN A 1 116 ? -4.318  -4.831  12.265  1.000 47.166  ? 98  GLN A CA  1 ? 
ATOM   762  C C   . GLN A 1 116 ? -3.480  -4.087  13.295  1.000 47.172  ? 98  GLN A C   1 ? 
ATOM   763  O O   . GLN A 1 116 ? -3.804  -2.917  13.541  1.000 41.398  ? 98  GLN A O   1 ? 
ATOM   764  C CB  . GLN A 1 116 ? -5.547  -5.524  12.874  1.000 54.383  ? 98  GLN A CB  1 ? 
ATOM   765  C CG  . GLN A 1 116 ? -5.280  -6.415  14.072  1.000 56.356  ? 98  GLN A CG  1 ? 
ATOM   766  C CD  . GLN A 1 116 ? -6.511  -7.212  14.457  1.000 58.919  ? 98  GLN A CD  1 ? 
ATOM   767  O OE1 . GLN A 1 116 ? -6.419  -8.297  15.011  1.000 65.526  ? 98  GLN A OE1 1 ? 
ATOM   768  N NE2 . GLN A 1 116 ? -7.684  -6.700  14.128  1.000 62.698  ? 98  GLN A NE2 1 ? 
ATOM   769  N N   . ASP A 1 117 ? -2.423  -4.693  13.846  1.000 46.394  ? 99  ASP A N   1 ? 
ATOM   770  C CA  . ASP A 1 117 ? -1.503  -3.938  14.749  1.000 48.911  ? 99  ASP A CA  1 ? 
ATOM   771  C C   . ASP A 1 117 ? -0.873  -2.752  13.994  1.000 47.000  ? 99  ASP A C   1 ? 
ATOM   772  O O   . ASP A 1 117 ? -0.906  -1.650  14.562  1.000 43.231  ? 99  ASP A O   1 ? 
ATOM   773  C CB  . ASP A 1 117 ? -0.487  -4.867  15.420  1.000 54.721  ? 99  ASP A CB  1 ? 
ATOM   774  C CG  . ASP A 1 117 ? -1.139  -5.892  16.342  1.000 64.679  ? 99  ASP A CG  1 ? 
ATOM   775  O OD1 . ASP A 1 117 ? -2.378  -5.812  16.585  1.000 68.906  ? 99  ASP A OD1 1 ? 
ATOM   776  O OD2 . ASP A 1 117 ? -0.431  -6.796  16.775  1.000 81.406  ? 99  ASP A OD2 1 ? 
ATOM   777  N N   . ASN A 1 118 ? -0.344  -2.942  12.770  1.000 40.579  ? 100 ASN A N   1 ? 
ATOM   778  C CA  . ASN A 1 118 ? 0.159   -1.839  11.904  1.000 41.099  ? 100 ASN A CA  1 ? 
ATOM   779  C C   . ASN A 1 118 ? -0.925  -0.738  11.792  1.000 39.264  ? 100 ASN A C   1 ? 
ATOM   780  O O   . ASN A 1 118 ? -0.613  0.446   11.916  1.000 42.470  ? 100 ASN A O   1 ? 
ATOM   781  C CB  . ASN A 1 118 ? 0.410   -2.248  10.442  1.000 45.048  ? 100 ASN A CB  1 ? 
ATOM   782  C CG  . ASN A 1 118 ? 1.679   -2.999  10.095  1.000 49.192  ? 100 ASN A CG  1 ? 
ATOM   783  O OD1 . ASN A 1 118 ? 1.947   -3.223  8.888   1.000 49.142  ? 100 ASN A OD1 1 ? 
ATOM   784  N ND2 . ASN A 1 118 ? 2.428   -3.411  11.101  1.000 39.691  ? 100 ASN A ND2 1 ? 
ATOM   785  N N   . LEU A 1 119 ? -2.160  -1.116  11.488  1.000 38.786  ? 101 LEU A N   1 ? 
ATOM   786  C CA  . LEU A 1 119 ? -3.258  -0.151  11.221  1.000 39.612  ? 101 LEU A CA  1 ? 
ATOM   787  C C   . LEU A 1 119 ? -3.592  0.632   12.499  1.000 36.866  ? 101 LEU A C   1 ? 
ATOM   788  O O   . LEU A 1 119 ? -3.847  1.856   12.391  1.000 37.773  ? 101 LEU A O   1 ? 
ATOM   789  C CB  . LEU A 1 119 ? -4.495  -0.880  10.707  1.000 39.494  ? 101 LEU A CB  1 ? 
ATOM   790  C CG  . LEU A 1 119 ? -5.705  0.036   10.535  1.000 42.331  ? 101 LEU A CG  1 ? 
ATOM   791  C CD1 . LEU A 1 119 ? -5.385  1.213   9.616   1.000 43.049  ? 101 LEU A CD1 1 ? 
ATOM   792  C CD2 . LEU A 1 119 ? -6.871  -0.764  10.025  1.000 49.510  ? 101 LEU A CD2 1 ? 
ATOM   793  N N   . GLN A 1 120 ? -3.518  -0.027  13.647  1.000 37.347  ? 102 GLN A N   1 ? 
ATOM   794  C CA  . GLN A 1 120 ? -3.782  0.604   14.974  1.000 45.746  ? 102 GLN A CA  1 ? 
ATOM   795  C C   . GLN A 1 120 ? -2.707  1.654   15.248  1.000 48.127  ? 102 GLN A C   1 ? 
ATOM   796  O O   . GLN A 1 120 ? -3.071  2.767   15.709  1.000 39.014  ? 102 GLN A O   1 ? 
ATOM   797  C CB  . GLN A 1 120 ? -3.790  -0.425  16.100  1.000 50.674  ? 102 GLN A CB  1 ? 
ATOM   798  C CG  . GLN A 1 120 ? -4.356  0.149   17.401  1.000 58.190  ? 102 GLN A CG  1 ? 
ATOM   799  C CD  . GLN A 1 120 ? -4.487  -0.869  18.506  1.000 62.787  ? 102 GLN A CD  1 ? 
ATOM   800  O OE1 . GLN A 1 120 ? -3.785  -1.876  18.532  1.000 71.153  ? 102 GLN A OE1 1 ? 
ATOM   801  N NE2 . GLN A 1 120 ? -5.380  -0.608  19.445  1.000 68.975  ? 102 GLN A NE2 1 ? 
ATOM   802  N N   . GLY A 1 121 ? -1.439  1.325   14.936  1.000 40.556  ? 103 GLY A N   1 ? 
ATOM   803  C CA  . GLY A 1 121 ? -0.314  2.280   15.030  1.000 39.139  ? 103 GLY A CA  1 ? 
ATOM   804  C C   . GLY A 1 121 ? -0.562  3.505   14.159  1.000 40.059  ? 103 GLY A C   1 ? 
ATOM   805  O O   . GLY A 1 121 ? -0.432  4.657   14.656  1.000 37.926  ? 103 GLY A O   1 ? 
ATOM   806  N N   . TRP A 1 122 ? -1.026  3.283   12.928  1.000 40.807  ? 104 TRP A N   1 ? 
ATOM   807  C CA  . TRP A 1 122 ? -1.418  4.393   12.017  1.000 41.023  ? 104 TRP A CA  1 ? 
ATOM   808  C C   . TRP A 1 122 ? -2.513  5.243   12.684  1.000 39.765  ? 104 TRP A C   1 ? 
ATOM   809  O O   . TRP A 1 122 ? -2.336  6.463   12.758  1.000 42.275  ? 104 TRP A O   1 ? 
ATOM   810  C CB  . TRP A 1 122 ? -1.877  3.869   10.652  1.000 39.867  ? 104 TRP A CB  1 ? 
ATOM   811  C CG  . TRP A 1 122 ? -2.380  4.986   9.800   1.000 38.606  ? 104 TRP A CG  1 ? 
ATOM   812  C CD1 . TRP A 1 122 ? -3.651  5.477   9.758   1.000 40.113  ? 104 TRP A CD1 1 ? 
ATOM   813  C CD2 . TRP A 1 122 ? -1.614  5.766   8.868   1.000 40.266  ? 104 TRP A CD2 1 ? 
ATOM   814  N NE1 . TRP A 1 122 ? -3.717  6.530   8.883   1.000 43.156  ? 104 TRP A NE1 1 ? 
ATOM   815  C CE2 . TRP A 1 122 ? -2.489  6.732   8.326   1.000 40.843  ? 104 TRP A CE2 1 ? 
ATOM   816  C CE3 . TRP A 1 122 ? -0.280  5.746   8.448   1.000 40.072  ? 104 TRP A CE3 1 ? 
ATOM   817  C CZ2 . TRP A 1 122 ? -2.078  7.660   7.379   1.000 43.195  ? 104 TRP A CZ2 1 ? 
ATOM   818  C CZ3 . TRP A 1 122 ? 0.125   6.657   7.504   1.000 37.811  ? 104 TRP A CZ3 1 ? 
ATOM   819  C CH2 . TRP A 1 122 ? -0.758  7.608   6.991   1.000 44.465  ? 104 TRP A CH2 1 ? 
ATOM   820  N N   . ASN A 1 123 ? -3.601  4.620   13.135  1.000 38.699  ? 105 ASN A N   1 ? 
ATOM   821  C CA  . ASN A 1 123 ? -4.803  5.335   13.655  1.000 46.054  ? 105 ASN A CA  1 ? 
ATOM   822  C C   . ASN A 1 123 ? -4.419  6.119   14.923  1.000 45.172  ? 105 ASN A C   1 ? 
ATOM   823  O O   . ASN A 1 123 ? -4.727  7.324   14.986  1.000 41.690  ? 105 ASN A O   1 ? 
ATOM   824  C CB  . ASN A 1 123 ? -5.985  4.385   13.902  1.000 43.230  ? 105 ASN A CB  1 ? 
ATOM   825  C CG  . ASN A 1 123 ? -6.598  3.890   12.612  1.000 44.655  ? 105 ASN A CG  1 ? 
ATOM   826  O OD1 . ASN A 1 123 ? -6.603  4.613   11.618  1.000 42.959  ? 105 ASN A OD1 1 ? 
ATOM   827  N ND2 . ASN A 1 123 ? -7.145  2.681   12.633  1.000 43.359  ? 105 ASN A ND2 1 ? 
ATOM   828  N N   . LYS A 1 124 ? -3.668  5.506   15.834  1.000 45.496  ? 106 LYS A N   1 ? 
ATOM   829  C CA  . LYS A 1 124 ? -3.193  6.188   17.068  1.000 47.559  ? 106 LYS A CA  1 ? 
ATOM   830  C C   . LYS A 1 124 ? -2.227  7.336   16.743  1.000 51.216  ? 106 LYS A C   1 ? 
ATOM   831  O O   . LYS A 1 124 ? -2.346  8.410   17.396  1.000 59.771  ? 106 LYS A O   1 ? 
ATOM   832  C CB  . LYS A 1 124 ? -2.581  5.163   18.018  1.000 49.184  ? 106 LYS A CB  1 ? 
ATOM   833  C CG  . LYS A 1 124 ? -3.599  4.214   18.624  1.000 57.207  ? 106 LYS A CG  1 ? 
ATOM   834  C CD  . LYS A 1 124 ? -3.100  3.426   19.804  1.000 64.382  ? 106 LYS A CD  1 ? 
ATOM   835  C CE  . LYS A 1 124 ? -4.175  2.499   20.333  1.000 75.052  ? 106 LYS A CE  1 ? 
ATOM   836  N NZ  . LYS A 1 124 ? -3.702  1.668   21.464  1.000 79.176  ? 106 LYS A NZ  1 ? 
ATOM   837  N N   . THR A 1 125 ? -1.301  7.174   15.792  1.000 43.579  ? 107 THR A N   1 ? 
ATOM   838  C CA  . THR A 1 125 ? -0.228  8.182   15.559  1.000 43.012  ? 107 THR A CA  1 ? 
ATOM   839  C C   . THR A 1 125 ? -0.680  9.270   14.576  1.000 42.915  ? 107 THR A C   1 ? 
ATOM   840  O O   . THR A 1 125 ? -0.204  10.394  14.685  1.000 42.458  ? 107 THR A O   1 ? 
ATOM   841  C CB  . THR A 1 125 ? 1.083   7.555   15.073  1.000 46.270  ? 107 THR A CB  1 ? 
ATOM   842  O OG1 . THR A 1 125 ? 0.854   6.867   13.843  1.000 40.340  ? 107 THR A OG1 1 ? 
ATOM   843  C CG2 . THR A 1 125 ? 1.695   6.628   16.097  1.000 43.802  ? 107 THR A CG2 1 ? 
ATOM   844  N N   . MET A 1 126 ? -1.528  8.956   13.607  1.000 46.584  ? 108 MET A N   1 ? 
ATOM   845  C CA  . MET A 1 126 ? -1.817  9.907   12.505  1.000 45.459  ? 108 MET A CA  1 ? 
ATOM   846  C C   . MET A 1 126 ? -3.215  10.525  12.683  1.000 47.202  ? 108 MET A C   1 ? 
ATOM   847  O O   . MET A 1 126 ? -3.610  11.313  11.826  1.000 44.769  ? 108 MET A O   1 ? 
ATOM   848  C CB  . MET A 1 126 ? -1.712  9.188   11.158  1.000 47.769  ? 108 MET A CB  1 ? 
ATOM   849  C CG  . MET A 1 126 ? -0.305  8.666   10.880  1.000 44.981  ? 108 MET A CG  1 ? 
ATOM   850  S SD  . MET A 1 126 ? 0.852   10.051  10.731  1.000 48.230  ? 108 MET A SD  1 ? 
ATOM   851  C CE  . MET A 1 126 ? 0.416   10.658  9.112   1.000 45.554  ? 108 MET A CE  1 ? 
ATOM   852  N N   . ASP A 1 127 ? -3.937  10.204  13.753  1.000 56.590  ? 109 ASP A N   1 ? 
ATOM   853  C CA  . ASP A 1 127 ? -5.221  10.897  14.059  1.000 64.365  ? 109 ASP A CA  1 ? 
ATOM   854  C C   . ASP A 1 127 ? -4.974  12.417  14.090  1.000 54.542  ? 109 ASP A C   1 ? 
ATOM   855  O O   . ASP A 1 127 ? -4.069  12.892  14.816  1.000 54.432  ? 109 ASP A O   1 ? 
ATOM   856  C CB  . ASP A 1 127 ? -5.862  10.438  15.372  1.000 65.137  ? 109 ASP A CB  1 ? 
ATOM   857  C CG  . ASP A 1 127 ? -7.275  10.987  15.533  1.000 75.794  ? 109 ASP A CG  1 ? 
ATOM   858  O OD1 . ASP A 1 127 ? -8.128  10.729  14.630  1.000 69.522  ? 109 ASP A OD1 1 ? 
ATOM   859  O OD2 . ASP A 1 127 ? -7.507  11.703  16.533  1.000 81.781  ? 109 ASP A OD2 1 ? 
ATOM   860  N N   . GLY A 1 128 ? -5.730  13.156  13.295  1.000 56.921  ? 110 GLY A N   1 ? 
ATOM   861  C CA  . GLY A 1 128 ? -5.562  14.613  13.164  1.000 60.899  ? 110 GLY A CA  1 ? 
ATOM   862  C C   . GLY A 1 128 ? -4.430  15.011  12.221  1.000 61.259  ? 110 GLY A C   1 ? 
ATOM   863  O O   . GLY A 1 128 ? -4.276  16.214  12.046  1.000 60.450  ? 110 GLY A O   1 ? 
ATOM   864  N N   . LYS A 1 129 ? -3.662  14.080  11.618  1.000 53.416  ? 111 LYS A N   1 ? 
ATOM   865  C CA  . LYS A 1 129 ? -2.592  14.439  10.635  1.000 53.313  ? 111 LYS A CA  1 ? 
ATOM   866  C C   . LYS A 1 129 ? -2.991  14.009  9.220   1.000 56.381  ? 111 LYS A C   1 ? 
ATOM   867  O O   . LYS A 1 129 ? -2.401  14.555  8.279   1.000 62.020  ? 111 LYS A O   1 ? 
ATOM   868  C CB  . LYS A 1 129 ? -1.244  13.781  10.956  1.000 56.322  ? 111 LYS A CB  1 ? 
ATOM   869  C CG  . LYS A 1 129 ? -0.884  13.697  12.430  1.000 60.982  ? 111 LYS A CG  1 ? 
ATOM   870  C CD  . LYS A 1 129 ? -0.086  14.856  12.892  1.000 61.785  ? 111 LYS A CD  1 ? 
ATOM   871  C CE  . LYS A 1 129 ? 0.155   14.793  14.381  1.000 63.575  ? 111 LYS A CE  1 ? 
ATOM   872  N NZ  . LYS A 1 129 ? 1.092   15.858  14.780  1.000 61.742  ? 111 LYS A NZ  1 ? 
ATOM   873  N N   . ALA A 1 130 ? -3.899  13.034  9.072   1.000 55.245  ? 112 ALA A N   1 ? 
ATOM   874  C CA  . ALA A 1 130 ? -4.315  12.477  7.760   1.000 51.187  ? 112 ALA A CA  1 ? 
ATOM   875  C C   . ALA A 1 130 ? -5.700  11.836  7.874   1.000 44.414  ? 112 ALA A C   1 ? 
ATOM   876  O O   . ALA A 1 130 ? -6.036  11.280  8.924   1.000 50.090  ? 112 ALA A O   1 ? 
ATOM   877  C CB  . ALA A 1 130 ? -3.282  11.480  7.288   1.000 46.291  ? 112 ALA A CB  1 ? 
ATOM   878  N N   . ASP A 1 131 ? -6.494  11.919  6.817   1.000 45.314  ? 113 ASP A N   1 ? 
ATOM   879  C CA  . ASP A 1 131 ? -7.778  11.185  6.723   1.000 46.672  ? 113 ASP A CA  1 ? 
ATOM   880  C C   . ASP A 1 131 ? -7.605  10.069  5.703   1.000 41.725  ? 113 ASP A C   1 ? 
ATOM   881  O O   . ASP A 1 131 ? -7.110  10.353  4.604   1.000 46.705  ? 113 ASP A O   1 ? 
ATOM   882  C CB  . ASP A 1 131 ? -8.909  12.132  6.309   1.000 56.076  ? 113 ASP A CB  1 ? 
ATOM   883  C CG  . ASP A 1 131 ? -9.150  13.241  7.321   1.000 59.583  ? 113 ASP A CG  1 ? 
ATOM   884  O OD1 . ASP A 1 131 ? -9.015  12.969  8.526   1.000 59.075  ? 113 ASP A OD1 1 ? 
ATOM   885  O OD2 . ASP A 1 131 ? -9.466  14.364  6.895   1.000 67.628  ? 113 ASP A OD2 1 ? 
ATOM   886  N N   . VAL A 1 132 ? -8.032  8.867   6.057   1.000 42.299  ? 114 VAL A N   1 ? 
ATOM   887  C CA  . VAL A 1 132 ? -8.189  7.737   5.104   1.000 43.735  ? 114 VAL A CA  1 ? 
ATOM   888  C C   . VAL A 1 132 ? -9.562  7.895   4.466   1.000 44.509  ? 114 VAL A C   1 ? 
ATOM   889  O O   . VAL A 1 132 ? -10.566 7.663   5.191   1.000 44.026  ? 114 VAL A O   1 ? 
ATOM   890  C CB  . VAL A 1 132 ? -8.023  6.375   5.796   1.000 40.505  ? 114 VAL A CB  1 ? 
ATOM   891  C CG1 . VAL A 1 132 ? -8.162  5.233   4.801   1.000 42.771  ? 114 VAL A CG1 1 ? 
ATOM   892  C CG2 . VAL A 1 132 ? -6.703  6.289   6.550   1.000 43.455  ? 114 VAL A CG2 1 ? 
ATOM   893  N N   . SER A 1 133 ? -9.581  8.326   3.202   1.000 44.024  ? 115 SER A N   1 ? 
ATOM   894  C CA  . SER A 1 133 ? -10.789 8.560   2.370   1.000 44.381  ? 115 SER A CA  1 ? 
ATOM   895  C C   . SER A 1 133 ? -11.487 7.226   2.219   1.000 46.145  ? 115 SER A C   1 ? 
ATOM   896  O O   . SER A 1 133 ? -12.666 7.104   2.569   1.000 48.009  ? 115 SER A O   1 ? 
ATOM   897  C CB  . SER A 1 133 ? -10.430 9.125   1.023   1.000 44.022  ? 115 SER A CB  1 ? 
ATOM   898  O OG  . SER A 1 133 ? -9.630  10.283  1.151   1.000 46.474  ? 115 SER A OG  1 ? 
ATOM   899  N N   . PHE A 1 134 ? -10.744 6.245   1.732   1.000 40.761  ? 116 PHE A N   1 ? 
ATOM   900  C CA  . PHE A 1 134 ? -11.245 4.868   1.523   1.000 42.204  ? 116 PHE A CA  1 ? 
ATOM   901  C C   . PHE A 1 134 ? -10.054 3.956   1.256   1.000 40.990  ? 116 PHE A C   1 ? 
ATOM   902  O O   . PHE A 1 134 ? -8.894  4.440   1.194   1.000 42.227  ? 116 PHE A O   1 ? 
ATOM   903  C CB  . PHE A 1 134 ? -12.246 4.814   0.363   1.000 41.456  ? 116 PHE A CB  1 ? 
ATOM   904  C CG  . PHE A 1 134 ? -11.743 5.446   -0.906  1.000 44.392  ? 116 PHE A CG  1 ? 
ATOM   905  C CD1 . PHE A 1 134 ? -11.928 6.798   -1.145  1.000 45.554  ? 116 PHE A CD1 1 ? 
ATOM   906  C CD2 . PHE A 1 134 ? -11.093 4.684   -1.867  1.000 41.826  ? 116 PHE A CD2 1 ? 
ATOM   907  C CE1 . PHE A 1 134 ? -11.462 7.386   -2.310  1.000 46.718  ? 116 PHE A CE1 1 ? 
ATOM   908  C CE2 . PHE A 1 134 ? -10.608 5.277   -3.024  1.000 41.641  ? 116 PHE A CE2 1 ? 
ATOM   909  C CZ  . PHE A 1 134 ? -10.794 6.621   -3.242  1.000 48.103  ? 116 PHE A CZ  1 ? 
ATOM   910  N N   . VAL A 1 135 ? -10.374 2.682   1.085   1.000 40.299  ? 117 VAL A N   1 ? 
ATOM   911  C CA  . VAL A 1 135 ? -9.424  1.564   0.883   1.000 45.027  ? 117 VAL A CA  1 ? 
ATOM   912  C C   . VAL A 1 135 ? -9.837  0.847   -0.402  1.000 46.227  ? 117 VAL A C   1 ? 
ATOM   913  O O   . VAL A 1 135 ? -11.036 0.610   -0.562  1.000 45.030  ? 117 VAL A O   1 ? 
ATOM   914  C CB  . VAL A 1 135 ? -9.480  0.691   2.141   1.000 54.417  ? 117 VAL A CB  1 ? 
ATOM   915  C CG1 . VAL A 1 135 ? -9.291  -0.789  1.878   1.000 58.686  ? 117 VAL A CG1 1 ? 
ATOM   916  C CG2 . VAL A 1 135 ? -8.513  1.233   3.174   1.000 56.074  ? 117 VAL A CG2 1 ? 
ATOM   917  N N   . LEU A 1 136 ? -8.886  0.653   -1.318  1.000 35.623  ? 118 LEU A N   1 ? 
ATOM   918  C CA  . LEU A 1 136 ? -9.048  -0.130  -2.570  1.000 38.421  ? 118 LEU A CA  1 ? 
ATOM   919  C C   . LEU A 1 136 ? -8.667  -1.564  -2.255  1.000 39.814  ? 118 LEU A C   1 ? 
ATOM   920  O O   . LEU A 1 136 ? -7.559  -1.757  -1.764  1.000 48.553  ? 118 LEU A O   1 ? 
ATOM   921  C CB  . LEU A 1 136 ? -8.078  0.393   -3.629  1.000 42.870  ? 118 LEU A CB  1 ? 
ATOM   922  C CG  . LEU A 1 136 ? -8.513  1.564   -4.484  1.000 51.250  ? 118 LEU A CG  1 ? 
ATOM   923  C CD1 . LEU A 1 136 ? -7.510  1.748   -5.616  1.000 48.354  ? 118 LEU A CD1 1 ? 
ATOM   924  C CD2 . LEU A 1 136 ? -9.912  1.335   -5.032  1.000 52.604  ? 118 LEU A CD2 1 ? 
ATOM   925  N N   . PHE A 1 137 ? -9.552  -2.519  -2.466  1.000 38.638  ? 119 PHE A N   1 ? 
ATOM   926  C CA  . PHE A 1 137 ? -9.262  -3.949  -2.262  1.000 40.912  ? 119 PHE A CA  1 ? 
ATOM   927  C C   . PHE A 1 137 ? -9.322  -4.642  -3.623  1.000 42.893  ? 119 PHE A C   1 ? 
ATOM   928  O O   . PHE A 1 137 ? -10.430 -4.892  -4.167  1.000 42.217  ? 119 PHE A O   1 ? 
ATOM   929  C CB  . PHE A 1 137 ? -10.197 -4.567  -1.216  1.000 47.886  ? 119 PHE A CB  1 ? 
ATOM   930  C CG  . PHE A 1 137 ? -9.973  -6.044  -1.025  1.000 50.725  ? 119 PHE A CG  1 ? 
ATOM   931  C CD1 . PHE A 1 137 ? -8.696  -6.579  -1.076  1.000 49.956  ? 119 PHE A CD1 1 ? 
ATOM   932  C CD2 . PHE A 1 137 ? -11.034 -6.908  -0.805  1.000 57.205  ? 119 PHE A CD2 1 ? 
ATOM   933  C CE1 . PHE A 1 137 ? -8.478  -7.942  -0.910  1.000 54.256  ? 119 PHE A CE1 1 ? 
ATOM   934  C CE2 . PHE A 1 137 ? -10.819 -8.273  -0.643  1.000 59.769  ? 119 PHE A CE2 1 ? 
ATOM   935  C CZ  . PHE A 1 137 ? -9.540  -8.788  -0.688  1.000 56.712  ? 119 PHE A CZ  1 ? 
ATOM   936  N N   . PHE A 1 138 ? -8.138  -4.955  -4.158  1.000 39.750  ? 120 PHE A N   1 ? 
ATOM   937  C CA  . PHE A 1 138 ? -7.963  -5.649  -5.442  1.000 41.757  ? 120 PHE A CA  1 ? 
ATOM   938  C C   . PHE A 1 138 ? -8.114  -7.115  -5.115  1.000 41.716  ? 120 PHE A C   1 ? 
ATOM   939  O O   . PHE A 1 138 ? -7.229  -7.599  -4.438  1.000 43.463  ? 120 PHE A O   1 ? 
ATOM   940  C CB  . PHE A 1 138 ? -6.614  -5.296  -6.064  1.000 41.714  ? 120 PHE A CB  1 ? 
ATOM   941  C CG  . PHE A 1 138 ? -6.600  -3.921  -6.655  1.000 42.798  ? 120 PHE A CG  1 ? 
ATOM   942  C CD1 . PHE A 1 138 ? -7.237  -3.668  -7.855  1.000 51.044  ? 120 PHE A CD1 1 ? 
ATOM   943  C CD2 . PHE A 1 138 ? -6.061  -2.855  -5.962  1.000 42.033  ? 120 PHE A CD2 1 ? 
ATOM   944  C CE1 . PHE A 1 138 ? -7.298  -2.377  -8.363  1.000 49.679  ? 120 PHE A CE1 1 ? 
ATOM   945  C CE2 . PHE A 1 138 ? -6.072  -1.580  -6.497  1.000 43.375  ? 120 PHE A CE2 1 ? 
ATOM   946  C CZ  . PHE A 1 138 ? -6.691  -1.339  -7.696  1.000 45.321  ? 120 PHE A CZ  1 ? 
ATOM   947  N N   . ASP A 1 139 ? -9.250  -7.717  -5.488  1.000 44.800  ? 121 ASP A N   1 ? 
ATOM   948  C CA  . ASP A 1 139 ? -9.597  -9.107  -5.089  1.000 51.904  ? 121 ASP A CA  1 ? 
ATOM   949  C C   . ASP A 1 139 ? -9.803  -9.987  -6.331  1.000 48.568  ? 121 ASP A C   1 ? 
ATOM   950  O O   . ASP A 1 139 ? -10.497 -9.575  -7.283  1.000 47.932  ? 121 ASP A O   1 ? 
ATOM   951  C CB  . ASP A 1 139 ? -10.835 -9.112  -4.195  1.000 62.088  ? 121 ASP A CB  1 ? 
ATOM   952  C CG  . ASP A 1 139 ? -11.168 -10.491 -3.653  1.000 69.827  ? 121 ASP A CG  1 ? 
ATOM   953  O OD1 . ASP A 1 139 ? -10.285 -11.114 -2.998  1.000 73.124  ? 121 ASP A OD1 1 ? 
ATOM   954  O OD2 . ASP A 1 139 ? -12.292 -10.932 -3.909  1.000 71.747  ? 121 ASP A OD2 1 ? 
ATOM   955  N N   . CYS A 1 140 ? -9.182  -11.157 -6.339  1.000 51.084  ? 122 CYS A N   1 ? 
ATOM   956  C CA  . CYS A 1 140 ? -9.386  -12.218 -7.373  1.000 56.917  ? 122 CYS A CA  1 ? 
ATOM   957  C C   . CYS A 1 140 ? -8.813  -13.532 -6.833  1.000 57.327  ? 122 CYS A C   1 ? 
ATOM   958  O O   . CYS A 1 140 ? -8.239  -13.521 -5.705  1.000 47.634  ? 122 CYS A O   1 ? 
ATOM   959  C CB  . CYS A 1 140 ? -8.801  -11.849 -8.741  1.000 56.653  ? 122 CYS A CB  1 ? 
ATOM   960  S SG  . CYS A 1 140 ? -6.994  -11.912 -8.880  1.000 57.392  ? 122 CYS A SG  1 ? 
ATOM   961  N N   . ASN A 1 141 ? -8.993  -14.644 -7.548  1.000 54.866  ? 123 ASN A N   1 ? 
ATOM   962  C CA  . ASN A 1 141 ? -8.631  -15.957 -6.953  1.000 53.171  ? 123 ASN A CA  1 ? 
ATOM   963  C C   . ASN A 1 141 ? -7.101  -16.044 -6.946  1.000 45.745  ? 123 ASN A C   1 ? 
ATOM   964  O O   . ASN A 1 141 ? -6.443  -15.336 -7.730  1.000 53.405  ? 123 ASN A O   1 ? 
ATOM   965  C CB  . ASN A 1 141 ? -9.350  -17.123 -7.636  1.000 56.730  ? 123 ASN A CB  1 ? 
ATOM   966  C CG  . ASN A 1 141 ? -8.826  -17.401 -9.027  1.000 58.947  ? 123 ASN A CG  1 ? 
ATOM   967  O OD1 . ASN A 1 141 ? -7.619  -17.512 -9.230  1.000 55.665  ? 123 ASN A OD1 1 ? 
ATOM   968  N ND2 . ASN A 1 141 ? -9.730  -17.570 -9.979  1.000 63.304  ? 123 ASN A ND2 1 ? 
ATOM   969  N N   . ASN A 1 142 ? -6.575  -16.861 -6.050  1.000 45.733  ? 124 ASN A N   1 ? 
ATOM   970  C CA  . ASN A 1 142 ? -5.128  -17.076 -5.809  1.000 50.596  ? 124 ASN A CA  1 ? 
ATOM   971  C C   . ASN A 1 142 ? -4.433  -17.418 -7.128  1.000 49.765  ? 124 ASN A C   1 ? 
ATOM   972  O O   . ASN A 1 142 ? -3.284  -16.953 -7.361  1.000 49.239  ? 124 ASN A O   1 ? 
ATOM   973  C CB  . ASN A 1 142 ? -4.912  -18.178 -4.763  1.000 55.021  ? 124 ASN A CB  1 ? 
ATOM   974  C CG  . ASN A 1 142 ? -5.254  -17.750 -3.343  1.000 56.582  ? 124 ASN A CG  1 ? 
ATOM   975  O OD1 . ASN A 1 142 ? -5.961  -16.768 -3.133  1.000 50.346  ? 124 ASN A OD1 1 ? 
ATOM   976  N ND2 . ASN A 1 142 ? -4.732  -18.470 -2.363  1.000 62.683  ? 124 ASN A ND2 1 ? 
ATOM   977  N N   . GLU A 1 143 ? -5.072  -18.235 -7.959  1.000 43.793  ? 125 GLU A N   1 ? 
ATOM   978  C CA  . GLU A 1 143 ? -4.377  -18.838 -9.123  1.000 49.007  ? 125 GLU A CA  1 ? 
ATOM   979  C C   . GLU A 1 143 ? -4.006  -17.751 -10.135 1.000 42.882  ? 125 GLU A C   1 ? 
ATOM   980  O O   . GLU A 1 143 ? -2.898  -17.854 -10.716 1.000 42.791  ? 125 GLU A O   1 ? 
ATOM   981  C CB  . GLU A 1 143 ? -5.224  -19.951 -9.750  1.000 51.467  ? 125 GLU A CB  1 ? 
ATOM   982  C CG  . GLU A 1 143 ? -4.563  -20.558 -10.968 1.000 53.278  ? 125 GLU A CG  1 ? 
ATOM   983  C CD  . GLU A 1 143 ? -3.194  -21.167 -10.707 1.000 51.445  ? 125 GLU A CD  1 ? 
ATOM   984  O OE1 . GLU A 1 143 ? -2.955  -21.663 -9.563  1.000 47.945  ? 125 GLU A OE1 1 ? 
ATOM   985  O OE2 . GLU A 1 143 ? -2.378  -21.168 -11.649 1.000 50.767  ? 125 GLU A OE2 1 ? 
ATOM   986  N N   . ILE A 1 144 ? -4.907  -16.793 -10.387 1.000 41.303  ? 126 ILE A N   1 ? 
ATOM   987  C CA  . ILE A 1 144 ? -4.644  -15.663 -11.331 1.000 44.024  ? 126 ILE A CA  1 ? 
ATOM   988  C C   . ILE A 1 144 ? -3.437  -14.867 -10.800 1.000 48.627  ? 126 ILE A C   1 ? 
ATOM   989  O O   . ILE A 1 144 ? -2.462  -14.617 -11.572 1.000 44.623  ? 126 ILE A O   1 ? 
ATOM   990  C CB  . ILE A 1 144 ? -5.912  -14.797 -11.508 1.000 50.142  ? 126 ILE A CB  1 ? 
ATOM   991  C CG1 . ILE A 1 144 ? -7.017  -15.550 -12.257 1.000 56.454  ? 126 ILE A CG1 1 ? 
ATOM   992  C CG2 . ILE A 1 144 ? -5.579  -13.488 -12.209 1.000 49.068  ? 126 ILE A CG2 1 ? 
ATOM   993  C CD1 . ILE A 1 144 ? -8.372  -14.882 -12.187 1.000 59.171  ? 126 ILE A CD1 1 ? 
ATOM   994  N N   . CYS A 1 145 ? -3.447  -14.539 -9.502  1.000 43.630  ? 127 CYS A N   1 ? 
ATOM   995  C CA  . CYS A 1 145 ? -2.322  -13.825 -8.828  1.000 44.769  ? 127 CYS A CA  1 ? 
ATOM   996  C C   . CYS A 1 145 ? -1.033  -14.618 -8.947  1.000 46.020  ? 127 CYS A C   1 ? 
ATOM   997  O O   . CYS A 1 145 ? -0.016  -13.999 -9.339  1.000 48.077  ? 127 CYS A O   1 ? 
ATOM   998  C CB  . CYS A 1 145 ? -2.604  -13.606 -7.352  1.000 44.257  ? 127 CYS A CB  1 ? 
ATOM   999  S SG  . CYS A 1 145 ? -4.004  -12.490 -7.150  1.000 50.213  ? 127 CYS A SG  1 ? 
ATOM   1000 N N   . ILE A 1 146 ? -1.078  -15.928 -8.643  1.000 40.854  ? 128 ILE A N   1 ? 
ATOM   1001 C CA  . ILE A 1 146 ? 0.126   -16.808 -8.729  1.000 38.763  ? 128 ILE A CA  1 ? 
ATOM   1002 C C   . ILE A 1 146 ? 0.684   -16.733 -10.155 1.000 38.825  ? 128 ILE A C   1 ? 
ATOM   1003 O O   . ILE A 1 146 ? 1.906   -16.532 -10.284 1.000 40.904  ? 128 ILE A O   1 ? 
ATOM   1004 C CB  . ILE A 1 146 ? -0.161  -18.251 -8.273  1.000 43.753  ? 128 ILE A CB  1 ? 
ATOM   1005 C CG1 . ILE A 1 146 ? -0.482  -18.309 -6.779  1.000 44.443  ? 128 ILE A CG1 1 ? 
ATOM   1006 C CG2 . ILE A 1 146 ? 0.992   -19.194 -8.623  1.000 47.191  ? 128 ILE A CG2 1 ? 
ATOM   1007 C CD1 . ILE A 1 146 ? -1.043  -19.641 -6.305  1.000 49.253  ? 128 ILE A CD1 1 ? 
ATOM   1008 N N   . GLU A 1 147 ? -0.158  -16.845 -11.189 1.000 43.057  ? 129 GLU A N   1 ? 
ATOM   1009 C CA  . GLU A 1 147 ? 0.349   -16.923 -12.597 1.000 49.292  ? 129 GLU A CA  1 ? 
ATOM   1010 C C   . GLU A 1 147 ? 0.890   -15.557 -13.028 1.000 44.378  ? 129 GLU A C   1 ? 
ATOM   1011 O O   . GLU A 1 147 ? 1.933   -15.508 -13.703 1.000 43.064  ? 129 GLU A O   1 ? 
ATOM   1012 C CB  . GLU A 1 147 ? -0.711  -17.450 -13.568 1.000 53.662  ? 129 GLU A CB  1 ? 
ATOM   1013 C CG  . GLU A 1 147 ? -1.000  -18.935 -13.376 1.000 60.131  ? 129 GLU A CG  1 ? 
ATOM   1014 C CD  . GLU A 1 147 ? -1.859  -19.546 -14.476 1.000 72.006  ? 129 GLU A CD  1 ? 
ATOM   1015 O OE1 . GLU A 1 147 ? -1.716  -19.072 -15.626 1.000 70.063  ? 129 GLU A OE1 1 ? 
ATOM   1016 O OE2 . GLU A 1 147 ? -2.707  -20.467 -14.183 1.000 66.297  ? 129 GLU A OE2 1 ? 
ATOM   1017 N N   . ARG A 1 148 ? 0.249   -14.453 -12.665 1.000 44.779  ? 130 ARG A N   1 ? 
ATOM   1018 C CA  . ARG A 1 148 ? 0.829   -13.138 -13.041 1.000 45.755  ? 130 ARG A CA  1 ? 
ATOM   1019 C C   . ARG A 1 148 ? 2.253   -13.024 -12.490 1.000 45.759  ? 130 ARG A C   1 ? 
ATOM   1020 O O   . ARG A 1 148 ? 3.138   -12.617 -13.250 1.000 48.864  ? 130 ARG A O   1 ? 
ATOM   1021 C CB  . ARG A 1 148 ? -0.059  -12.016 -12.531 1.000 48.894  ? 130 ARG A CB  1 ? 
ATOM   1022 C CG  . ARG A 1 148 ? -1.389  -11.991 -13.249 1.000 49.753  ? 130 ARG A CG  1 ? 
ATOM   1023 C CD  . ARG A 1 148 ? -2.234  -10.944 -12.600 1.000 49.775  ? 130 ARG A CD  1 ? 
ATOM   1024 N NE  . ARG A 1 148 ? -3.481  -10.780 -13.318 1.000 50.144  ? 130 ARG A NE  1 ? 
ATOM   1025 C CZ  . ARG A 1 148 ? -4.596  -10.287 -12.773 1.000 55.029  ? 130 ARG A CZ  1 ? 
ATOM   1026 N NH1 . ARG A 1 148 ? -4.640  -9.949  -11.487 1.000 49.379  ? 130 ARG A NH1 1 ? 
ATOM   1027 N NH2 . ARG A 1 148 ? -5.684  -10.189 -13.509 1.000 51.907  ? 130 ARG A NH2 1 ? 
ATOM   1028 N N   . CYS A 1 149 ? 2.454   -13.340 -11.205 1.000 44.474  ? 131 CYS A N   1 ? 
ATOM   1029 C CA  . CYS A 1 149 ? 3.777   -13.283 -10.538 1.000 45.727  ? 131 CYS A CA  1 ? 
ATOM   1030 C C   . CYS A 1 149 ? 4.741   -14.237 -11.249 1.000 47.343  ? 131 CYS A C   1 ? 
ATOM   1031 O O   . CYS A 1 149 ? 5.871   -13.794 -11.556 1.000 47.633  ? 131 CYS A O   1 ? 
ATOM   1032 C CB  . CYS A 1 149 ? 3.688   -13.634 -9.058  1.000 45.447  ? 131 CYS A CB  1 ? 
ATOM   1033 S SG  . CYS A 1 149 ? 2.732   -12.426 -8.093  1.000 47.814  ? 131 CYS A SG  1 ? 
ATOM   1034 N N   . LEU A 1 150 ? 4.311   -15.471 -11.537 1.000 43.892  ? 132 LEU A N   1 ? 
ATOM   1035 C CA  . LEU A 1 150 ? 5.189   -16.464 -12.229 1.000 50.606  ? 132 LEU A CA  1 ? 
ATOM   1036 C C   . LEU A 1 150 ? 5.555   -15.929 -13.618 1.000 49.723  ? 132 LEU A C   1 ? 
ATOM   1037 O O   . LEU A 1 150 ? 6.746   -15.915 -13.929 1.000 52.540  ? 132 LEU A O   1 ? 
ATOM   1038 C CB  . LEU A 1 150 ? 4.502   -17.829 -12.349 1.000 49.826  ? 132 LEU A CB  1 ? 
ATOM   1039 C CG  . LEU A 1 150 ? 4.342   -18.663 -11.069 1.000 51.604  ? 132 LEU A CG  1 ? 
ATOM   1040 C CD1 . LEU A 1 150 ? 3.663   -19.992 -11.410 1.000 54.573  ? 132 LEU A CD1 1 ? 
ATOM   1041 C CD2 . LEU A 1 150 ? 5.675   -18.912 -10.367 1.000 50.379  ? 132 LEU A CD2 1 ? 
ATOM   1042 N N   . GLU A 1 151 ? 4.567   -15.489 -14.406 1.000 50.805  ? 133 GLU A N   1 ? 
ATOM   1043 C CA  . GLU A 1 151 ? 4.773   -14.961 -15.781 1.000 54.553  ? 133 GLU A CA  1 ? 
ATOM   1044 C C   . GLU A 1 151 ? 5.779   -13.810 -15.715 1.000 58.345  ? 133 GLU A C   1 ? 
ATOM   1045 O O   . GLU A 1 151 ? 6.719   -13.796 -16.526 1.000 55.507  ? 133 GLU A O   1 ? 
ATOM   1046 C CB  . GLU A 1 151 ? 3.467   -14.452 -16.389 1.000 58.567  ? 133 GLU A CB  1 ? 
ATOM   1047 C CG  . GLU A 1 151 ? 2.481   -15.551 -16.762 1.000 69.146  ? 133 GLU A CG  1 ? 
ATOM   1048 C CD  . GLU A 1 151 ? 1.117   -15.059 -17.243 1.000 76.988  ? 133 GLU A CD  1 ? 
ATOM   1049 O OE1 . GLU A 1 151 ? 0.312   -15.919 -17.643 1.000 76.357  ? 133 GLU A OE1 1 ? 
ATOM   1050 O OE2 . GLU A 1 151 ? 0.855   -13.816 -17.201 1.000 73.942  ? 133 GLU A OE2 1 ? 
ATOM   1051 N N   . ARG A 1 152 ? 5.573   -12.884 -14.781 1.000 53.837  ? 134 ARG A N   1 ? 
ATOM   1052 C CA  . ARG A 1 152 ? 6.452   -11.703 -14.591 1.000 62.477  ? 134 ARG A CA  1 ? 
ATOM   1053 C C   . ARG A 1 152 ? 7.872   -12.196 -14.328 1.000 63.894  ? 134 ARG A C   1 ? 
ATOM   1054 O O   . ARG A 1 152 ? 8.816   -11.674 -14.945 1.000 61.664  ? 134 ARG A O   1 ? 
ATOM   1055 C CB  . ARG A 1 152 ? 5.967   -10.834 -13.420 1.000 61.509  ? 134 ARG A CB  1 ? 
ATOM   1056 C CG  . ARG A 1 152 ? 5.157   -9.630  -13.865 1.000 65.906  ? 134 ARG A CG  1 ? 
ATOM   1057 C CD  . ARG A 1 152 ? 3.819   -9.415  -13.186 1.000 61.731  ? 134 ARG A CD  1 ? 
ATOM   1058 N NE  . ARG A 1 152 ? 3.914   -9.019  -11.804 1.000 60.487  ? 134 ARG A NE  1 ? 
ATOM   1059 C CZ  . ARG A 1 152 ? 2.913   -8.486  -11.084 1.000 53.906  ? 134 ARG A CZ  1 ? 
ATOM   1060 N NH1 . ARG A 1 152 ? 1.735   -8.229  -11.622 1.000 54.915  ? 134 ARG A NH1 1 ? 
ATOM   1061 N NH2 . ARG A 1 152 ? 3.117   -8.206  -9.816  1.000 51.849  ? 134 ARG A NH2 1 ? 
ATOM   1062 N N   . GLY A 1 153 ? 8.012   -13.160 -13.420 1.000 63.074  ? 135 GLY A N   1 ? 
ATOM   1063 C CA  . GLY A 1 153 ? 9.329   -13.698 -13.047 1.000 65.577  ? 135 GLY A CA  1 ? 
ATOM   1064 C C   . GLY A 1 153 ? 9.976   -14.359 -14.248 1.000 68.905  ? 135 GLY A C   1 ? 
ATOM   1065 O O   . GLY A 1 153 ? 11.133  -14.023 -14.561 1.000 63.644  ? 135 GLY A O   1 ? 
ATOM   1066 N N   . LYS A 1 154 ? 9.224   -15.253 -14.901 1.000 71.281  ? 136 LYS A N   1 ? 
ATOM   1067 C CA  . LYS A 1 154 ? 9.643   -16.002 -16.121 1.000 76.185  ? 136 LYS A CA  1 ? 
ATOM   1068 C C   . LYS A 1 154 ? 10.150  -14.980 -17.151 1.000 68.803  ? 136 LYS A C   1 ? 
ATOM   1069 O O   . LYS A 1 154 ? 11.329  -15.048 -17.499 1.000 76.631  ? 136 LYS A O   1 ? 
ATOM   1070 C CB  . LYS A 1 154 ? 8.495   -16.914 -16.578 1.000 80.920  ? 136 LYS A CB  1 ? 
ATOM   1071 C CG  . LYS A 1 154 ? 8.361   -17.187 -18.073 1.000 95.625  ? 136 LYS A CG  1 ? 
ATOM   1072 C CD  . LYS A 1 154 ? 9.423   -18.095 -18.650 1.000 96.572  ? 136 LYS A CD  1 ? 
ATOM   1073 C CE  . LYS A 1 154 ? 9.333   -18.176 -20.160 1.000 98.272  ? 136 LYS A CE  1 ? 
ATOM   1074 N NZ  . LYS A 1 154 ? 10.639  -18.466 -20.800 1.000 100.986 ? 136 LYS A NZ  1 ? 
ATOM   1075 N N   . SER A 1 155 ? 9.320   -14.004 -17.516 1.000 69.788  ? 137 SER A N   1 ? 
ATOM   1076 C CA  . SER A 1 155 ? 9.561   -13.051 -18.633 1.000 73.100  ? 137 SER A CA  1 ? 
ATOM   1077 C C   . SER A 1 155 ? 10.692  -12.063 -18.276 1.000 72.160  ? 137 SER A C   1 ? 
ATOM   1078 O O   . SER A 1 155 ? 11.335  -11.535 -19.194 1.000 59.575  ? 137 SER A O   1 ? 
ATOM   1079 C CB  . SER A 1 155 ? 8.268   -12.367 -19.044 1.000 76.197  ? 137 SER A CB  1 ? 
ATOM   1080 O OG  . SER A 1 155 ? 7.374   -13.300 -19.668 1.000 64.944  ? 137 SER A OG  1 ? 
ATOM   1081 N N   . SER A 1 156 ? 10.959  -11.828 -16.994 1.000 72.169  ? 138 SER A N   1 ? 
ATOM   1082 C CA  . SER A 1 156 ? 12.270  -11.311 -16.535 1.000 72.640  ? 138 SER A CA  1 ? 
ATOM   1083 C C   . SER A 1 156 ? 13.150  -12.527 -16.237 1.000 66.176  ? 138 SER A C   1 ? 
ATOM   1084 O O   . SER A 1 156 ? 14.347  -12.386 -16.428 1.000 62.145  ? 138 SER A O   1 ? 
ATOM   1085 C CB  . SER A 1 156 ? 12.136  -10.427 -15.343 1.000 68.252  ? 138 SER A CB  1 ? 
ATOM   1086 O OG  . SER A 1 156 ? 12.196  -11.233 -14.181 1.000 72.667  ? 138 SER A OG  1 ? 
ATOM   1087 N N   . ASP A 1 161 ? 10.700  -16.544 -7.087  1.000 83.017  ? 143 ASP A N   1 ? 
ATOM   1088 C CA  . ASP A 1 161 ? 9.580   -17.224 -6.377  1.000 82.623  ? 143 ASP A CA  1 ? 
ATOM   1089 C C   . ASP A 1 161 ? 9.113   -18.431 -7.188  1.000 75.861  ? 143 ASP A C   1 ? 
ATOM   1090 O O   . ASP A 1 161 ? 9.019   -18.330 -8.414  1.000 78.076  ? 143 ASP A O   1 ? 
ATOM   1091 C CB  . ASP A 1 161 ? 8.384   -16.298 -6.139  1.000 87.089  ? 143 ASP A CB  1 ? 
ATOM   1092 C CG  . ASP A 1 161 ? 8.447   -15.547 -4.823  1.000 94.746  ? 143 ASP A CG  1 ? 
ATOM   1093 O OD1 . ASP A 1 161 ? 9.144   -14.524 -4.789  1.000 99.475  ? 143 ASP A OD1 1 ? 
ATOM   1094 O OD2 . ASP A 1 161 ? 7.809   -16.000 -3.837  1.000 90.691  ? 143 ASP A OD2 1 ? 
ATOM   1095 N N   . ASN A 1 162 ? 8.809   -19.536 -6.520  1.000 69.866  ? 144 ASN A N   1 ? 
ATOM   1096 C CA  . ASN A 1 162 ? 8.073   -20.646 -7.162  1.000 66.987  ? 144 ASN A CA  1 ? 
ATOM   1097 C C   . ASN A 1 162 ? 6.624   -20.593 -6.646  1.000 59.454  ? 144 ASN A C   1 ? 
ATOM   1098 O O   . ASN A 1 162 ? 6.331   -19.784 -5.728  1.000 54.499  ? 144 ASN A O   1 ? 
ATOM   1099 C CB  . ASN A 1 162 ? 8.811   -21.969 -6.960  1.000 65.707  ? 144 ASN A CB  1 ? 
ATOM   1100 C CG  . ASN A 1 162 ? 8.351   -22.710 -5.730  1.000 69.913  ? 144 ASN A CG  1 ? 
ATOM   1101 O OD1 . ASN A 1 162 ? 7.818   -23.815 -5.852  1.000 84.416  ? 144 ASN A OD1 1 ? 
ATOM   1102 N ND2 . ASN A 1 162 ? 8.511   -22.099 -4.561  1.000 57.673  ? 144 ASN A ND2 1 ? 
ATOM   1103 N N   . ARG A 1 163 ? 5.768   -21.421 -7.239  1.000 53.221  ? 145 ARG A N   1 ? 
ATOM   1104 C CA  . ARG A 1 163 ? 4.308   -21.545 -6.981  1.000 57.847  ? 145 ARG A CA  1 ? 
ATOM   1105 C C   . ARG A 1 163 ? 4.001   -21.670 -5.484  1.000 58.491  ? 145 ARG A C   1 ? 
ATOM   1106 O O   . ARG A 1 163 ? 3.076   -20.968 -4.994  1.000 53.601  ? 145 ARG A O   1 ? 
ATOM   1107 C CB  . ARG A 1 163 ? 3.767   -22.788 -7.686  1.000 58.215  ? 145 ARG A CB  1 ? 
ATOM   1108 C CG  . ARG A 1 163 ? 2.331   -23.144 -7.326  1.000 55.431  ? 145 ARG A CG  1 ? 
ATOM   1109 C CD  . ARG A 1 163 ? 1.792   -24.124 -8.338  1.000 56.541  ? 145 ARG A CD  1 ? 
ATOM   1110 N NE  . ARG A 1 163 ? 1.537   -23.452 -9.607  1.000 58.029  ? 145 ARG A NE  1 ? 
ATOM   1111 C CZ  . ARG A 1 163 ? 0.386   -22.867 -9.939  1.000 56.445  ? 145 ARG A CZ  1 ? 
ATOM   1112 N NH1 . ARG A 1 163 ? -0.632  -22.862 -9.098  1.000 53.999  ? 145 ARG A NH1 1 ? 
ATOM   1113 N NH2 . ARG A 1 163 ? 0.249   -22.288 -11.119 1.000 56.300  ? 145 ARG A NH2 1 ? 
ATOM   1114 N N   . GLU A 1 164 ? 4.699   -22.564 -4.790  1.000 52.821  ? 146 GLU A N   1 ? 
ATOM   1115 C CA  . GLU A 1 164 ? 4.378   -22.881 -3.379  1.000 62.538  ? 146 GLU A CA  1 ? 
ATOM   1116 C C   . GLU A 1 164 ? 4.761   -21.667 -2.515  1.000 54.356  ? 146 GLU A C   1 ? 
ATOM   1117 O O   . GLU A 1 164 ? 3.995   -21.378 -1.600  1.000 48.401  ? 146 GLU A O   1 ? 
ATOM   1118 C CB  . GLU A 1 164 ? 4.956   -24.248 -2.983  1.000 63.101  ? 146 GLU A CB  1 ? 
ATOM   1119 C CG  . GLU A 1 164 ? 6.436   -24.251 -2.665  1.000 79.257  ? 146 GLU A CG  1 ? 
ATOM   1120 C CD  . GLU A 1 164 ? 6.952   -25.573 -2.098  1.000 87.939  ? 146 GLU A CD  1 ? 
ATOM   1121 O OE1 . GLU A 1 164 ? 6.585   -25.923 -0.938  1.000 72.685  ? 146 GLU A OE1 1 ? 
ATOM   1122 O OE2 . GLU A 1 164 ? 7.713   -26.261 -2.821  1.000 92.057  ? 146 GLU A OE2 1 ? 
ATOM   1123 N N   . SER A 1 165 ? 5.812   -20.914 -2.856  1.000 49.764  ? 147 SER A N   1 ? 
ATOM   1124 C CA  . SER A 1 165 ? 6.190   -19.685 -2.113  1.000 53.862  ? 147 SER A CA  1 ? 
ATOM   1125 C C   . SER A 1 165 ? 5.095   -18.633 -2.277  1.000 51.776  ? 147 SER A C   1 ? 
ATOM   1126 O O   . SER A 1 165 ? 4.814   -17.948 -1.311  1.000 48.894  ? 147 SER A O   1 ? 
ATOM   1127 C CB  . SER A 1 165 ? 7.500   -19.111 -2.561  1.000 58.513  ? 147 SER A CB  1 ? 
ATOM   1128 O OG  . SER A 1 165 ? 8.567   -19.905 -2.095  1.000 72.084  ? 147 SER A OG  1 ? 
ATOM   1129 N N   . LEU A 1 166 ? 4.585   -18.470 -3.497  1.000 47.664  ? 148 LEU A N   1 ? 
ATOM   1130 C CA  . LEU A 1 166 ? 3.603   -17.422 -3.839  1.000 45.198  ? 148 LEU A CA  1 ? 
ATOM   1131 C C   . LEU A 1 166 ? 2.300   -17.794 -3.167  1.000 48.165  ? 148 LEU A C   1 ? 
ATOM   1132 O O   . LEU A 1 166 ? 1.673   -16.910 -2.557  1.000 41.746  ? 148 LEU A O   1 ? 
ATOM   1133 C CB  . LEU A 1 166 ? 3.454   -17.339 -5.357  1.000 49.544  ? 148 LEU A CB  1 ? 
ATOM   1134 C CG  . LEU A 1 166 ? 4.639   -16.717 -6.083  1.000 49.745  ? 148 LEU A CG  1 ? 
ATOM   1135 C CD1 . LEU A 1 166 ? 4.592   -17.033 -7.557  1.000 48.481  ? 148 LEU A CD1 1 ? 
ATOM   1136 C CD2 . LEU A 1 166 ? 4.694   -15.216 -5.863  1.000 52.153  ? 148 LEU A CD2 1 ? 
ATOM   1137 N N   . GLU A 1 167 ? 1.910   -19.062 -3.311  1.000 50.697  ? 149 GLU A N   1 ? 
ATOM   1138 C CA  . GLU A 1 167 ? 0.688   -19.626 -2.675  1.000 54.877  ? 149 GLU A CA  1 ? 
ATOM   1139 C C   . GLU A 1 167 ? 0.714   -19.259 -1.182  1.000 50.198  ? 149 GLU A C   1 ? 
ATOM   1140 O O   . GLU A 1 167 ? -0.297  -18.743 -0.664  1.000 48.749  ? 149 GLU A O   1 ? 
ATOM   1141 C CB  . GLU A 1 167 ? 0.625   -21.145 -2.896  1.000 58.141  ? 149 GLU A CB  1 ? 
ATOM   1142 C CG  . GLU A 1 167 ? -0.475  -21.838 -2.111  1.000 62.608  ? 149 GLU A CG  1 ? 
ATOM   1143 C CD  . GLU A 1 167 ? -1.860  -21.225 -2.284  1.000 71.444  ? 149 GLU A CD  1 ? 
ATOM   1144 O OE1 . GLU A 1 167 ? -2.656  -21.256 -1.318  1.000 82.750  ? 149 GLU A OE1 1 ? 
ATOM   1145 O OE2 . GLU A 1 167 ? -2.149  -20.722 -3.382  1.000 77.561  ? 149 GLU A OE2 1 ? 
ATOM   1146 N N   . LYS A 1 168 ? 1.829   -19.523 -0.507  1.000 50.840  ? 150 LYS A N   1 ? 
ATOM   1147 C CA  . LYS A 1 168 ? 1.987   -19.229 0.943   1.000 54.051  ? 150 LYS A CA  1 ? 
ATOM   1148 C C   . LYS A 1 168 ? 1.896   -17.709 1.189   1.000 51.257  ? 150 LYS A C   1 ? 
ATOM   1149 O O   . LYS A 1 168 ? 1.138   -17.316 2.124   1.000 46.286  ? 150 LYS A O   1 ? 
ATOM   1150 C CB  . LYS A 1 168 ? 3.286   -19.840 1.462   1.000 59.873  ? 150 LYS A CB  1 ? 
ATOM   1151 C CG  . LYS A 1 168 ? 3.506   -19.745 2.964   1.000 69.532  ? 150 LYS A CG  1 ? 
ATOM   1152 C CD  . LYS A 1 168 ? 4.728   -20.523 3.422   1.000 78.309  ? 150 LYS A CD  1 ? 
ATOM   1153 C CE  . LYS A 1 168 ? 5.548   -19.815 4.485   1.000 89.202  ? 150 LYS A CE  1 ? 
ATOM   1154 N NZ  . LYS A 1 168 ? 6.911   -20.388 4.591   1.000 88.253  ? 150 LYS A NZ  1 ? 
ATOM   1155 N N   . ARG A 1 169 ? 2.590   -16.871 0.403   1.000 45.793  ? 151 ARG A N   1 ? 
ATOM   1156 C CA  . ARG A 1 169 ? 2.550   -15.394 0.611   1.000 49.602  ? 151 ARG A CA  1 ? 
ATOM   1157 C C   . ARG A 1 169 ? 1.115   -14.908 0.412   1.000 48.905  ? 151 ARG A C   1 ? 
ATOM   1158 O O   . ARG A 1 169 ? 0.639   -14.149 1.248   1.000 44.510  ? 151 ARG A O   1 ? 
ATOM   1159 C CB  . ARG A 1 169 ? 3.440   -14.622 -0.353  1.000 56.645  ? 151 ARG A CB  1 ? 
ATOM   1160 C CG  . ARG A 1 169 ? 4.921   -14.890 -0.169  1.000 65.959  ? 151 ARG A CG  1 ? 
ATOM   1161 C CD  . ARG A 1 169 ? 5.688   -14.418 -1.385  1.000 71.735  ? 151 ARG A CD  1 ? 
ATOM   1162 N NE  . ARG A 1 169 ? 5.430   -13.006 -1.627  1.000 73.873  ? 151 ARG A NE  1 ? 
ATOM   1163 C CZ  . ARG A 1 169 ? 5.876   -12.328 -2.673  1.000 73.852  ? 151 ARG A CZ  1 ? 
ATOM   1164 N NH1 . ARG A 1 169 ? 6.609   -12.930 -3.601  1.000 73.095  ? 151 ARG A NH1 1 ? 
ATOM   1165 N NH2 . ARG A 1 169 ? 5.590   -11.043 -2.770  1.000 65.497  ? 151 ARG A NH2 1 ? 
ATOM   1166 N N   . ILE A 1 170 ? 0.410   -15.406 -0.609  1.000 48.362  ? 152 ILE A N   1 ? 
ATOM   1167 C CA  . ILE A 1 170 ? -0.977  -14.939 -0.876  1.000 46.528  ? 152 ILE A CA  1 ? 
ATOM   1168 C C   . ILE A 1 170 ? -1.865  -15.310 0.316   1.000 48.135  ? 152 ILE A C   1 ? 
ATOM   1169 O O   . ILE A 1 170 ? -2.659  -14.438 0.761   1.000 45.902  ? 152 ILE A O   1 ? 
ATOM   1170 C CB  . ILE A 1 170 ? -1.511  -15.449 -2.226  1.000 50.713  ? 152 ILE A CB  1 ? 
ATOM   1171 C CG1 . ILE A 1 170 ? -0.692  -14.882 -3.385  1.000 52.171  ? 152 ILE A CG1 1 ? 
ATOM   1172 C CG2 . ILE A 1 170 ? -2.972  -15.091 -2.385  1.000 49.614  ? 152 ILE A CG2 1 ? 
ATOM   1173 C CD1 . ILE A 1 170 ? -0.841  -15.651 -4.661  1.000 54.865  ? 152 ILE A CD1 1 ? 
ATOM   1174 N N   . GLN A 1 171 ? -1.731  -16.519 0.861   1.000 48.913  ? 153 GLN A N   1 ? 
ATOM   1175 C CA  . GLN A 1 171 ? -2.624  -16.959 1.972   1.000 51.235  ? 153 GLN A CA  1 ? 
ATOM   1176 C C   . GLN A 1 171 ? -2.313  -16.150 3.227   1.000 53.585  ? 153 GLN A C   1 ? 
ATOM   1177 O O   . GLN A 1 171 ? -3.248  -15.732 3.945   1.000 46.110  ? 153 GLN A O   1 ? 
ATOM   1178 C CB  . GLN A 1 171 ? -2.456  -18.432 2.350   1.000 58.873  ? 153 GLN A CB  1 ? 
ATOM   1179 C CG  . GLN A 1 171 ? -2.746  -19.407 1.216   1.000 66.407  ? 153 GLN A CG  1 ? 
ATOM   1180 C CD  . GLN A 1 171 ? -4.196  -19.493 0.803   1.000 75.549  ? 153 GLN A CD  1 ? 
ATOM   1181 O OE1 . GLN A 1 171 ? -4.955  -18.524 0.832   1.000 68.746  ? 153 GLN A OE1 1 ? 
ATOM   1182 N NE2 . GLN A 1 171 ? -4.583  -20.675 0.350   1.000 84.587  ? 153 GLN A NE2 1 ? 
ATOM   1183 N N   . THR A 1 172 ? -1.038  -15.958 3.539   1.000 50.175  ? 154 THR A N   1 ? 
ATOM   1184 C CA  . THR A 1 172 ? -0.691  -15.247 4.783   1.000 49.866  ? 154 THR A CA  1 ? 
ATOM   1185 C C   . THR A 1 172 ? -1.130  -13.785 4.606   1.000 50.862  ? 154 THR A C   1 ? 
ATOM   1186 O O   . THR A 1 172 ? -1.730  -13.250 5.564   1.000 49.065  ? 154 THR A O   1 ? 
ATOM   1187 C CB  . THR A 1 172 ? 0.743   -15.568 5.188   1.000 48.617  ? 154 THR A CB  1 ? 
ATOM   1188 O OG1 . THR A 1 172 ? 1.570   -14.989 4.192   1.000 66.457  ? 154 THR A OG1 1 ? 
ATOM   1189 C CG2 . THR A 1 172 ? 0.977   -17.054 5.266   1.000 51.050  ? 154 THR A CG2 1 ? 
ATOM   1190 N N   . TYR A 1 173 ? -0.977  -13.189 3.415   1.000 46.566  ? 155 TYR A N   1 ? 
ATOM   1191 C CA  . TYR A 1 173 ? -1.387  -11.773 3.192   1.000 44.534  ? 155 TYR A CA  1 ? 
ATOM   1192 C C   . TYR A 1 173 ? -2.902  -11.633 3.422   1.000 45.012  ? 155 TYR A C   1 ? 
ATOM   1193 O O   . TYR A 1 173 ? -3.344  -10.753 4.155   1.000 43.212  ? 155 TYR A O   1 ? 
ATOM   1194 C CB  . TYR A 1 173 ? -1.021  -11.278 1.797   1.000 44.172  ? 155 TYR A CB  1 ? 
ATOM   1195 C CG  . TYR A 1 173 ? -1.480  -9.860  1.551   1.000 41.350  ? 155 TYR A CG  1 ? 
ATOM   1196 C CD1 . TYR A 1 173 ? -0.639  -8.799  1.844   1.000 42.036  ? 155 TYR A CD1 1 ? 
ATOM   1197 C CD2 . TYR A 1 173 ? -2.747  -9.584  1.064   1.000 42.232  ? 155 TYR A CD2 1 ? 
ATOM   1198 C CE1 . TYR A 1 173 ? -1.047  -7.489  1.689   1.000 43.415  ? 155 TYR A CE1 1 ? 
ATOM   1199 C CE2 . TYR A 1 173 ? -3.183  -8.274  0.900   1.000 41.004  ? 155 TYR A CE2 1 ? 
ATOM   1200 C CZ  . TYR A 1 173 ? -2.325  -7.230  1.205   1.000 41.675  ? 155 TYR A CZ  1 ? 
ATOM   1201 O OH  . TYR A 1 173 ? -2.690  -5.937  1.010   1.000 43.523  ? 155 TYR A OH  1 ? 
ATOM   1202 N N   . LEU A 1 174 ? -3.708  -12.495 2.819   1.000 45.843  ? 156 LEU A N   1 ? 
ATOM   1203 C CA  . LEU A 1 174 ? -5.185  -12.380 2.944   1.000 46.615  ? 156 LEU A CA  1 ? 
ATOM   1204 C C   . LEU A 1 174 ? -5.589  -12.667 4.395   1.000 50.904  ? 156 LEU A C   1 ? 
ATOM   1205 O O   . LEU A 1 174 ? -6.489  -11.989 4.899   1.000 47.697  ? 156 LEU A O   1 ? 
ATOM   1206 C CB  . LEU A 1 174 ? -5.868  -13.332 1.962   1.000 51.838  ? 156 LEU A CB  1 ? 
ATOM   1207 C CG  . LEU A 1 174 ? -5.636  -13.041 0.476   1.000 58.803  ? 156 LEU A CG  1 ? 
ATOM   1208 C CD1 . LEU A 1 174 ? -6.449  -14.006 -0.374  1.000 63.746  ? 156 LEU A CD1 1 ? 
ATOM   1209 C CD2 . LEU A 1 174 ? -5.988  -11.594 0.093   1.000 63.347  ? 156 LEU A CD2 1 ? 
ATOM   1210 N N   . GLN A 1 175 ? -4.923  -13.605 5.063   1.000 46.042  ? 157 GLN A N   1 ? 
ATOM   1211 C CA  . GLN A 1 175 ? -5.176  -13.887 6.500   1.000 52.014  ? 157 GLN A CA  1 ? 
ATOM   1212 C C   . GLN A 1 175 ? -4.908  -12.613 7.304   1.000 50.689  ? 157 GLN A C   1 ? 
ATOM   1213 O O   . GLN A 1 175 ? -5.772  -12.178 8.095   1.000 46.438  ? 157 GLN A O   1 ? 
ATOM   1214 C CB  . GLN A 1 175 ? -4.218  -14.974 6.963   1.000 60.551  ? 157 GLN A CB  1 ? 
ATOM   1215 C CG  . GLN A 1 175 ? -4.726  -15.833 8.097   1.000 69.066  ? 157 GLN A CG  1 ? 
ATOM   1216 C CD  . GLN A 1 175 ? -3.978  -17.141 7.984   1.000 77.261  ? 157 GLN A CD  1 ? 
ATOM   1217 O OE1 . GLN A 1 175 ? -2.891  -17.303 8.537   1.000 79.078  ? 157 GLN A OE1 1 ? 
ATOM   1218 N NE2 . GLN A 1 175 ? -4.497  -18.035 7.157   1.000 79.544  ? 157 GLN A NE2 1 ? 
ATOM   1219 N N   . SER A 1 176 ? -3.757  -11.998 7.050   1.000 43.062  ? 158 SER A N   1 ? 
ATOM   1220 C CA  . SER A 1 176 ? -3.268  -10.779 7.753   1.000 47.368  ? 158 SER A CA  1 ? 
ATOM   1221 C C   . SER A 1 176 ? -4.197  -9.569  7.554   1.000 40.801  ? 158 SER A C   1 ? 
ATOM   1222 O O   . SER A 1 176 ? -4.330  -8.745  8.500   1.000 40.414  ? 158 SER A O   1 ? 
ATOM   1223 C CB  . SER A 1 176 ? -1.866  -10.425 7.292   1.000 44.827  ? 158 SER A CB  1 ? 
ATOM   1224 O OG  . SER A 1 176 ? -0.923  -11.096 8.098   1.000 52.610  ? 158 SER A OG  1 ? 
ATOM   1225 N N   . THR A 1 177 ? -4.692  -9.359  6.339   1.000 40.473  ? 159 THR A N   1 ? 
ATOM   1226 C CA  . THR A 1 177 ? -5.420  -8.118  5.969   1.000 42.340  ? 159 THR A CA  1 ? 
ATOM   1227 C C   . THR A 1 177 ? -6.927  -8.299  6.149   1.000 42.211  ? 159 THR A C   1 ? 
ATOM   1228 O O   . THR A 1 177 ? -7.624  -7.328  5.993   1.000 42.519  ? 159 THR A O   1 ? 
ATOM   1229 C CB  . THR A 1 177 ? -5.073  -7.695  4.544   1.000 41.187  ? 159 THR A CB  1 ? 
ATOM   1230 O OG1 . THR A 1 177 ? -5.434  -8.790  3.710   1.000 45.244  ? 159 THR A OG1 1 ? 
ATOM   1231 C CG2 . THR A 1 177 ? -3.601  -7.363  4.409   1.000 40.127  ? 159 THR A CG2 1 ? 
ATOM   1232 N N   . LYS A 1 178 ? -7.412  -9.511  6.442   1.000 45.629  ? 160 LYS A N   1 ? 
ATOM   1233 C CA  . LYS A 1 178 ? -8.870  -9.732  6.629   1.000 52.655  ? 160 LYS A CA  1 ? 
ATOM   1234 C C   . LYS A 1 178 ? -9.446  -8.824  7.731   1.000 43.389  ? 160 LYS A C   1 ? 
ATOM   1235 O O   . LYS A 1 178 ? -10.528 -8.263  7.569   1.000 44.229  ? 160 LYS A O   1 ? 
ATOM   1236 C CB  . LYS A 1 178 ? -9.199  -11.203 6.906   1.000 55.978  ? 160 LYS A CB  1 ? 
ATOM   1237 C CG  . LYS A 1 178 ? -10.637 -11.552 6.546   1.000 65.196  ? 160 LYS A CG  1 ? 
ATOM   1238 C CD  . LYS A 1 178 ? -11.170 -12.810 7.177   1.000 71.132  ? 160 LYS A CD  1 ? 
ATOM   1239 C CE  . LYS A 1 178 ? -12.550 -13.141 6.641   1.000 73.223  ? 160 LYS A CE  1 ? 
ATOM   1240 N NZ  . LYS A 1 178 ? -13.533 -13.252 7.738   1.000 80.945  ? 160 LYS A NZ  1 ? 
ATOM   1241 N N   . PRO A 1 179 ? -8.815  -8.682  8.914   1.000 46.901  ? 161 PRO A N   1 ? 
ATOM   1242 C CA  . PRO A 1 179 ? -9.323  -7.753  9.930   1.000 49.636  ? 161 PRO A CA  1 ? 
ATOM   1243 C C   . PRO A 1 179 ? -9.281  -6.286  9.493   1.000 48.785  ? 161 PRO A C   1 ? 
ATOM   1244 O O   . PRO A 1 179 ? -10.085 -5.538  9.977   1.000 44.227  ? 161 PRO A O   1 ? 
ATOM   1245 C CB  . PRO A 1 179 ? -8.364  -7.930  11.115  1.000 49.389  ? 161 PRO A CB  1 ? 
ATOM   1246 C CG  . PRO A 1 179 ? -7.791  -9.310  10.887  1.000 54.137  ? 161 PRO A CG  1 ? 
ATOM   1247 C CD  . PRO A 1 179 ? -7.643  -9.437  9.383   1.000 48.627  ? 161 PRO A CD  1 ? 
ATOM   1248 N N   . ILE A 1 180 ? -8.322  -5.913  8.630   1.000 46.255  ? 162 ILE A N   1 ? 
ATOM   1249 C CA  . ILE A 1 180 ? -8.245  -4.541  8.037   1.000 40.641  ? 162 ILE A CA  1 ? 
ATOM   1250 C C   . ILE A 1 180 ? -9.476  -4.322  7.145   1.000 44.500  ? 162 ILE A C   1 ? 
ATOM   1251 O O   . ILE A 1 180 ? -10.147 -3.256  7.239   1.000 43.121  ? 162 ILE A O   1 ? 
ATOM   1252 C CB  . ILE A 1 180 ? -6.920  -4.362  7.265   1.000 41.428  ? 162 ILE A CB  1 ? 
ATOM   1253 C CG1 . ILE A 1 180 ? -5.717  -4.462  8.215   1.000 43.083  ? 162 ILE A CG1 1 ? 
ATOM   1254 C CG2 . ILE A 1 180 ? -6.941  -3.067  6.460   1.000 38.759  ? 162 ILE A CG2 1 ? 
ATOM   1255 C CD1 . ILE A 1 180 ? -4.365  -4.532  7.508   1.000 44.792  ? 162 ILE A CD1 1 ? 
ATOM   1256 N N   . ILE A 1 181 ? -9.757  -5.288  6.284   1.000 43.494  ? 163 ILE A N   1 ? 
ATOM   1257 C CA  . ILE A 1 181 ? -10.905 -5.245  5.335   1.000 43.255  ? 163 ILE A CA  1 ? 
ATOM   1258 C C   . ILE A 1 181 ? -12.189 -5.139  6.178   1.000 44.168  ? 163 ILE A C   1 ? 
ATOM   1259 O O   . ILE A 1 181 ? -13.014 -4.258  5.908   1.000 44.436  ? 163 ILE A O   1 ? 
ATOM   1260 C CB  . ILE A 1 181 ? -10.906 -6.501  4.428   1.000 46.577  ? 163 ILE A CB  1 ? 
ATOM   1261 C CG1 . ILE A 1 181 ? -9.673  -6.589  3.517   1.000 49.721  ? 163 ILE A CG1 1 ? 
ATOM   1262 C CG2 . ILE A 1 181 ? -12.205 -6.639  3.636   1.000 45.349  ? 163 ILE A CG2 1 ? 
ATOM   1263 C CD1 . ILE A 1 181 ? -9.512  -5.445  2.572   1.000 50.637  ? 163 ILE A CD1 1 ? 
ATOM   1264 N N   . ASP A 1 182 ? -12.351 -6.047  7.135   1.000 46.070  ? 164 ASP A N   1 ? 
ATOM   1265 C CA  . ASP A 1 182 ? -13.515 -6.105  8.057   1.000 49.969  ? 164 ASP A CA  1 ? 
ATOM   1266 C C   . ASP A 1 182 ? -13.684 -4.726  8.705   1.000 50.273  ? 164 ASP A C   1 ? 
ATOM   1267 O O   . ASP A 1 182 ? -14.781 -4.157  8.656   1.000 53.772  ? 164 ASP A O   1 ? 
ATOM   1268 C CB  . ASP A 1 182 ? -13.326 -7.200  9.115   1.000 50.853  ? 164 ASP A CB  1 ? 
ATOM   1269 C CG  . ASP A 1 182 ? -13.251 -8.648  8.611   1.000 55.987  ? 164 ASP A CG  1 ? 
ATOM   1270 O OD1 . ASP A 1 182 ? -13.792 -8.946  7.521   1.000 55.945  ? 164 ASP A OD1 1 ? 
ATOM   1271 O OD2 . ASP A 1 182 ? -12.615 -9.489  9.325   1.000 65.344  ? 164 ASP A OD2 1 ? 
ATOM   1272 N N   . LEU A 1 183 ? -12.614 -4.152  9.235   1.000 49.795  ? 165 LEU A N   1 ? 
ATOM   1273 C CA  . LEU A 1 183 ? -12.700 -2.826  9.890   1.000 49.693  ? 165 LEU A CA  1 ? 
ATOM   1274 C C   . LEU A 1 183 ? -13.189 -1.777  8.891   1.000 53.109  ? 165 LEU A C   1 ? 
ATOM   1275 O O   . LEU A 1 183 ? -14.050 -0.951  9.275   1.000 47.979  ? 165 LEU A O   1 ? 
ATOM   1276 C CB  . LEU A 1 183 ? -11.348 -2.434  10.469  1.000 51.810  ? 165 LEU A CB  1 ? 
ATOM   1277 C CG  . LEU A 1 183 ? -11.373 -1.134  11.263  1.000 54.374  ? 165 LEU A CG  1 ? 
ATOM   1278 C CD1 . LEU A 1 183 ? -10.516 -1.270  12.504  1.000 69.009  ? 165 LEU A CD1 1 ? 
ATOM   1279 C CD2 . LEU A 1 183 ? -10.902 0.052   10.425  1.000 55.703  ? 165 LEU A CD2 1 ? 
ATOM   1280 N N   . TYR A 1 184 ? -12.646 -1.731  7.674   1.000 47.486  ? 166 TYR A N   1 ? 
ATOM   1281 C CA  . TYR A 1 184 ? -13.022 -0.625  6.761   1.000 44.077  ? 166 TYR A CA  1 ? 
ATOM   1282 C C   . TYR A 1 184 ? -14.442 -0.867  6.224   1.000 45.603  ? 166 TYR A C   1 ? 
ATOM   1283 O O   . TYR A 1 184 ? -15.137 0.141   5.895   1.000 42.062  ? 166 TYR A O   1 ? 
ATOM   1284 C CB  . TYR A 1 184 ? -11.953 -0.370  5.693   1.000 44.941  ? 166 TYR A CB  1 ? 
ATOM   1285 C CG  . TYR A 1 184 ? -10.787 0.432   6.210   1.000 41.600  ? 166 TYR A CG  1 ? 
ATOM   1286 C CD1 . TYR A 1 184 ? -10.947 1.748   6.631   1.000 38.705  ? 166 TYR A CD1 1 ? 
ATOM   1287 C CD2 . TYR A 1 184 ? -9.530  -0.133  6.319   1.000 41.741  ? 166 TYR A CD2 1 ? 
ATOM   1288 C CE1 . TYR A 1 184 ? -9.890  2.475   7.159   1.000 40.828  ? 166 TYR A CE1 1 ? 
ATOM   1289 C CE2 . TYR A 1 184 ? -8.458  0.584   6.834   1.000 44.423  ? 166 TYR A CE2 1 ? 
ATOM   1290 C CZ  . TYR A 1 184 ? -8.628  1.895   7.242   1.000 41.201  ? 166 TYR A CZ  1 ? 
ATOM   1291 O OH  . TYR A 1 184 ? -7.554  2.599   7.708   1.000 45.680  ? 166 TYR A OH  1 ? 
ATOM   1292 N N   . GLU A 1 185 ? -14.884 -2.124  6.123   1.000 44.050  ? 167 GLU A N   1 ? 
ATOM   1293 C CA  . GLU A 1 185 ? -16.301 -2.415  5.757   1.000 55.687  ? 167 GLU A CA  1 ? 
ATOM   1294 C C   . GLU A 1 185 ? -17.227 -1.755  6.799   1.000 52.477  ? 167 GLU A C   1 ? 
ATOM   1295 O O   . GLU A 1 185 ? -18.070 -0.933  6.419   1.000 56.176  ? 167 GLU A O   1 ? 
ATOM   1296 C CB  . GLU A 1 185 ? -16.537 -3.919  5.610   1.000 60.459  ? 167 GLU A CB  1 ? 
ATOM   1297 C CG  . GLU A 1 185 ? -16.720 -4.350  4.164   1.000 73.539  ? 167 GLU A CG  1 ? 
ATOM   1298 C CD  . GLU A 1 185 ? -16.294 -5.782  3.862   1.000 83.424  ? 167 GLU A CD  1 ? 
ATOM   1299 O OE1 . GLU A 1 185 ? -16.022 -6.080  2.672   1.000 90.620  ? 167 GLU A OE1 1 ? 
ATOM   1300 O OE2 . GLU A 1 185 ? -16.208 -6.601  4.814   1.000 72.513  ? 167 GLU A OE2 1 ? 
ATOM   1301 N N   . GLU A 1 186 ? -16.994 -2.011  8.078   1.000 55.926  ? 168 GLU A N   1 ? 
ATOM   1302 C CA  . GLU A 1 186 ? -17.776 -1.420  9.193   1.000 60.113  ? 168 GLU A CA  1 ? 
ATOM   1303 C C   . GLU A 1 186 ? -17.809 0.108   9.101   1.000 57.668  ? 168 GLU A C   1 ? 
ATOM   1304 O O   . GLU A 1 186 ? -18.811 0.673   9.566   1.000 53.722  ? 168 GLU A O   1 ? 
ATOM   1305 C CB  . GLU A 1 186 ? -17.178 -1.800  10.545  1.000 64.517  ? 168 GLU A CB  1 ? 
ATOM   1306 C CG  . GLU A 1 186 ? -17.734 -3.081  11.119  1.000 72.831  ? 168 GLU A CG  1 ? 
ATOM   1307 C CD  . GLU A 1 186 ? -19.208 -2.984  11.473  1.000 71.149  ? 168 GLU A CD  1 ? 
ATOM   1308 O OE1 . GLU A 1 186 ? -19.611 -2.010  12.183  1.000 66.047  ? 168 GLU A OE1 1 ? 
ATOM   1309 O OE2 . GLU A 1 186 ? -19.949 -3.870  11.020  1.000 78.962  ? 168 GLU A OE2 1 ? 
ATOM   1310 N N   . MET A 1 187 ? -16.738 0.743   8.598   1.000 54.974  ? 169 MET A N   1 ? 
ATOM   1311 C CA  . MET A 1 187 ? -16.672 2.221   8.374   1.000 50.320  ? 169 MET A CA  1 ? 
ATOM   1312 C C   . MET A 1 187 ? -17.358 2.569   7.047   1.000 44.435  ? 169 MET A C   1 ? 
ATOM   1313 O O   . MET A 1 187 ? -17.472 3.744   6.746   1.000 52.230  ? 169 MET A O   1 ? 
ATOM   1314 C CB  . MET A 1 187 ? -15.229 2.748   8.321   1.000 57.651  ? 169 MET A CB  1 ? 
ATOM   1315 C CG  . MET A 1 187 ? -14.354 2.363   9.501   1.000 56.681  ? 169 MET A CG  1 ? 
ATOM   1316 S SD  . MET A 1 187 ? -15.005 2.932   11.096  1.000 75.680  ? 169 MET A SD  1 ? 
ATOM   1317 C CE  . MET A 1 187 ? -15.244 4.681   10.793  1.000 69.702  ? 169 MET A CE  1 ? 
ATOM   1318 N N   . GLY A 1 188 ? -17.739 1.576   6.237   1.000 43.778  ? 170 GLY A N   1 ? 
ATOM   1319 C CA  . GLY A 1 188 ? -18.263 1.773   4.869   1.000 45.887  ? 170 GLY A CA  1 ? 
ATOM   1320 C C   . GLY A 1 188 ? -17.222 2.312   3.881   1.000 48.906  ? 170 GLY A C   1 ? 
ATOM   1321 O O   . GLY A 1 188 ? -17.596 3.090   2.973   1.000 48.827  ? 170 GLY A O   1 ? 
ATOM   1322 N N   . LYS A 1 189 ? -15.947 1.957   4.041   1.000 47.877  ? 171 LYS A N   1 ? 
ATOM   1323 C CA  . LYS A 1 189 ? -14.830 2.641   3.332   1.000 46.387  ? 171 LYS A CA  1 ? 
ATOM   1324 C C   . LYS A 1 189 ? -14.095 1.684   2.375   1.000 51.330  ? 171 LYS A C   1 ? 
ATOM   1325 O O   . LYS A 1 189 ? -13.032 2.116   1.783   1.000 47.567  ? 171 LYS A O   1 ? 
ATOM   1326 C CB  . LYS A 1 189 ? -13.867 3.213   4.367   1.000 52.036  ? 171 LYS A CB  1 ? 
ATOM   1327 C CG  . LYS A 1 189 ? -14.182 4.588   4.936   1.000 55.056  ? 171 LYS A CG  1 ? 
ATOM   1328 C CD  . LYS A 1 189 ? -12.980 5.056   5.733   1.000 58.424  ? 171 LYS A CD  1 ? 
ATOM   1329 C CE  . LYS A 1 189 ? -13.205 6.209   6.685   1.000 62.532  ? 171 LYS A CE  1 ? 
ATOM   1330 N NZ  . LYS A 1 189 ? -13.865 7.338   6.004   1.000 67.085  ? 171 LYS A NZ  1 ? 
ATOM   1331 N N   . VAL A 1 190 ? -14.589 0.454   2.206   1.000 43.885  ? 172 VAL A N   1 ? 
ATOM   1332 C CA  . VAL A 1 190 ? -13.959 -0.545  1.305   1.000 49.297  ? 172 VAL A CA  1 ? 
ATOM   1333 C C   . VAL A 1 190 ? -14.533 -0.383  -0.099  1.000 54.325  ? 172 VAL A C   1 ? 
ATOM   1334 O O   . VAL A 1 190 ? -15.741 -0.471  -0.261  1.000 50.482  ? 172 VAL A O   1 ? 
ATOM   1335 C CB  . VAL A 1 190 ? -14.162 -1.989  1.780   1.000 51.602  ? 172 VAL A CB  1 ? 
ATOM   1336 C CG1 . VAL A 1 190 ? -13.684 -2.969  0.716   1.000 56.315  ? 172 VAL A CG1 1 ? 
ATOM   1337 C CG2 . VAL A 1 190 ? -13.456 -2.241  3.093   1.000 52.083  ? 172 VAL A CG2 1 ? 
ATOM   1338 N N   . LYS A 1 191 ? -13.671 -0.223  -1.087  1.000 46.641  ? 173 LYS A N   1 ? 
ATOM   1339 C CA  . LYS A 1 191 ? -14.046 -0.268  -2.514  1.000 45.889  ? 173 LYS A CA  1 ? 
ATOM   1340 C C   . LYS A 1 191 ? -13.384 -1.526  -3.063  1.000 49.023  ? 173 LYS A C   1 ? 
ATOM   1341 O O   . LYS A 1 191 ? -12.152 -1.518  -3.335  1.000 46.743  ? 173 LYS A O   1 ? 
ATOM   1342 C CB  . LYS A 1 191 ? -13.626 1.042   -3.178  1.000 48.523  ? 173 LYS A CB  1 ? 
ATOM   1343 C CG  . LYS A 1 191 ? -13.936 2.299   -2.369  1.000 52.895  ? 173 LYS A CG  1 ? 
ATOM   1344 C CD  . LYS A 1 191 ? -15.415 2.600   -2.248  1.000 58.193  ? 173 LYS A CD  1 ? 
ATOM   1345 C CE  . LYS A 1 191 ? -15.702 3.920   -1.563  1.000 68.848  ? 173 LYS A CE  1 ? 
ATOM   1346 N NZ  . LYS A 1 191 ? -16.761 3.787   -0.533  1.000 74.246  ? 173 LYS A NZ  1 ? 
ATOM   1347 N N   . LYS A 1 192 ? -14.167 -2.586  -3.146  1.000 45.414  ? 174 LYS A N   1 ? 
ATOM   1348 C CA  . LYS A 1 192 ? -13.738 -3.920  -3.616  1.000 52.505  ? 174 LYS A CA  1 ? 
ATOM   1349 C C   . LYS A 1 192 ? -13.659 -3.895  -5.147  1.000 51.438  ? 174 LYS A C   1 ? 
ATOM   1350 O O   . LYS A 1 192 ? -14.579 -3.406  -5.770  1.000 46.112  ? 174 LYS A O   1 ? 
ATOM   1351 C CB  . LYS A 1 192 ? -14.716 -4.955  -3.067  1.000 60.151  ? 174 LYS A CB  1 ? 
ATOM   1352 C CG  . LYS A 1 192 ? -14.247 -6.395  -3.168  1.000 72.182  ? 174 LYS A CG  1 ? 
ATOM   1353 C CD  . LYS A 1 192 ? -14.879 -7.278  -2.104  1.000 80.824  ? 174 LYS A CD  1 ? 
ATOM   1354 C CE  . LYS A 1 192 ? -14.691 -8.756  -2.375  1.000 90.063  ? 174 LYS A CE  1 ? 
ATOM   1355 N NZ  . LYS A 1 192 ? -15.265 -9.135  -3.689  1.000 94.428  ? 174 LYS A NZ  1 ? 
ATOM   1356 N N   . ILE A 1 193 ? -12.568 -4.379  -5.744  1.000 48.735  ? 175 ILE A N   1 ? 
ATOM   1357 C CA  . ILE A 1 193 ? -12.371 -4.373  -7.220  1.000 43.289  ? 175 ILE A CA  1 ? 
ATOM   1358 C C   . ILE A 1 193 ? -12.223 -5.824  -7.676  1.000 44.334  ? 175 ILE A C   1 ? 
ATOM   1359 O O   . ILE A 1 193 ? -11.489 -6.563  -7.033  1.000 43.808  ? 175 ILE A O   1 ? 
ATOM   1360 C CB  . ILE A 1 193 ? -11.155 -3.527  -7.621  1.000 46.913  ? 175 ILE A CB  1 ? 
ATOM   1361 C CG1 . ILE A 1 193 ? -11.268 -2.086  -7.130  1.000 57.245  ? 175 ILE A CG1 1 ? 
ATOM   1362 C CG2 . ILE A 1 193 ? -10.926 -3.578  -9.123  1.000 51.941  ? 175 ILE A CG2 1 ? 
ATOM   1363 C CD1 . ILE A 1 193 ? -12.165 -1.242  -7.976  1.000 66.102  ? 175 ILE A CD1 1 ? 
ATOM   1364 N N   . ASP A 1 194 ? -12.852 -6.193  -8.793  1.000 45.560  ? 176 ASP A N   1 ? 
ATOM   1365 C CA  . ASP A 1 194 ? -12.646 -7.525  -9.409  1.000 47.941  ? 176 ASP A CA  1 ? 
ATOM   1366 C C   . ASP A 1 194 ? -11.329 -7.478  -10.192 1.000 42.407  ? 176 ASP A C   1 ? 
ATOM   1367 O O   . ASP A 1 194 ? -11.345 -7.012  -11.330 1.000 42.831  ? 176 ASP A O   1 ? 
ATOM   1368 C CB  . ASP A 1 194 ? -13.800 -7.901  -10.331 1.000 53.278  ? 176 ASP A CB  1 ? 
ATOM   1369 C CG  . ASP A 1 194 ? -13.632 -9.271  -10.967 1.000 59.045  ? 176 ASP A CG  1 ? 
ATOM   1370 O OD1 . ASP A 1 194 ? -12.646 -9.972  -10.640 1.000 60.655  ? 176 ASP A OD1 1 ? 
ATOM   1371 O OD2 . ASP A 1 194 ? -14.496 -9.627  -11.778 1.000 68.334  ? 176 ASP A OD2 1 ? 
ATOM   1372 N N   . ALA A 1 195 ? -10.240 -7.947  -9.588  1.000 44.892  ? 177 ALA A N   1 ? 
ATOM   1373 C CA  . ALA A 1 195 ? -8.852  -7.864  -10.115 1.000 48.605  ? 177 ALA A CA  1 ? 
ATOM   1374 C C   . ALA A 1 195 ? -8.573  -8.998  -11.120 1.000 48.746  ? 177 ALA A C   1 ? 
ATOM   1375 O O   . ALA A 1 195 ? -7.484  -8.991  -11.740 1.000 43.690  ? 177 ALA A O   1 ? 
ATOM   1376 C CB  . ALA A 1 195 ? -7.883  -7.897  -8.953  1.000 45.436  ? 177 ALA A CB  1 ? 
ATOM   1377 N N   . SER A 1 196 ? -9.536  -9.899  -11.337 1.000 46.065  ? 178 SER A N   1 ? 
ATOM   1378 C CA  . SER A 1 196 ? -9.479  -10.981 -12.355 1.000 51.406  ? 178 SER A CA  1 ? 
ATOM   1379 C C   . SER A 1 196 ? -9.602  -10.409 -13.780 1.000 52.174  ? 178 SER A C   1 ? 
ATOM   1380 O O   . SER A 1 196 ? -9.224  -11.122 -14.710 1.000 52.998  ? 178 SER A O   1 ? 
ATOM   1381 C CB  . SER A 1 196 ? -10.566 -12.000 -12.102 1.000 51.296  ? 178 SER A CB  1 ? 
ATOM   1382 O OG  . SER A 1 196 ? -11.809 -11.479 -12.560 1.000 49.177  ? 178 SER A OG  1 ? 
ATOM   1383 N N   . LYS A 1 197 ? -10.112 -9.185  -13.960 1.000 50.338  ? 179 LYS A N   1 ? 
ATOM   1384 C CA  . LYS A 1 197 ? -10.420 -8.603  -15.297 1.000 52.086  ? 179 LYS A CA  1 ? 
ATOM   1385 C C   . LYS A 1 197 ? -9.128  -8.095  -15.932 1.000 48.118  ? 179 LYS A C   1 ? 
ATOM   1386 O O   . LYS A 1 197 ? -8.119  -8.148  -15.273 1.000 45.917  ? 179 LYS A O   1 ? 
ATOM   1387 C CB  . LYS A 1 197 ? -11.431 -7.454  -15.195 1.000 58.152  ? 179 LYS A CB  1 ? 
ATOM   1388 C CG  . LYS A 1 197 ? -12.814 -7.839  -14.696 1.000 61.239  ? 179 LYS A CG  1 ? 
ATOM   1389 C CD  . LYS A 1 197 ? -13.311 -9.120  -15.321 1.000 73.513  ? 179 LYS A CD  1 ? 
ATOM   1390 C CE  . LYS A 1 197 ? -14.791 -9.358  -15.109 1.000 81.663  ? 179 LYS A CE  1 ? 
ATOM   1391 N NZ  . LYS A 1 197 ? -15.115 -10.802 -15.203 1.000 89.337  ? 179 LYS A NZ  1 ? 
ATOM   1392 N N   . SER A 1 198 ? -9.166  -7.589  -17.162 1.000 49.348  ? 180 SER A N   1 ? 
ATOM   1393 C CA  . SER A 1 198 ? -7.953  -7.068  -17.836 1.000 53.410  ? 180 SER A CA  1 ? 
ATOM   1394 C C   . SER A 1 198 ? -7.618  -5.687  -17.269 1.000 49.091  ? 180 SER A C   1 ? 
ATOM   1395 O O   . SER A 1 198 ? -8.456  -5.065  -16.580 1.000 48.438  ? 180 SER A O   1 ? 
ATOM   1396 C CB  . SER A 1 198 ? -8.134  -7.015  -19.324 1.000 59.507  ? 180 SER A CB  1 ? 
ATOM   1397 O OG  . SER A 1 198 ? -9.023  -5.968  -19.652 1.000 57.236  ? 180 SER A OG  1 ? 
ATOM   1398 N N   . VAL A 1 199 ? -6.432  -5.197  -17.578 1.000 45.912  ? 181 VAL A N   1 ? 
ATOM   1399 C CA  . VAL A 1 199 ? -5.932  -3.938  -16.967 1.000 54.100  ? 181 VAL A CA  1 ? 
ATOM   1400 C C   . VAL A 1 199 ? -6.969  -2.839  -17.217 1.000 49.179  ? 181 VAL A C   1 ? 
ATOM   1401 O O   . VAL A 1 199 ? -7.244  -2.060  -16.280 1.000 43.046  ? 181 VAL A O   1 ? 
ATOM   1402 C CB  . VAL A 1 199 ? -4.535  -3.574  -17.505 1.000 57.019  ? 181 VAL A CB  1 ? 
ATOM   1403 C CG1 . VAL A 1 199 ? -4.118  -2.182  -17.055 1.000 56.007  ? 181 VAL A CG1 1 ? 
ATOM   1404 C CG2 . VAL A 1 199 ? -3.506  -4.611  -17.085 1.000 58.106  ? 181 VAL A CG2 1 ? 
ATOM   1405 N N   . ASP A 1 200 ? -7.564  -2.805  -18.411 1.000 51.831  ? 182 ASP A N   1 ? 
ATOM   1406 C CA  . ASP A 1 200 ? -8.430  -1.679  -18.854 1.000 51.971  ? 182 ASP A CA  1 ? 
ATOM   1407 C C   . ASP A 1 200 ? -9.797  -1.772  -18.180 1.000 51.610  ? 182 ASP A C   1 ? 
ATOM   1408 O O   . ASP A 1 200 ? -10.346 -0.710  -17.832 1.000 52.487  ? 182 ASP A O   1 ? 
ATOM   1409 C CB  . ASP A 1 200 ? -8.513  -1.592  -20.376 1.000 61.626  ? 182 ASP A CB  1 ? 
ATOM   1410 C CG  . ASP A 1 200 ? -7.295  -0.932  -21.005 1.000 66.145  ? 182 ASP A CG  1 ? 
ATOM   1411 O OD1 . ASP A 1 200 ? -6.447  -0.398  -20.268 1.000 69.109  ? 182 ASP A OD1 1 ? 
ATOM   1412 O OD2 . ASP A 1 200 ? -7.193  -0.989  -22.231 1.000 85.292  ? 182 ASP A OD2 1 ? 
ATOM   1413 N N   . GLU A 1 201 ? -10.305 -2.983  -17.964 1.000 51.392  ? 183 GLU A N   1 ? 
ATOM   1414 C CA  . GLU A 1 201 ? -11.598 -3.189  -17.265 1.000 55.327  ? 183 GLU A CA  1 ? 
ATOM   1415 C C   . GLU A 1 201 ? -11.427 -2.879  -15.768 1.000 51.999  ? 183 GLU A C   1 ? 
ATOM   1416 O O   . GLU A 1 201 ? -12.360 -2.346  -15.150 1.000 45.866  ? 183 GLU A O   1 ? 
ATOM   1417 C CB  . GLU A 1 201 ? -12.081 -4.634  -17.366 1.000 56.932  ? 183 GLU A CB  1 ? 
ATOM   1418 C CG  . GLU A 1 201 ? -12.235 -5.183  -18.764 1.000 69.530  ? 183 GLU A CG  1 ? 
ATOM   1419 C CD  . GLU A 1 201 ? -12.683 -6.632  -18.676 1.000 77.975  ? 183 GLU A CD  1 ? 
ATOM   1420 O OE1 . GLU A 1 201 ? -11.869 -7.525  -19.019 1.000 73.564  ? 183 GLU A OE1 1 ? 
ATOM   1421 O OE2 . GLU A 1 201 ? -13.811 -6.864  -18.160 1.000 76.189  ? 183 GLU A OE2 1 ? 
ATOM   1422 N N   . VAL A 1 202 ? -10.313 -3.297  -15.167 1.000 47.799  ? 184 VAL A N   1 ? 
ATOM   1423 C CA  . VAL A 1 202 ? -10.039 -2.989  -13.740 1.000 43.793  ? 184 VAL A CA  1 ? 
ATOM   1424 C C   . VAL A 1 202 ? -9.980  -1.457  -13.634 1.000 43.999  ? 184 VAL A C   1 ? 
ATOM   1425 O O   . VAL A 1 202 ? -10.707 -0.868  -12.815 1.000 44.553  ? 184 VAL A O   1 ? 
ATOM   1426 C CB  . VAL A 1 202 ? -8.770  -3.716  -13.253 1.000 48.254  ? 184 VAL A CB  1 ? 
ATOM   1427 C CG1 . VAL A 1 202 ? -8.302  -3.205  -11.894 1.000 47.912  ? 184 VAL A CG1 1 ? 
ATOM   1428 C CG2 . VAL A 1 202 ? -8.986  -5.230  -13.211 1.000 45.383  ? 184 VAL A CG2 1 ? 
ATOM   1429 N N   . PHE A 1 203 ? -9.246  -0.802  -14.523 1.000 41.499  ? 185 PHE A N   1 ? 
ATOM   1430 C CA  . PHE A 1 203 ? -9.129  0.669   -14.465 1.000 46.817  ? 185 PHE A CA  1 ? 
ATOM   1431 C C   . PHE A 1 203 ? -10.504 1.354   -14.592 1.000 46.389  ? 185 PHE A C   1 ? 
ATOM   1432 O O   . PHE A 1 203 ? -10.734 2.353   -13.875 1.000 45.773  ? 185 PHE A O   1 ? 
ATOM   1433 C CB  . PHE A 1 203 ? -8.171  1.184   -15.525 1.000 43.361  ? 185 PHE A CB  1 ? 
ATOM   1434 C CG  . PHE A 1 203 ? -7.811  2.604   -15.220 1.000 43.722  ? 185 PHE A CG  1 ? 
ATOM   1435 C CD1 . PHE A 1 203 ? -7.476  2.954   -13.927 1.000 41.254  ? 185 PHE A CD1 1 ? 
ATOM   1436 C CD2 . PHE A 1 203 ? -7.907  3.594   -16.181 1.000 44.166  ? 185 PHE A CD2 1 ? 
ATOM   1437 C CE1 . PHE A 1 203 ? -7.191  4.269   -13.602 1.000 45.132  ? 185 PHE A CE1 1 ? 
ATOM   1438 C CE2 . PHE A 1 203 ? -7.624  4.905   -15.849 1.000 45.641  ? 185 PHE A CE2 1 ? 
ATOM   1439 C CZ  . PHE A 1 203 ? -7.239  5.236   -14.569 1.000 44.242  ? 185 PHE A CZ  1 ? 
ATOM   1440 N N   . ASP A 1 204 ? -11.375 0.849   -15.474 1.000 48.576  ? 186 ASP A N   1 ? 
ATOM   1441 C CA  . ASP A 1 204 ? -12.773 1.345   -15.629 1.000 52.467  ? 186 ASP A CA  1 ? 
ATOM   1442 C C   . ASP A 1 204 ? -13.460 1.253   -14.258 1.000 49.584  ? 186 ASP A C   1 ? 
ATOM   1443 O O   . ASP A 1 204 ? -14.102 2.211   -13.869 1.000 42.847  ? 186 ASP A O   1 ? 
ATOM   1444 C CB  . ASP A 1 204 ? -13.534 0.594   -16.742 1.000 53.943  ? 186 ASP A CB  1 ? 
ATOM   1445 C CG  . ASP A 1 204 ? -13.082 0.905   -18.173 1.000 59.208  ? 186 ASP A CG  1 ? 
ATOM   1446 O OD1 . ASP A 1 204 ? -12.323 1.875   -18.376 1.000 58.619  ? 186 ASP A OD1 1 ? 
ATOM   1447 O OD2 . ASP A 1 204 ? -13.454 0.146   -19.082 1.000 65.855  ? 186 ASP A OD2 1 ? 
ATOM   1448 N N   . GLU A 1 205 ? -13.304 0.159   -13.505 1.000 48.303  ? 187 GLU A N   1 ? 
ATOM   1449 C CA  . GLU A 1 205 ? -13.869 0.103   -12.134 1.000 46.189  ? 187 GLU A CA  1 ? 
ATOM   1450 C C   . GLU A 1 205 ? -13.198 1.164   -11.259 1.000 45.847  ? 187 GLU A C   1 ? 
ATOM   1451 O O   . GLU A 1 205 ? -13.885 1.793   -10.395 1.000 41.258  ? 187 GLU A O   1 ? 
ATOM   1452 C CB  . GLU A 1 205 ? -13.646 -1.258  -11.491 1.000 54.052  ? 187 GLU A CB  1 ? 
ATOM   1453 C CG  . GLU A 1 205 ? -14.800 -2.185  -11.648 1.000 62.288  ? 187 GLU A CG  1 ? 
ATOM   1454 C CD  . GLU A 1 205 ? -14.823 -3.204  -10.532 1.000 65.915  ? 187 GLU A CD  1 ? 
ATOM   1455 O OE1 . GLU A 1 205 ? -15.636 -3.046  -9.587  1.000 68.352  ? 187 GLU A OE1 1 ? 
ATOM   1456 O OE2 . GLU A 1 205 ? -14.008 -4.116  -10.597 1.000 61.160  ? 187 GLU A OE2 1 ? 
ATOM   1457 N N   . VAL A 1 206 ? -11.894 1.375   -11.445 1.000 40.700  ? 188 VAL A N   1 ? 
ATOM   1458 C CA  . VAL A 1 206 ? -11.135 2.324   -10.581 1.000 40.091  ? 188 VAL A CA  1 ? 
ATOM   1459 C C   . VAL A 1 206 ? -11.662 3.739   -10.879 1.000 41.903  ? 188 VAL A C   1 ? 
ATOM   1460 O O   . VAL A 1 206 ? -11.873 4.484   -9.915  1.000 44.653  ? 188 VAL A O   1 ? 
ATOM   1461 C CB  . VAL A 1 206 ? -9.607  2.175   -10.787 1.000 40.083  ? 188 VAL A CB  1 ? 
ATOM   1462 C CG1 . VAL A 1 206 ? -8.824  3.329   -10.208 1.000 38.218  ? 188 VAL A CG1 1 ? 
ATOM   1463 C CG2 . VAL A 1 206 ? -9.089  0.840   -10.240 1.000 37.259  ? 188 VAL A CG2 1 ? 
ATOM   1464 N N   . VAL A 1 207 ? -11.878 4.073   -12.160 1.000 44.741  ? 189 VAL A N   1 ? 
ATOM   1465 C CA  . VAL A 1 207 ? -12.305 5.438   -12.612 1.000 46.256  ? 189 VAL A CA  1 ? 
ATOM   1466 C C   . VAL A 1 207 ? -13.688 5.730   -12.003 1.000 44.786  ? 189 VAL A C   1 ? 
ATOM   1467 O O   . VAL A 1 207 ? -13.889 6.872   -11.529 1.000 44.023  ? 189 VAL A O   1 ? 
ATOM   1468 C CB  . VAL A 1 207 ? -12.210 5.562   -14.151 1.000 47.939  ? 189 VAL A CB  1 ? 
ATOM   1469 C CG1 . VAL A 1 207 ? -13.045 6.685   -14.776 1.000 41.006  ? 189 VAL A CG1 1 ? 
ATOM   1470 C CG2 . VAL A 1 207 ? -10.752 5.735   -14.556 1.000 45.719  ? 189 VAL A CG2 1 ? 
ATOM   1471 N N   . GLN A 1 208 ? -14.550 4.714   -11.894 1.000 44.823  ? 190 GLN A N   1 ? 
ATOM   1472 C CA  . GLN A 1 208 ? -15.903 4.832   -11.280 1.000 50.502  ? 190 GLN A CA  1 ? 
ATOM   1473 C C   . GLN A 1 208 ? -15.748 5.301   -9.831  1.000 53.872  ? 190 GLN A C   1 ? 
ATOM   1474 O O   . GLN A 1 208 ? -16.418 6.277   -9.422  1.000 48.551  ? 190 GLN A O   1 ? 
ATOM   1475 C CB  . GLN A 1 208 ? -16.657 3.504   -11.336 1.000 49.050  ? 190 GLN A CB  1 ? 
ATOM   1476 C CG  . GLN A 1 208 ? -16.973 3.060   -12.760 1.000 48.219  ? 190 GLN A CG  1 ? 
ATOM   1477 C CD  . GLN A 1 208 ? -17.645 1.710   -12.815 1.000 49.385  ? 190 GLN A CD  1 ? 
ATOM   1478 O OE1 . GLN A 1 208 ? -18.036 1.117   -11.806 1.000 50.087  ? 190 GLN A OE1 1 ? 
ATOM   1479 N NE2 . GLN A 1 208 ? -17.830 1.237   -14.025 1.000 47.512  ? 190 GLN A NE2 1 ? 
ATOM   1480 N N   . ILE A 1 209 ? -14.839 4.677   -9.087  1.000 52.432  ? 191 ILE A N   1 ? 
ATOM   1481 C CA  . ILE A 1 209 ? -14.631 4.999   -7.647  1.000 46.279  ? 191 ILE A CA  1 ? 
ATOM   1482 C C   . ILE A 1 209 ? -14.035 6.399   -7.533  1.000 44.868  ? 191 ILE A C   1 ? 
ATOM   1483 O O   . ILE A 1 209 ? -14.539 7.196   -6.740  1.000 46.120  ? 191 ILE A O   1 ? 
ATOM   1484 C CB  . ILE A 1 209 ? -13.740 3.934   -6.989  1.000 51.915  ? 191 ILE A CB  1 ? 
ATOM   1485 C CG1 . ILE A 1 209 ? -14.436 2.576   -6.954  1.000 51.443  ? 191 ILE A CG1 1 ? 
ATOM   1486 C CG2 . ILE A 1 209 ? -13.294 4.369   -5.609  1.000 48.355  ? 191 ILE A CG2 1 ? 
ATOM   1487 C CD1 . ILE A 1 209 ? -13.466 1.424   -6.801  1.000 56.479  ? 191 ILE A CD1 1 ? 
ATOM   1488 N N   . PHE A 1 210 ? -13.006 6.705   -8.314  1.000 40.560  ? 192 PHE A N   1 ? 
ATOM   1489 C CA  . PHE A 1 210 ? -12.223 7.949   -8.160  1.000 46.372  ? 192 PHE A CA  1 ? 
ATOM   1490 C C   . PHE A 1 210 ? -12.979 9.158   -8.743  1.000 46.766  ? 192 PHE A C   1 ? 
ATOM   1491 O O   . PHE A 1 210 ? -12.845 10.289  -8.177  1.000 48.065  ? 192 PHE A O   1 ? 
ATOM   1492 C CB  . PHE A 1 210 ? -10.818 7.756   -8.733  1.000 43.657  ? 192 PHE A CB  1 ? 
ATOM   1493 C CG  . PHE A 1 210 ? -9.878  7.093   -7.756  1.000 45.490  ? 192 PHE A CG  1 ? 
ATOM   1494 C CD1 . PHE A 1 210 ? -9.824  5.713   -7.663  1.000 46.428  ? 192 PHE A CD1 1 ? 
ATOM   1495 C CD2 . PHE A 1 210 ? -9.063  7.843   -6.919  1.000 43.781  ? 192 PHE A CD2 1 ? 
ATOM   1496 C CE1 . PHE A 1 210 ? -8.964  5.093   -6.770  1.000 46.172  ? 192 PHE A CE1 1 ? 
ATOM   1497 C CE2 . PHE A 1 210 ? -8.186  7.215   -6.040  1.000 42.801  ? 192 PHE A CE2 1 ? 
ATOM   1498 C CZ  . PHE A 1 210 ? -8.161  5.844   -5.953  1.000 45.994  ? 192 PHE A CZ  1 ? 
ATOM   1499 N N   . ASP A 1 211 ? -13.736 8.973   -9.821  1.000 49.053  ? 193 ASP A N   1 ? 
ATOM   1500 C CA  . ASP A 1 211 ? -14.588 10.071  -10.372 1.000 52.715  ? 193 ASP A CA  1 ? 
ATOM   1501 C C   . ASP A 1 211 ? -15.678 10.420  -9.338  1.000 52.515  ? 193 ASP A C   1 ? 
ATOM   1502 O O   . ASP A 1 211 ? -15.983 11.611  -9.197  1.000 53.952  ? 193 ASP A O   1 ? 
ATOM   1503 C CB  . ASP A 1 211 ? -15.173 9.720   -11.738 1.000 50.856  ? 193 ASP A CB  1 ? 
ATOM   1504 C CG  . ASP A 1 211 ? -14.217 9.971   -12.895 1.000 46.622  ? 193 ASP A CG  1 ? 
ATOM   1505 O OD1 . ASP A 1 211 ? -13.033 10.174  -12.649 1.000 48.502  ? 193 ASP A OD1 1 ? 
ATOM   1506 O OD2 . ASP A 1 211 ? -14.663 9.922   -14.029 1.000 52.135  ? 193 ASP A OD2 1 ? 
ATOM   1507 N N   . LYS A 1 212 ? -16.187 9.426   -8.605  1.000 51.087  ? 194 LYS A N   1 ? 
ATOM   1508 C CA  . LYS A 1 212 ? -17.210 9.579   -7.533  1.000 57.944  ? 194 LYS A CA  1 ? 
ATOM   1509 C C   . LYS A 1 212 ? -16.613 10.351  -6.347  1.000 65.478  ? 194 LYS A C   1 ? 
ATOM   1510 O O   . LYS A 1 212 ? -17.107 11.440  -6.091  1.000 67.383  ? 194 LYS A O   1 ? 
ATOM   1511 C CB  . LYS A 1 212 ? -17.746 8.203   -7.126  1.000 59.262  ? 194 LYS A CB  1 ? 
ATOM   1512 C CG  . LYS A 1 212 ? -18.813 8.208   -6.050  1.000 71.287  ? 194 LYS A CG  1 ? 
ATOM   1513 C CD  . LYS A 1 212 ? -20.171 8.630   -6.556  1.000 77.963  ? 194 LYS A CD  1 ? 
ATOM   1514 C CE  . LYS A 1 212 ? -21.252 8.596   -5.489  1.000 79.396  ? 194 LYS A CE  1 ? 
ATOM   1515 N NZ  . LYS A 1 212 ? -21.743 9.957   -5.171  1.000 85.010  ? 194 LYS A NZ  1 ? 
ATOM   1516 N N   . GLU A 1 213 ? -15.594 9.815   -5.658  1.000 70.597  ? 195 GLU A N   1 ? 
ATOM   1517 C CA  . GLU A 1 213 ? -15.048 10.385  -4.389  1.000 73.100  ? 195 GLU A CA  1 ? 
ATOM   1518 C C   . GLU A 1 213 ? -13.684 11.005  -4.698  1.000 75.299  ? 195 GLU A C   1 ? 
ATOM   1519 O O   . GLU A 1 213 ? -13.587 12.257  -4.771  1.000 86.270  ? 195 GLU A O   1 ? 
ATOM   1520 C CB  . GLU A 1 213 ? -14.950 9.330   -3.278  1.000 72.781  ? 195 GLU A CB  1 ? 
ATOM   1521 C CG  . GLU A 1 213 ? -15.795 8.105   -3.547  1.000 69.429  ? 195 GLU A CG  1 ? 
ATOM   1522 C CD  . GLU A 1 213 ? -16.229 7.292   -2.343  1.000 75.189  ? 195 GLU A CD  1 ? 
ATOM   1523 O OE1 . GLU A 1 213 ? -17.021 6.354   -2.543  1.000 84.406  ? 195 GLU A OE1 1 ? 
ATOM   1524 O OE2 . GLU A 1 213 ? -15.787 7.585   -1.222  1.000 88.986  ? 195 GLU A OE2 1 ? 
ATOM   1525 N N   . GLY A 1 214 ? -12.687 10.159  -4.935  1.000 66.314  ? 196 GLY A N   1 ? 
ATOM   1526 C CA  . GLY A 1 214 ? -11.419 10.577  -5.553  1.000 66.053  ? 196 GLY A CA  1 ? 
ATOM   1527 C C   . GLY A 1 214 ? -10.534 11.320  -4.585  1.000 63.208  ? 196 GLY A C   1 ? 
ATOM   1528 O O   . GLY A 1 214 ? -9.773  12.175  -5.010  1.000 70.898  ? 196 GLY A O   1 ? 
HETATM 1529 S S   . SO4 B 2 .   ? 0.721   -6.455  -8.005  1.000 45.614  ? 201 SO4 A S   1 ? 
HETATM 1530 O O1  . SO4 B 2 .   ? -0.377  -6.383  -7.031  1.000 43.819  ? 201 SO4 A O1  1 ? 
HETATM 1531 O O2  . SO4 B 2 .   ? 0.268   -6.937  -9.285  1.000 45.252  ? 201 SO4 A O2  1 ? 
HETATM 1532 O O3  . SO4 B 2 .   ? 1.696   -7.339  -7.476  1.000 40.370  ? 201 SO4 A O3  1 ? 
HETATM 1533 O O4  . SO4 B 2 .   ? 1.265   -5.169  -8.207  1.000 37.409  ? 201 SO4 A O4  1 ? 
HETATM 1534 O O   . HOH C 3 .   ? 3.640   -2.464  7.394   1.000 66.639  ? 301 HOH A O   1 ? 
HETATM 1535 O O   . HOH C 3 .   ? 21.424  6.800   9.379   1.000 43.340  ? 302 HOH A O   1 ? 
HETATM 1536 O O   . HOH C 3 .   ? -8.259  4.436   9.401   1.000 43.644  ? 303 HOH A O   1 ? 
HETATM 1537 O O   . HOH C 3 .   ? 10.676  -4.539  16.889  1.000 57.694  ? 304 HOH A O   1 ? 
HETATM 1538 O O   . HOH C 3 .   ? -3.913  -8.676  11.120  1.000 41.514  ? 305 HOH A O   1 ? 
HETATM 1539 O O   . HOH C 3 .   ? -0.404  -23.422 -6.497  1.000 52.055  ? 306 HOH A O   1 ? 
HETATM 1540 O O   . HOH C 3 .   ? 11.370  -1.609  18.947  1.000 44.802  ? 307 HOH A O   1 ? 
HETATM 1541 O O   . HOH C 3 .   ? 21.299  -2.947  2.758   1.000 60.564  ? 308 HOH A O   1 ? 
HETATM 1542 O O   . HOH C 3 .   ? -4.265  6.970   -16.113 1.000 49.476  ? 309 HOH A O   1 ? 
HETATM 1543 O O   . HOH C 3 .   ? -11.134 -14.338 -9.201  1.000 56.363  ? 310 HOH A O   1 ? 
HETATM 1544 O O   . HOH C 3 .   ? 12.258  11.296  13.860  1.000 39.973  ? 311 HOH A O   1 ? 
HETATM 1545 O O   . HOH C 3 .   ? 23.381  5.581   7.218   1.000 65.715  ? 312 HOH A O   1 ? 
HETATM 1546 O O   . HOH C 3 .   ? -1.830  -7.412  13.800  1.000 48.278  ? 313 HOH A O   1 ? 
HETATM 1547 O O   . HOH C 3 .   ? -4.544  -4.504  -13.257 1.000 53.617  ? 314 HOH A O   1 ? 
HETATM 1548 O O   . HOH C 3 .   ? -5.795  8.529   9.382   1.000 43.598  ? 315 HOH A O   1 ? 
HETATM 1549 O O   . HOH C 3 .   ? 12.138  2.294   16.813  0.500 42.590  ? 316 HOH A O   1 ? 
HETATM 1550 O O   . HOH C 3 .   ? 5.386   -15.254 -19.088 1.000 48.758  ? 317 HOH A O   1 ? 
HETATM 1551 O O   . HOH C 3 .   ? 2.881   4.863   -9.370  1.000 52.308  ? 318 HOH A O   1 ? 
HETATM 1552 O O   . HOH C 3 .   ? -2.661  15.063  16.124  1.000 66.498  ? 319 HOH A O   1 ? 
HETATM 1553 O O   . HOH C 3 .   ? 0.782   -4.448  -11.630 1.000 52.641  ? 320 HOH A O   1 ? 
HETATM 1554 O O   . HOH C 3 .   ? 5.709   -2.792  14.782  1.000 43.764  ? 321 HOH A O   1 ? 
HETATM 1555 O O   . HOH C 3 .   ? 3.734   9.306   -7.321  1.000 44.059  ? 322 HOH A O   1 ? 
HETATM 1556 O O   . HOH C 3 .   ? -8.354  -18.655 -4.539  1.000 49.389  ? 323 HOH A O   1 ? 
HETATM 1557 O O   . HOH C 3 .   ? 5.712   -3.792  2.971   1.000 56.193  ? 324 HOH A O   1 ? 
HETATM 1558 O O   . HOH C 3 .   ? -8.828  8.593   8.977   1.000 51.982  ? 325 HOH A O   1 ? 
HETATM 1559 O O   . HOH C 3 .   ? 10.845  -8.847  16.960  1.000 58.944  ? 326 HOH A O   1 ? 
HETATM 1560 O O   . HOH C 3 .   ? -6.393  8.176   11.954  1.000 60.350  ? 327 HOH A O   1 ? 
HETATM 1561 O O   . HOH C 3 .   ? 6.227   -2.375  9.709   1.000 68.106  ? 328 HOH A O   1 ? 
HETATM 1562 O O   . HOH C 3 .   ? 3.690   11.969  -8.395  1.000 49.687  ? 329 HOH A O   1 ? 
HETATM 1563 O O   . HOH C 3 .   ? 17.734  -11.978 11.505  1.000 51.906  ? 330 HOH A O   1 ? 
HETATM 1564 O O   . HOH C 3 .   ? -2.247  -6.460  -13.726 1.000 58.674  ? 331 HOH A O   1 ? 
HETATM 1565 O O   . HOH C 3 .   ? -11.280 5.275   9.513   1.000 60.641  ? 332 HOH A O   1 ? 
# 
loop_
_pdbx_poly_seq_scheme.asym_id 
_pdbx_poly_seq_scheme.entity_id 
_pdbx_poly_seq_scheme.seq_id 
_pdbx_poly_seq_scheme.mon_id 
_pdbx_poly_seq_scheme.ndb_seq_num 
_pdbx_poly_seq_scheme.pdb_seq_num 
_pdbx_poly_seq_scheme.auth_seq_num 
_pdbx_poly_seq_scheme.pdb_mon_id 
_pdbx_poly_seq_scheme.auth_mon_id 
_pdbx_poly_seq_scheme.pdb_strand_id 
_pdbx_poly_seq_scheme.pdb_ins_code 
_pdbx_poly_seq_scheme.hetero 
A 1 1   MET 1   -17 ?   ?   ?   A . n 
A 1 2   GLY 2   -16 ?   ?   ?   A . n 
A 1 3   SER 3   -15 ?   ?   ?   A . n 
A 1 4   SER 4   -14 ?   ?   ?   A . n 
A 1 5   HIS 5   -13 ?   ?   ?   A . n 
A 1 6   HIS 6   -12 ?   ?   ?   A . n 
A 1 7   HIS 7   -11 ?   ?   ?   A . n 
A 1 8   HIS 8   -10 ?   ?   ?   A . n 
A 1 9   HIS 9   -9  ?   ?   ?   A . n 
A 1 10  HIS 10  -8  ?   ?   ?   A . n 
A 1 11  GLU 11  -7  ?   ?   ?   A . n 
A 1 12  ASN 12  -6  ?   ?   ?   A . n 
A 1 13  LEU 13  -5  ?   ?   ?   A . n 
A 1 14  TYR 14  -4  ?   ?   ?   A . n 
A 1 15  PHE 15  -3  ?   ?   ?   A . n 
A 1 16  GLN 16  -2  ?   ?   ?   A . n 
A 1 17  GLY 17  -1  ?   ?   ?   A . n 
A 1 18  GLY 18  0   ?   ?   ?   A . n 
A 1 19  MET 19  1   1   MET MET A . n 
A 1 20  LYS 20  2   2   LYS LYS A . n 
A 1 21  PRO 21  3   3   PRO PRO A . n 
A 1 22  LEU 22  4   4   LEU LEU A . n 
A 1 23  VAL 23  5   5   VAL VAL A . n 
A 1 24  VAL 24  6   6   VAL VAL A . n 
A 1 25  PHE 25  7   7   PHE PHE A . n 
A 1 26  VAL 26  8   8   VAL VAL A . n 
A 1 27  LEU 27  9   9   LEU LEU A . n 
A 1 28  GLY 28  10  10  GLY GLY A . n 
A 1 29  GLY 29  11  11  GLY GLY A . n 
A 1 30  PRO 30  12  12  PRO PRO A . n 
A 1 31  GLY 31  13  13  GLY GLY A . n 
A 1 32  ALA 32  14  14  ALA ALA A . n 
A 1 33  GLY 33  15  15  GLY GLY A . n 
A 1 34  LYS 34  16  16  LYS LYS A . n 
A 1 35  GLY 35  17  17  GLY GLY A . n 
A 1 36  THR 36  18  18  THR THR A . n 
A 1 37  GLN 37  19  19  GLN GLN A . n 
A 1 38  CYS 38  20  20  CYS CYS A . n 
A 1 39  ALA 39  21  21  ALA ALA A . n 
A 1 40  ARG 40  22  22  ARG ARG A . n 
A 1 41  ILE 41  23  23  ILE ILE A . n 
A 1 42  VAL 42  24  24  VAL VAL A . n 
A 1 43  GLU 43  25  25  GLU GLU A . n 
A 1 44  LYS 44  26  26  LYS LYS A . n 
A 1 45  TYR 45  27  27  TYR TYR A . n 
A 1 46  GLY 46  28  28  GLY GLY A . n 
A 1 47  TYR 47  29  29  TYR TYR A . n 
A 1 48  THR 48  30  30  THR THR A . n 
A 1 49  HIS 49  31  31  HIS HIS A . n 
A 1 50  LEU 50  32  32  LEU LEU A . n 
A 1 51  SER 51  33  33  SER SER A . n 
A 1 52  ALA 52  34  34  ALA ALA A . n 
A 1 53  GLY 53  35  35  GLY GLY A . n 
A 1 54  GLU 54  36  36  GLU GLU A . n 
A 1 55  LEU 55  37  37  LEU LEU A . n 
A 1 56  LEU 56  38  38  LEU LEU A . n 
A 1 57  ARG 57  39  39  ARG ARG A . n 
A 1 58  ASP 58  40  40  ASP ASP A . n 
A 1 59  GLU 59  41  41  GLU GLU A . n 
A 1 60  ARG 60  42  42  ARG ARG A . n 
A 1 61  LYS 61  43  43  LYS LYS A . n 
A 1 62  ASN 62  44  44  ASN ASN A . n 
A 1 63  PRO 63  45  45  PRO PRO A . n 
A 1 64  ASP 64  46  46  ASP ASP A . n 
A 1 65  SER 65  47  47  SER SER A . n 
A 1 66  GLN 66  48  48  GLN GLN A . n 
A 1 67  TYR 67  49  49  TYR TYR A . n 
A 1 68  GLY 68  50  50  GLY GLY A . n 
A 1 69  GLU 69  51  51  GLU GLU A . n 
A 1 70  LEU 70  52  52  LEU LEU A . n 
A 1 71  ILE 71  53  53  ILE ILE A . n 
A 1 72  GLU 72  54  54  GLU GLU A . n 
A 1 73  LYS 73  55  55  LYS LYS A . n 
A 1 74  TYR 74  56  56  TYR TYR A . n 
A 1 75  ILE 75  57  57  ILE ILE A . n 
A 1 76  LYS 76  58  58  LYS LYS A . n 
A 1 77  GLU 77  59  59  GLU GLU A . n 
A 1 78  GLY 78  60  60  GLY GLY A . n 
A 1 79  LYS 79  61  61  LYS LYS A . n 
A 1 80  ILE 80  62  62  ILE ILE A . n 
A 1 81  VAL 81  63  63  VAL VAL A . n 
A 1 82  PRO 82  64  64  PRO PRO A . n 
A 1 83  VAL 83  65  65  VAL VAL A . n 
A 1 84  GLU 84  66  66  GLU GLU A . n 
A 1 85  ILE 85  67  67  ILE ILE A . n 
A 1 86  THR 86  68  68  THR THR A . n 
A 1 87  ILE 87  69  69  ILE ILE A . n 
A 1 88  SER 88  70  70  SER SER A . n 
A 1 89  LEU 89  71  71  LEU LEU A . n 
A 1 90  LEU 90  72  72  LEU LEU A . n 
A 1 91  LYS 91  73  73  LYS LYS A . n 
A 1 92  ARG 92  74  74  ARG ARG A . n 
A 1 93  GLU 93  75  75  GLU GLU A . n 
A 1 94  MET 94  76  76  MET MET A . n 
A 1 95  ASP 95  77  77  ASP ASP A . n 
A 1 96  GLN 96  78  78  GLN GLN A . n 
A 1 97  THR 97  79  79  THR THR A . n 
A 1 98  MET 98  80  80  MET MET A . n 
A 1 99  ALA 99  81  81  ALA ALA A . n 
A 1 100 ALA 100 82  82  ALA ALA A . n 
A 1 101 ASN 101 83  83  ASN ASN A . n 
A 1 102 ALA 102 84  84  ALA ALA A . n 
A 1 103 GLN 103 85  85  GLN GLN A . n 
A 1 104 LYS 104 86  86  LYS LYS A . n 
A 1 105 ASN 105 87  87  ASN ASN A . n 
A 1 106 LYS 106 88  88  LYS LYS A . n 
A 1 107 PHE 107 89  89  PHE PHE A . n 
A 1 108 LEU 108 90  90  LEU LEU A . n 
A 1 109 ILE 109 91  91  ILE ILE A . n 
A 1 110 ASP 110 92  92  ASP ASP A . n 
A 1 111 GLY 111 93  93  GLY GLY A . n 
A 1 112 PHE 112 94  94  PHE PHE A . n 
A 1 113 PRO 113 95  95  PRO PRO A . n 
A 1 114 ARG 114 96  96  ARG ARG A . n 
A 1 115 ASN 115 97  97  ASN ASN A . n 
A 1 116 GLN 116 98  98  GLN GLN A . n 
A 1 117 ASP 117 99  99  ASP ASP A . n 
A 1 118 ASN 118 100 100 ASN ASN A . n 
A 1 119 LEU 119 101 101 LEU LEU A . n 
A 1 120 GLN 120 102 102 GLN GLN A . n 
A 1 121 GLY 121 103 103 GLY GLY A . n 
A 1 122 TRP 122 104 104 TRP TRP A . n 
A 1 123 ASN 123 105 105 ASN ASN A . n 
A 1 124 LYS 124 106 106 LYS LYS A . n 
A 1 125 THR 125 107 107 THR THR A . n 
A 1 126 MET 126 108 108 MET MET A . n 
A 1 127 ASP 127 109 109 ASP ASP A . n 
A 1 128 GLY 128 110 110 GLY GLY A . n 
A 1 129 LYS 129 111 111 LYS LYS A . n 
A 1 130 ALA 130 112 112 ALA ALA A . n 
A 1 131 ASP 131 113 113 ASP ASP A . n 
A 1 132 VAL 132 114 114 VAL VAL A . n 
A 1 133 SER 133 115 115 SER SER A . n 
A 1 134 PHE 134 116 116 PHE PHE A . n 
A 1 135 VAL 135 117 117 VAL VAL A . n 
A 1 136 LEU 136 118 118 LEU LEU A . n 
A 1 137 PHE 137 119 119 PHE PHE A . n 
A 1 138 PHE 138 120 120 PHE PHE A . n 
A 1 139 ASP 139 121 121 ASP ASP A . n 
A 1 140 CYS 140 122 122 CYS CYS A . n 
A 1 141 ASN 141 123 123 ASN ASN A . n 
A 1 142 ASN 142 124 124 ASN ASN A . n 
A 1 143 GLU 143 125 125 GLU GLU A . n 
A 1 144 ILE 144 126 126 ILE ILE A . n 
A 1 145 CYS 145 127 127 CYS CYS A . n 
A 1 146 ILE 146 128 128 ILE ILE A . n 
A 1 147 GLU 147 129 129 GLU GLU A . n 
A 1 148 ARG 148 130 130 ARG ARG A . n 
A 1 149 CYS 149 131 131 CYS CYS A . n 
A 1 150 LEU 150 132 132 LEU LEU A . n 
A 1 151 GLU 151 133 133 GLU GLU A . n 
A 1 152 ARG 152 134 134 ARG ARG A . n 
A 1 153 GLY 153 135 135 GLY GLY A . n 
A 1 154 LYS 154 136 136 LYS LYS A . n 
A 1 155 SER 155 137 137 SER SER A . n 
A 1 156 SER 156 138 138 SER SER A . n 
A 1 157 GLY 157 139 ?   ?   ?   A . n 
A 1 158 ARG 158 140 ?   ?   ?   A . n 
A 1 159 SER 159 141 ?   ?   ?   A . n 
A 1 160 ASP 160 142 ?   ?   ?   A . n 
A 1 161 ASP 161 143 143 ASP ASP A . n 
A 1 162 ASN 162 144 144 ASN ASN A . n 
A 1 163 ARG 163 145 145 ARG ARG A . n 
A 1 164 GLU 164 146 146 GLU GLU A . n 
A 1 165 SER 165 147 147 SER SER A . n 
A 1 166 LEU 166 148 148 LEU LEU A . n 
A 1 167 GLU 167 149 149 GLU GLU A . n 
A 1 168 LYS 168 150 150 LYS LYS A . n 
A 1 169 ARG 169 151 151 ARG ARG A . n 
A 1 170 ILE 170 152 152 ILE ILE A . n 
A 1 171 GLN 171 153 153 GLN GLN A . n 
A 1 172 THR 172 154 154 THR THR A . n 
A 1 173 TYR 173 155 155 TYR TYR A . n 
A 1 174 LEU 174 156 156 LEU LEU A . n 
A 1 175 GLN 175 157 157 GLN GLN A . n 
A 1 176 SER 176 158 158 SER SER A . n 
A 1 177 THR 177 159 159 THR THR A . n 
A 1 178 LYS 178 160 160 LYS LYS A . n 
A 1 179 PRO 179 161 161 PRO PRO A . n 
A 1 180 ILE 180 162 162 ILE ILE A . n 
A 1 181 ILE 181 163 163 ILE ILE A . n 
A 1 182 ASP 182 164 164 ASP ASP A . n 
A 1 183 LEU 183 165 165 LEU LEU A . n 
A 1 184 TYR 184 166 166 TYR TYR A . n 
A 1 185 GLU 185 167 167 GLU GLU A . n 
A 1 186 GLU 186 168 168 GLU GLU A . n 
A 1 187 MET 187 169 169 MET MET A . n 
A 1 188 GLY 188 170 170 GLY GLY A . n 
A 1 189 LYS 189 171 171 LYS LYS A . n 
A 1 190 VAL 190 172 172 VAL VAL A . n 
A 1 191 LYS 191 173 173 LYS LYS A . n 
A 1 192 LYS 192 174 174 LYS LYS A . n 
A 1 193 ILE 193 175 175 ILE ILE A . n 
A 1 194 ASP 194 176 176 ASP ASP A . n 
A 1 195 ALA 195 177 177 ALA ALA A . n 
A 1 196 SER 196 178 178 SER SER A . n 
A 1 197 LYS 197 179 179 LYS LYS A . n 
A 1 198 SER 198 180 180 SER SER A . n 
A 1 199 VAL 199 181 181 VAL VAL A . n 
A 1 200 ASP 200 182 182 ASP ASP A . n 
A 1 201 GLU 201 183 183 GLU GLU A . n 
A 1 202 VAL 202 184 184 VAL VAL A . n 
A 1 203 PHE 203 185 185 PHE PHE A . n 
A 1 204 ASP 204 186 186 ASP ASP A . n 
A 1 205 GLU 205 187 187 GLU GLU A . n 
A 1 206 VAL 206 188 188 VAL VAL A . n 
A 1 207 VAL 207 189 189 VAL VAL A . n 
A 1 208 GLN 208 190 190 GLN GLN A . n 
A 1 209 ILE 209 191 191 ILE ILE A . n 
A 1 210 PHE 210 192 192 PHE PHE A . n 
A 1 211 ASP 211 193 193 ASP ASP A . n 
A 1 212 LYS 212 194 194 LYS LYS A . n 
A 1 213 GLU 213 195 195 GLU GLU A . n 
A 1 214 GLY 214 196 196 GLY GLY A . n 
# 
loop_
_pdbx_nonpoly_scheme.asym_id 
_pdbx_nonpoly_scheme.entity_id 
_pdbx_nonpoly_scheme.mon_id 
_pdbx_nonpoly_scheme.ndb_seq_num 
_pdbx_nonpoly_scheme.pdb_seq_num 
_pdbx_nonpoly_scheme.auth_seq_num 
_pdbx_nonpoly_scheme.pdb_mon_id 
_pdbx_nonpoly_scheme.auth_mon_id 
_pdbx_nonpoly_scheme.pdb_strand_id 
_pdbx_nonpoly_scheme.pdb_ins_code 
B 2 SO4 1  201 1  SO4 SO4 A . 
C 3 HOH 1  301 22 HOH HOH A . 
C 3 HOH 2  302 18 HOH HOH A . 
C 3 HOH 3  303 10 HOH HOH A . 
C 3 HOH 4  304 20 HOH HOH A . 
C 3 HOH 5  305 3  HOH HOH A . 
C 3 HOH 6  306 15 HOH HOH A . 
C 3 HOH 7  307 6  HOH HOH A . 
C 3 HOH 8  308 32 HOH HOH A . 
C 3 HOH 9  309 26 HOH HOH A . 
C 3 HOH 10 310 29 HOH HOH A . 
C 3 HOH 11 311 4  HOH HOH A . 
C 3 HOH 12 312 31 HOH HOH A . 
C 3 HOH 13 313 5  HOH HOH A . 
C 3 HOH 14 314 28 HOH HOH A . 
C 3 HOH 15 315 8  HOH HOH A . 
C 3 HOH 16 316 1  HOH HOH A . 
C 3 HOH 17 317 23 HOH HOH A . 
C 3 HOH 18 318 7  HOH HOH A . 
C 3 HOH 19 319 30 HOH HOH A . 
C 3 HOH 20 320 12 HOH HOH A . 
C 3 HOH 21 321 2  HOH HOH A . 
C 3 HOH 22 322 11 HOH HOH A . 
C 3 HOH 23 323 9  HOH HOH A . 
C 3 HOH 24 324 13 HOH HOH A . 
C 3 HOH 25 325 16 HOH HOH A . 
C 3 HOH 26 326 19 HOH HOH A . 
C 3 HOH 27 327 14 HOH HOH A . 
C 3 HOH 28 328 21 HOH HOH A . 
C 3 HOH 29 329 17 HOH HOH A . 
C 3 HOH 30 330 24 HOH HOH A . 
C 3 HOH 31 331 27 HOH HOH A . 
C 3 HOH 32 332 25 HOH HOH A . 
# 
_pdbx_struct_assembly.id                   1 
_pdbx_struct_assembly.details              author_and_software_defined_assembly 
_pdbx_struct_assembly.method_details       PISA 
_pdbx_struct_assembly.oligomeric_details   monomeric 
_pdbx_struct_assembly.oligomeric_count     1 
# 
_pdbx_struct_assembly_gen.assembly_id       1 
_pdbx_struct_assembly_gen.oper_expression   1 
_pdbx_struct_assembly_gen.asym_id_list      A,B,C 
# 
loop_
_pdbx_struct_assembly_prop.biol_id 
_pdbx_struct_assembly_prop.type 
_pdbx_struct_assembly_prop.value 
_pdbx_struct_assembly_prop.details 
1 'ABSA (A^2)' 210   ? 
1 MORE         -17   ? 
1 'SSA (A^2)'  10710 ? 
# 
_pdbx_struct_oper_list.id                   1 
_pdbx_struct_oper_list.type                 'identity operation' 
_pdbx_struct_oper_list.name                 1_555 
_pdbx_struct_oper_list.symmetry_operation   x,y,z 
_pdbx_struct_oper_list.matrix[1][1]         1.0000000000 
_pdbx_struct_oper_list.matrix[1][2]         0.0000000000 
_pdbx_struct_oper_list.matrix[1][3]         0.0000000000 
_pdbx_struct_oper_list.vector[1]            0.0000000000 
_pdbx_struct_oper_list.matrix[2][1]         0.0000000000 
_pdbx_struct_oper_list.matrix[2][2]         1.0000000000 
_pdbx_struct_oper_list.matrix[2][3]         0.0000000000 
_pdbx_struct_oper_list.vector[2]            0.0000000000 
_pdbx_struct_oper_list.matrix[3][1]         0.0000000000 
_pdbx_struct_oper_list.matrix[3][2]         0.0000000000 
_pdbx_struct_oper_list.matrix[3][3]         1.0000000000 
_pdbx_struct_oper_list.vector[3]            0.0000000000 
# 
_pdbx_struct_special_symmetry.id              1 
_pdbx_struct_special_symmetry.PDB_model_num   1 
_pdbx_struct_special_symmetry.auth_asym_id    A 
_pdbx_struct_special_symmetry.auth_comp_id    HOH 
_pdbx_struct_special_symmetry.auth_seq_id     316 
_pdbx_struct_special_symmetry.PDB_ins_code    ? 
_pdbx_struct_special_symmetry.label_asym_id   C 
_pdbx_struct_special_symmetry.label_comp_id   HOH 
_pdbx_struct_special_symmetry.label_seq_id    . 
# 
loop_
_pdbx_audit_revision_history.ordinal 
_pdbx_audit_revision_history.data_content_type 
_pdbx_audit_revision_history.major_revision 
_pdbx_audit_revision_history.minor_revision 
_pdbx_audit_revision_history.revision_date 
1 'Structure model' 1 0 2021-03-24 
2 'Structure model' 1 1 2023-11-29 
# 
_pdbx_audit_revision_details.ordinal             1 
_pdbx_audit_revision_details.revision_ordinal    1 
_pdbx_audit_revision_details.data_content_type   'Structure model' 
_pdbx_audit_revision_details.provider            repository 
_pdbx_audit_revision_details.type                'Initial release' 
_pdbx_audit_revision_details.description         ? 
_pdbx_audit_revision_details.details             ? 
# 
loop_
_pdbx_audit_revision_group.ordinal 
_pdbx_audit_revision_group.revision_ordinal 
_pdbx_audit_revision_group.data_content_type 
_pdbx_audit_revision_group.group 
1 2 'Structure model' 'Data collection'        
2 2 'Structure model' 'Database references'    
3 2 'Structure model' 'Derived calculations'   
4 2 'Structure model' 'Refinement description' 
# 
loop_
_pdbx_audit_revision_category.ordinal 
_pdbx_audit_revision_category.revision_ordinal 
_pdbx_audit_revision_category.data_content_type 
_pdbx_audit_revision_category.category 
1 2 'Structure model' atom_type                     
2 2 'Structure model' chem_comp_atom                
3 2 'Structure model' chem_comp_bond                
4 2 'Structure model' database_2                    
5 2 'Structure model' pdbx_initial_refinement_model 
# 
loop_
_pdbx_audit_revision_item.ordinal 
_pdbx_audit_revision_item.revision_ordinal 
_pdbx_audit_revision_item.data_content_type 
_pdbx_audit_revision_item.item 
1 2 'Structure model' '_atom_type.pdbx_N_electrons'         
2 2 'Structure model' '_atom_type.pdbx_scat_Z'              
3 2 'Structure model' '_database_2.pdbx_DOI'                
4 2 'Structure model' '_database_2.pdbx_database_accession' 
# 
loop_
_software.citation_id 
_software.classification 
_software.compiler_name 
_software.compiler_version 
_software.contact_author 
_software.contact_author_email 
_software.date 
_software.description 
_software.dependencies 
_software.hardware 
_software.language 
_software.location 
_software.mods 
_software.name 
_software.os 
_software.os_version 
_software.type 
_software.version 
_software.pdbx_ordinal 
? refinement       ? ? ? ? ? ? ? ? ? ? ? REFMAC  ? ? ? 5.8.0258 1 
? 'data reduction' ? ? ? ? ? ? ? ? ? ? ? XDS     ? ? ? .        2 
? 'data scaling'   ? ? ? ? ? ? ? ? ? ? ? Aimless ? ? ? .        3 
? phasing          ? ? ? ? ? ? ? ? ? ? ? PHASER  ? ? ? .        4 
# 
_pdbx_entry_details.entry_id                 7E9V 
_pdbx_entry_details.has_ligand_of_interest   N 
_pdbx_entry_details.compound_details         ? 
_pdbx_entry_details.source_details           ? 
_pdbx_entry_details.nonpolymer_details       ? 
_pdbx_entry_details.sequence_details         ? 
# 
loop_
_pdbx_validate_torsion.id 
_pdbx_validate_torsion.PDB_model_num 
_pdbx_validate_torsion.auth_comp_id 
_pdbx_validate_torsion.auth_asym_id 
_pdbx_validate_torsion.auth_seq_id 
_pdbx_validate_torsion.PDB_ins_code 
_pdbx_validate_torsion.label_alt_id 
_pdbx_validate_torsion.phi 
_pdbx_validate_torsion.psi 
1 1 ASN A 83  ? ? -166.01 97.18  
2 1 GLU A 195 ? ? -107.59 -72.31 
# 
loop_
_pdbx_unobs_or_zero_occ_residues.id 
_pdbx_unobs_or_zero_occ_residues.PDB_model_num 
_pdbx_unobs_or_zero_occ_residues.polymer_flag 
_pdbx_unobs_or_zero_occ_residues.occupancy_flag 
_pdbx_unobs_or_zero_occ_residues.auth_asym_id 
_pdbx_unobs_or_zero_occ_residues.auth_comp_id 
_pdbx_unobs_or_zero_occ_residues.auth_seq_id 
_pdbx_unobs_or_zero_occ_residues.PDB_ins_code 
_pdbx_unobs_or_zero_occ_residues.label_asym_id 
_pdbx_unobs_or_zero_occ_residues.label_comp_id 
_pdbx_unobs_or_zero_occ_residues.label_seq_id 
1  1 Y 1 A MET -17 ? A MET 1   
2  1 Y 1 A GLY -16 ? A GLY 2   
3  1 Y 1 A SER -15 ? A SER 3   
4  1 Y 1 A SER -14 ? A SER 4   
5  1 Y 1 A HIS -13 ? A HIS 5   
6  1 Y 1 A HIS -12 ? A HIS 6   
7  1 Y 1 A HIS -11 ? A HIS 7   
8  1 Y 1 A HIS -10 ? A HIS 8   
9  1 Y 1 A HIS -9  ? A HIS 9   
10 1 Y 1 A HIS -8  ? A HIS 10  
11 1 Y 1 A GLU -7  ? A GLU 11  
12 1 Y 1 A ASN -6  ? A ASN 12  
13 1 Y 1 A LEU -5  ? A LEU 13  
14 1 Y 1 A TYR -4  ? A TYR 14  
15 1 Y 1 A PHE -3  ? A PHE 15  
16 1 Y 1 A GLN -2  ? A GLN 16  
17 1 Y 1 A GLY -1  ? A GLY 17  
18 1 Y 1 A GLY 0   ? A GLY 18  
19 1 Y 1 A GLY 139 ? A GLY 157 
20 1 Y 1 A ARG 140 ? A ARG 158 
21 1 Y 1 A SER 141 ? A SER 159 
22 1 Y 1 A ASP 142 ? A ASP 160 
# 
loop_
_chem_comp_atom.comp_id 
_chem_comp_atom.atom_id 
_chem_comp_atom.type_symbol 
_chem_comp_atom.pdbx_aromatic_flag 
_chem_comp_atom.pdbx_stereo_config 
_chem_comp_atom.pdbx_ordinal 
ALA N    N N N 1   
ALA CA   C N S 2   
ALA C    C N N 3   
ALA O    O N N 4   
ALA CB   C N N 5   
ALA OXT  O N N 6   
ALA H    H N N 7   
ALA H2   H N N 8   
ALA HA   H N N 9   
ALA HB1  H N N 10  
ALA HB2  H N N 11  
ALA HB3  H N N 12  
ALA HXT  H N N 13  
ARG N    N N N 14  
ARG CA   C N S 15  
ARG C    C N N 16  
ARG O    O N N 17  
ARG CB   C N N 18  
ARG CG   C N N 19  
ARG CD   C N N 20  
ARG NE   N N N 21  
ARG CZ   C N N 22  
ARG NH1  N N N 23  
ARG NH2  N N N 24  
ARG OXT  O N N 25  
ARG H    H N N 26  
ARG H2   H N N 27  
ARG HA   H N N 28  
ARG HB2  H N N 29  
ARG HB3  H N N 30  
ARG HG2  H N N 31  
ARG HG3  H N N 32  
ARG HD2  H N N 33  
ARG HD3  H N N 34  
ARG HE   H N N 35  
ARG HH11 H N N 36  
ARG HH12 H N N 37  
ARG HH21 H N N 38  
ARG HH22 H N N 39  
ARG HXT  H N N 40  
ASN N    N N N 41  
ASN CA   C N S 42  
ASN C    C N N 43  
ASN O    O N N 44  
ASN CB   C N N 45  
ASN CG   C N N 46  
ASN OD1  O N N 47  
ASN ND2  N N N 48  
ASN OXT  O N N 49  
ASN H    H N N 50  
ASN H2   H N N 51  
ASN HA   H N N 52  
ASN HB2  H N N 53  
ASN HB3  H N N 54  
ASN HD21 H N N 55  
ASN HD22 H N N 56  
ASN HXT  H N N 57  
ASP N    N N N 58  
ASP CA   C N S 59  
ASP C    C N N 60  
ASP O    O N N 61  
ASP CB   C N N 62  
ASP CG   C N N 63  
ASP OD1  O N N 64  
ASP OD2  O N N 65  
ASP OXT  O N N 66  
ASP H    H N N 67  
ASP H2   H N N 68  
ASP HA   H N N 69  
ASP HB2  H N N 70  
ASP HB3  H N N 71  
ASP HD2  H N N 72  
ASP HXT  H N N 73  
CYS N    N N N 74  
CYS CA   C N R 75  
CYS C    C N N 76  
CYS O    O N N 77  
CYS CB   C N N 78  
CYS SG   S N N 79  
CYS OXT  O N N 80  
CYS H    H N N 81  
CYS H2   H N N 82  
CYS HA   H N N 83  
CYS HB2  H N N 84  
CYS HB3  H N N 85  
CYS HG   H N N 86  
CYS HXT  H N N 87  
GLN N    N N N 88  
GLN CA   C N S 89  
GLN C    C N N 90  
GLN O    O N N 91  
GLN CB   C N N 92  
GLN CG   C N N 93  
GLN CD   C N N 94  
GLN OE1  O N N 95  
GLN NE2  N N N 96  
GLN OXT  O N N 97  
GLN H    H N N 98  
GLN H2   H N N 99  
GLN HA   H N N 100 
GLN HB2  H N N 101 
GLN HB3  H N N 102 
GLN HG2  H N N 103 
GLN HG3  H N N 104 
GLN HE21 H N N 105 
GLN HE22 H N N 106 
GLN HXT  H N N 107 
GLU N    N N N 108 
GLU CA   C N S 109 
GLU C    C N N 110 
GLU O    O N N 111 
GLU CB   C N N 112 
GLU CG   C N N 113 
GLU CD   C N N 114 
GLU OE1  O N N 115 
GLU OE2  O N N 116 
GLU OXT  O N N 117 
GLU H    H N N 118 
GLU H2   H N N 119 
GLU HA   H N N 120 
GLU HB2  H N N 121 
GLU HB3  H N N 122 
GLU HG2  H N N 123 
GLU HG3  H N N 124 
GLU HE2  H N N 125 
GLU HXT  H N N 126 
GLY N    N N N 127 
GLY CA   C N N 128 
GLY C    C N N 129 
GLY O    O N N 130 
GLY OXT  O N N 131 
GLY H    H N N 132 
GLY H2   H N N 133 
GLY HA2  H N N 134 
GLY HA3  H N N 135 
GLY HXT  H N N 136 
HIS N    N N N 137 
HIS CA   C N S 138 
HIS C    C N N 139 
HIS O    O N N 140 
HIS CB   C N N 141 
HIS CG   C Y N 142 
HIS ND1  N Y N 143 
HIS CD2  C Y N 144 
HIS CE1  C Y N 145 
HIS NE2  N Y N 146 
HIS OXT  O N N 147 
HIS H    H N N 148 
HIS H2   H N N 149 
HIS HA   H N N 150 
HIS HB2  H N N 151 
HIS HB3  H N N 152 
HIS HD1  H N N 153 
HIS HD2  H N N 154 
HIS HE1  H N N 155 
HIS HE2  H N N 156 
HIS HXT  H N N 157 
HOH O    O N N 158 
HOH H1   H N N 159 
HOH H2   H N N 160 
ILE N    N N N 161 
ILE CA   C N S 162 
ILE C    C N N 163 
ILE O    O N N 164 
ILE CB   C N S 165 
ILE CG1  C N N 166 
ILE CG2  C N N 167 
ILE CD1  C N N 168 
ILE OXT  O N N 169 
ILE H    H N N 170 
ILE H2   H N N 171 
ILE HA   H N N 172 
ILE HB   H N N 173 
ILE HG12 H N N 174 
ILE HG13 H N N 175 
ILE HG21 H N N 176 
ILE HG22 H N N 177 
ILE HG23 H N N 178 
ILE HD11 H N N 179 
ILE HD12 H N N 180 
ILE HD13 H N N 181 
ILE HXT  H N N 182 
LEU N    N N N 183 
LEU CA   C N S 184 
LEU C    C N N 185 
LEU O    O N N 186 
LEU CB   C N N 187 
LEU CG   C N N 188 
LEU CD1  C N N 189 
LEU CD2  C N N 190 
LEU OXT  O N N 191 
LEU H    H N N 192 
LEU H2   H N N 193 
LEU HA   H N N 194 
LEU HB2  H N N 195 
LEU HB3  H N N 196 
LEU HG   H N N 197 
LEU HD11 H N N 198 
LEU HD12 H N N 199 
LEU HD13 H N N 200 
LEU HD21 H N N 201 
LEU HD22 H N N 202 
LEU HD23 H N N 203 
LEU HXT  H N N 204 
LYS N    N N N 205 
LYS CA   C N S 206 
LYS C    C N N 207 
LYS O    O N N 208 
LYS CB   C N N 209 
LYS CG   C N N 210 
LYS CD   C N N 211 
LYS CE   C N N 212 
LYS NZ   N N N 213 
LYS OXT  O N N 214 
LYS H    H N N 215 
LYS H2   H N N 216 
LYS HA   H N N 217 
LYS HB2  H N N 218 
LYS HB3  H N N 219 
LYS HG2  H N N 220 
LYS HG3  H N N 221 
LYS HD2  H N N 222 
LYS HD3  H N N 223 
LYS HE2  H N N 224 
LYS HE3  H N N 225 
LYS HZ1  H N N 226 
LYS HZ2  H N N 227 
LYS HZ3  H N N 228 
LYS HXT  H N N 229 
MET N    N N N 230 
MET CA   C N S 231 
MET C    C N N 232 
MET O    O N N 233 
MET CB   C N N 234 
MET CG   C N N 235 
MET SD   S N N 236 
MET CE   C N N 237 
MET OXT  O N N 238 
MET H    H N N 239 
MET H2   H N N 240 
MET HA   H N N 241 
MET HB2  H N N 242 
MET HB3  H N N 243 
MET HG2  H N N 244 
MET HG3  H N N 245 
MET HE1  H N N 246 
MET HE2  H N N 247 
MET HE3  H N N 248 
MET HXT  H N N 249 
PHE N    N N N 250 
PHE CA   C N S 251 
PHE C    C N N 252 
PHE O    O N N 253 
PHE CB   C N N 254 
PHE CG   C Y N 255 
PHE CD1  C Y N 256 
PHE CD2  C Y N 257 
PHE CE1  C Y N 258 
PHE CE2  C Y N 259 
PHE CZ   C Y N 260 
PHE OXT  O N N 261 
PHE H    H N N 262 
PHE H2   H N N 263 
PHE HA   H N N 264 
PHE HB2  H N N 265 
PHE HB3  H N N 266 
PHE HD1  H N N 267 
PHE HD2  H N N 268 
PHE HE1  H N N 269 
PHE HE2  H N N 270 
PHE HZ   H N N 271 
PHE HXT  H N N 272 
PRO N    N N N 273 
PRO CA   C N S 274 
PRO C    C N N 275 
PRO O    O N N 276 
PRO CB   C N N 277 
PRO CG   C N N 278 
PRO CD   C N N 279 
PRO OXT  O N N 280 
PRO H    H N N 281 
PRO HA   H N N 282 
PRO HB2  H N N 283 
PRO HB3  H N N 284 
PRO HG2  H N N 285 
PRO HG3  H N N 286 
PRO HD2  H N N 287 
PRO HD3  H N N 288 
PRO HXT  H N N 289 
SER N    N N N 290 
SER CA   C N S 291 
SER C    C N N 292 
SER O    O N N 293 
SER CB   C N N 294 
SER OG   O N N 295 
SER OXT  O N N 296 
SER H    H N N 297 
SER H2   H N N 298 
SER HA   H N N 299 
SER HB2  H N N 300 
SER HB3  H N N 301 
SER HG   H N N 302 
SER HXT  H N N 303 
SO4 S    S N N 304 
SO4 O1   O N N 305 
SO4 O2   O N N 306 
SO4 O3   O N N 307 
SO4 O4   O N N 308 
THR N    N N N 309 
THR CA   C N S 310 
THR C    C N N 311 
THR O    O N N 312 
THR CB   C N R 313 
THR OG1  O N N 314 
THR CG2  C N N 315 
THR OXT  O N N 316 
THR H    H N N 317 
THR H2   H N N 318 
THR HA   H N N 319 
THR HB   H N N 320 
THR HG1  H N N 321 
THR HG21 H N N 322 
THR HG22 H N N 323 
THR HG23 H N N 324 
THR HXT  H N N 325 
TRP N    N N N 326 
TRP CA   C N S 327 
TRP C    C N N 328 
TRP O    O N N 329 
TRP CB   C N N 330 
TRP CG   C Y N 331 
TRP CD1  C Y N 332 
TRP CD2  C Y N 333 
TRP NE1  N Y N 334 
TRP CE2  C Y N 335 
TRP CE3  C Y N 336 
TRP CZ2  C Y N 337 
TRP CZ3  C Y N 338 
TRP CH2  C Y N 339 
TRP OXT  O N N 340 
TRP H    H N N 341 
TRP H2   H N N 342 
TRP HA   H N N 343 
TRP HB2  H N N 344 
TRP HB3  H N N 345 
TRP HD1  H N N 346 
TRP HE1  H N N 347 
TRP HE3  H N N 348 
TRP HZ2  H N N 349 
TRP HZ3  H N N 350 
TRP HH2  H N N 351 
TRP HXT  H N N 352 
TYR N    N N N 353 
TYR CA   C N S 354 
TYR C    C N N 355 
TYR O    O N N 356 
TYR CB   C N N 357 
TYR CG   C Y N 358 
TYR CD1  C Y N 359 
TYR CD2  C Y N 360 
TYR CE1  C Y N 361 
TYR CE2  C Y N 362 
TYR CZ   C Y N 363 
TYR OH   O N N 364 
TYR OXT  O N N 365 
TYR H    H N N 366 
TYR H2   H N N 367 
TYR HA   H N N 368 
TYR HB2  H N N 369 
TYR HB3  H N N 370 
TYR HD1  H N N 371 
TYR HD2  H N N 372 
TYR HE1  H N N 373 
TYR HE2  H N N 374 
TYR HH   H N N 375 
TYR HXT  H N N 376 
VAL N    N N N 377 
VAL CA   C N S 378 
VAL C    C N N 379 
VAL O    O N N 380 
VAL CB   C N N 381 
VAL CG1  C N N 382 
VAL CG2  C N N 383 
VAL OXT  O N N 384 
VAL H    H N N 385 
VAL H2   H N N 386 
VAL HA   H N N 387 
VAL HB   H N N 388 
VAL HG11 H N N 389 
VAL HG12 H N N 390 
VAL HG13 H N N 391 
VAL HG21 H N N 392 
VAL HG22 H N N 393 
VAL HG23 H N N 394 
VAL HXT  H N N 395 
# 
loop_
_chem_comp_bond.comp_id 
_chem_comp_bond.atom_id_1 
_chem_comp_bond.atom_id_2 
_chem_comp_bond.value_order 
_chem_comp_bond.pdbx_aromatic_flag 
_chem_comp_bond.pdbx_stereo_config 
_chem_comp_bond.pdbx_ordinal 
ALA N   CA   sing N N 1   
ALA N   H    sing N N 2   
ALA N   H2   sing N N 3   
ALA CA  C    sing N N 4   
ALA CA  CB   sing N N 5   
ALA CA  HA   sing N N 6   
ALA C   O    doub N N 7   
ALA C   OXT  sing N N 8   
ALA CB  HB1  sing N N 9   
ALA CB  HB2  sing N N 10  
ALA CB  HB3  sing N N 11  
ALA OXT HXT  sing N N 12  
ARG N   CA   sing N N 13  
ARG N   H    sing N N 14  
ARG N   H2   sing N N 15  
ARG CA  C    sing N N 16  
ARG CA  CB   sing N N 17  
ARG CA  HA   sing N N 18  
ARG C   O    doub N N 19  
ARG C   OXT  sing N N 20  
ARG CB  CG   sing N N 21  
ARG CB  HB2  sing N N 22  
ARG CB  HB3  sing N N 23  
ARG CG  CD   sing N N 24  
ARG CG  HG2  sing N N 25  
ARG CG  HG3  sing N N 26  
ARG CD  NE   sing N N 27  
ARG CD  HD2  sing N N 28  
ARG CD  HD3  sing N N 29  
ARG NE  CZ   sing N N 30  
ARG NE  HE   sing N N 31  
ARG CZ  NH1  sing N N 32  
ARG CZ  NH2  doub N N 33  
ARG NH1 HH11 sing N N 34  
ARG NH1 HH12 sing N N 35  
ARG NH2 HH21 sing N N 36  
ARG NH2 HH22 sing N N 37  
ARG OXT HXT  sing N N 38  
ASN N   CA   sing N N 39  
ASN N   H    sing N N 40  
ASN N   H2   sing N N 41  
ASN CA  C    sing N N 42  
ASN CA  CB   sing N N 43  
ASN CA  HA   sing N N 44  
ASN C   O    doub N N 45  
ASN C   OXT  sing N N 46  
ASN CB  CG   sing N N 47  
ASN CB  HB2  sing N N 48  
ASN CB  HB3  sing N N 49  
ASN CG  OD1  doub N N 50  
ASN CG  ND2  sing N N 51  
ASN ND2 HD21 sing N N 52  
ASN ND2 HD22 sing N N 53  
ASN OXT HXT  sing N N 54  
ASP N   CA   sing N N 55  
ASP N   H    sing N N 56  
ASP N   H2   sing N N 57  
ASP CA  C    sing N N 58  
ASP CA  CB   sing N N 59  
ASP CA  HA   sing N N 60  
ASP C   O    doub N N 61  
ASP C   OXT  sing N N 62  
ASP CB  CG   sing N N 63  
ASP CB  HB2  sing N N 64  
ASP CB  HB3  sing N N 65  
ASP CG  OD1  doub N N 66  
ASP CG  OD2  sing N N 67  
ASP OD2 HD2  sing N N 68  
ASP OXT HXT  sing N N 69  
CYS N   CA   sing N N 70  
CYS N   H    sing N N 71  
CYS N   H2   sing N N 72  
CYS CA  C    sing N N 73  
CYS CA  CB   sing N N 74  
CYS CA  HA   sing N N 75  
CYS C   O    doub N N 76  
CYS C   OXT  sing N N 77  
CYS CB  SG   sing N N 78  
CYS CB  HB2  sing N N 79  
CYS CB  HB3  sing N N 80  
CYS SG  HG   sing N N 81  
CYS OXT HXT  sing N N 82  
GLN N   CA   sing N N 83  
GLN N   H    sing N N 84  
GLN N   H2   sing N N 85  
GLN CA  C    sing N N 86  
GLN CA  CB   sing N N 87  
GLN CA  HA   sing N N 88  
GLN C   O    doub N N 89  
GLN C   OXT  sing N N 90  
GLN CB  CG   sing N N 91  
GLN CB  HB2  sing N N 92  
GLN CB  HB3  sing N N 93  
GLN CG  CD   sing N N 94  
GLN CG  HG2  sing N N 95  
GLN CG  HG3  sing N N 96  
GLN CD  OE1  doub N N 97  
GLN CD  NE2  sing N N 98  
GLN NE2 HE21 sing N N 99  
GLN NE2 HE22 sing N N 100 
GLN OXT HXT  sing N N 101 
GLU N   CA   sing N N 102 
GLU N   H    sing N N 103 
GLU N   H2   sing N N 104 
GLU CA  C    sing N N 105 
GLU CA  CB   sing N N 106 
GLU CA  HA   sing N N 107 
GLU C   O    doub N N 108 
GLU C   OXT  sing N N 109 
GLU CB  CG   sing N N 110 
GLU CB  HB2  sing N N 111 
GLU CB  HB3  sing N N 112 
GLU CG  CD   sing N N 113 
GLU CG  HG2  sing N N 114 
GLU CG  HG3  sing N N 115 
GLU CD  OE1  doub N N 116 
GLU CD  OE2  sing N N 117 
GLU OE2 HE2  sing N N 118 
GLU OXT HXT  sing N N 119 
GLY N   CA   sing N N 120 
GLY N   H    sing N N 121 
GLY N   H2   sing N N 122 
GLY CA  C    sing N N 123 
GLY CA  HA2  sing N N 124 
GLY CA  HA3  sing N N 125 
GLY C   O    doub N N 126 
GLY C   OXT  sing N N 127 
GLY OXT HXT  sing N N 128 
HIS N   CA   sing N N 129 
HIS N   H    sing N N 130 
HIS N   H2   sing N N 131 
HIS CA  C    sing N N 132 
HIS CA  CB   sing N N 133 
HIS CA  HA   sing N N 134 
HIS C   O    doub N N 135 
HIS C   OXT  sing N N 136 
HIS CB  CG   sing N N 137 
HIS CB  HB2  sing N N 138 
HIS CB  HB3  sing N N 139 
HIS CG  ND1  sing Y N 140 
HIS CG  CD2  doub Y N 141 
HIS ND1 CE1  doub Y N 142 
HIS ND1 HD1  sing N N 143 
HIS CD2 NE2  sing Y N 144 
HIS CD2 HD2  sing N N 145 
HIS CE1 NE2  sing Y N 146 
HIS CE1 HE1  sing N N 147 
HIS NE2 HE2  sing N N 148 
HIS OXT HXT  sing N N 149 
HOH O   H1   sing N N 150 
HOH O   H2   sing N N 151 
ILE N   CA   sing N N 152 
ILE N   H    sing N N 153 
ILE N   H2   sing N N 154 
ILE CA  C    sing N N 155 
ILE CA  CB   sing N N 156 
ILE CA  HA   sing N N 157 
ILE C   O    doub N N 158 
ILE C   OXT  sing N N 159 
ILE CB  CG1  sing N N 160 
ILE CB  CG2  sing N N 161 
ILE CB  HB   sing N N 162 
ILE CG1 CD1  sing N N 163 
ILE CG1 HG12 sing N N 164 
ILE CG1 HG13 sing N N 165 
ILE CG2 HG21 sing N N 166 
ILE CG2 HG22 sing N N 167 
ILE CG2 HG23 sing N N 168 
ILE CD1 HD11 sing N N 169 
ILE CD1 HD12 sing N N 170 
ILE CD1 HD13 sing N N 171 
ILE OXT HXT  sing N N 172 
LEU N   CA   sing N N 173 
LEU N   H    sing N N 174 
LEU N   H2   sing N N 175 
LEU CA  C    sing N N 176 
LEU CA  CB   sing N N 177 
LEU CA  HA   sing N N 178 
LEU C   O    doub N N 179 
LEU C   OXT  sing N N 180 
LEU CB  CG   sing N N 181 
LEU CB  HB2  sing N N 182 
LEU CB  HB3  sing N N 183 
LEU CG  CD1  sing N N 184 
LEU CG  CD2  sing N N 185 
LEU CG  HG   sing N N 186 
LEU CD1 HD11 sing N N 187 
LEU CD1 HD12 sing N N 188 
LEU CD1 HD13 sing N N 189 
LEU CD2 HD21 sing N N 190 
LEU CD2 HD22 sing N N 191 
LEU CD2 HD23 sing N N 192 
LEU OXT HXT  sing N N 193 
LYS N   CA   sing N N 194 
LYS N   H    sing N N 195 
LYS N   H2   sing N N 196 
LYS CA  C    sing N N 197 
LYS CA  CB   sing N N 198 
LYS CA  HA   sing N N 199 
LYS C   O    doub N N 200 
LYS C   OXT  sing N N 201 
LYS CB  CG   sing N N 202 
LYS CB  HB2  sing N N 203 
LYS CB  HB3  sing N N 204 
LYS CG  CD   sing N N 205 
LYS CG  HG2  sing N N 206 
LYS CG  HG3  sing N N 207 
LYS CD  CE   sing N N 208 
LYS CD  HD2  sing N N 209 
LYS CD  HD3  sing N N 210 
LYS CE  NZ   sing N N 211 
LYS CE  HE2  sing N N 212 
LYS CE  HE3  sing N N 213 
LYS NZ  HZ1  sing N N 214 
LYS NZ  HZ2  sing N N 215 
LYS NZ  HZ3  sing N N 216 
LYS OXT HXT  sing N N 217 
MET N   CA   sing N N 218 
MET N   H    sing N N 219 
MET N   H2   sing N N 220 
MET CA  C    sing N N 221 
MET CA  CB   sing N N 222 
MET CA  HA   sing N N 223 
MET C   O    doub N N 224 
MET C   OXT  sing N N 225 
MET CB  CG   sing N N 226 
MET CB  HB2  sing N N 227 
MET CB  HB3  sing N N 228 
MET CG  SD   sing N N 229 
MET CG  HG2  sing N N 230 
MET CG  HG3  sing N N 231 
MET SD  CE   sing N N 232 
MET CE  HE1  sing N N 233 
MET CE  HE2  sing N N 234 
MET CE  HE3  sing N N 235 
MET OXT HXT  sing N N 236 
PHE N   CA   sing N N 237 
PHE N   H    sing N N 238 
PHE N   H2   sing N N 239 
PHE CA  C    sing N N 240 
PHE CA  CB   sing N N 241 
PHE CA  HA   sing N N 242 
PHE C   O    doub N N 243 
PHE C   OXT  sing N N 244 
PHE CB  CG   sing N N 245 
PHE CB  HB2  sing N N 246 
PHE CB  HB3  sing N N 247 
PHE CG  CD1  doub Y N 248 
PHE CG  CD2  sing Y N 249 
PHE CD1 CE1  sing Y N 250 
PHE CD1 HD1  sing N N 251 
PHE CD2 CE2  doub Y N 252 
PHE CD2 HD2  sing N N 253 
PHE CE1 CZ   doub Y N 254 
PHE CE1 HE1  sing N N 255 
PHE CE2 CZ   sing Y N 256 
PHE CE2 HE2  sing N N 257 
PHE CZ  HZ   sing N N 258 
PHE OXT HXT  sing N N 259 
PRO N   CA   sing N N 260 
PRO N   CD   sing N N 261 
PRO N   H    sing N N 262 
PRO CA  C    sing N N 263 
PRO CA  CB   sing N N 264 
PRO CA  HA   sing N N 265 
PRO C   O    doub N N 266 
PRO C   OXT  sing N N 267 
PRO CB  CG   sing N N 268 
PRO CB  HB2  sing N N 269 
PRO CB  HB3  sing N N 270 
PRO CG  CD   sing N N 271 
PRO CG  HG2  sing N N 272 
PRO CG  HG3  sing N N 273 
PRO CD  HD2  sing N N 274 
PRO CD  HD3  sing N N 275 
PRO OXT HXT  sing N N 276 
SER N   CA   sing N N 277 
SER N   H    sing N N 278 
SER N   H2   sing N N 279 
SER CA  C    sing N N 280 
SER CA  CB   sing N N 281 
SER CA  HA   sing N N 282 
SER C   O    doub N N 283 
SER C   OXT  sing N N 284 
SER CB  OG   sing N N 285 
SER CB  HB2  sing N N 286 
SER CB  HB3  sing N N 287 
SER OG  HG   sing N N 288 
SER OXT HXT  sing N N 289 
SO4 S   O1   doub N N 290 
SO4 S   O2   doub N N 291 
SO4 S   O3   sing N N 292 
SO4 S   O4   sing N N 293 
THR N   CA   sing N N 294 
THR N   H    sing N N 295 
THR N   H2   sing N N 296 
THR CA  C    sing N N 297 
THR CA  CB   sing N N 298 
THR CA  HA   sing N N 299 
THR C   O    doub N N 300 
THR C   OXT  sing N N 301 
THR CB  OG1  sing N N 302 
THR CB  CG2  sing N N 303 
THR CB  HB   sing N N 304 
THR OG1 HG1  sing N N 305 
THR CG2 HG21 sing N N 306 
THR CG2 HG22 sing N N 307 
THR CG2 HG23 sing N N 308 
THR OXT HXT  sing N N 309 
TRP N   CA   sing N N 310 
TRP N   H    sing N N 311 
TRP N   H2   sing N N 312 
TRP CA  C    sing N N 313 
TRP CA  CB   sing N N 314 
TRP CA  HA   sing N N 315 
TRP C   O    doub N N 316 
TRP C   OXT  sing N N 317 
TRP CB  CG   sing N N 318 
TRP CB  HB2  sing N N 319 
TRP CB  HB3  sing N N 320 
TRP CG  CD1  doub Y N 321 
TRP CG  CD2  sing Y N 322 
TRP CD1 NE1  sing Y N 323 
TRP CD1 HD1  sing N N 324 
TRP CD2 CE2  doub Y N 325 
TRP CD2 CE3  sing Y N 326 
TRP NE1 CE2  sing Y N 327 
TRP NE1 HE1  sing N N 328 
TRP CE2 CZ2  sing Y N 329 
TRP CE3 CZ3  doub Y N 330 
TRP CE3 HE3  sing N N 331 
TRP CZ2 CH2  doub Y N 332 
TRP CZ2 HZ2  sing N N 333 
TRP CZ3 CH2  sing Y N 334 
TRP CZ3 HZ3  sing N N 335 
TRP CH2 HH2  sing N N 336 
TRP OXT HXT  sing N N 337 
TYR N   CA   sing N N 338 
TYR N   H    sing N N 339 
TYR N   H2   sing N N 340 
TYR CA  C    sing N N 341 
TYR CA  CB   sing N N 342 
TYR CA  HA   sing N N 343 
TYR C   O    doub N N 344 
TYR C   OXT  sing N N 345 
TYR CB  CG   sing N N 346 
TYR CB  HB2  sing N N 347 
TYR CB  HB3  sing N N 348 
TYR CG  CD1  doub Y N 349 
TYR CG  CD2  sing Y N 350 
TYR CD1 CE1  sing Y N 351 
TYR CD1 HD1  sing N N 352 
TYR CD2 CE2  doub Y N 353 
TYR CD2 HD2  sing N N 354 
TYR CE1 CZ   doub Y N 355 
TYR CE1 HE1  sing N N 356 
TYR CE2 CZ   sing Y N 357 
TYR CE2 HE2  sing N N 358 
TYR CZ  OH   sing N N 359 
TYR OH  HH   sing N N 360 
TYR OXT HXT  sing N N 361 
VAL N   CA   sing N N 362 
VAL N   H    sing N N 363 
VAL N   H2   sing N N 364 
VAL CA  C    sing N N 365 
VAL CA  CB   sing N N 366 
VAL CA  HA   sing N N 367 
VAL C   O    doub N N 368 
VAL C   OXT  sing N N 369 
VAL CB  CG1  sing N N 370 
VAL CB  CG2  sing N N 371 
VAL CB  HB   sing N N 372 
VAL CG1 HG11 sing N N 373 
VAL CG1 HG12 sing N N 374 
VAL CG1 HG13 sing N N 375 
VAL CG2 HG21 sing N N 376 
VAL CG2 HG22 sing N N 377 
VAL CG2 HG23 sing N N 378 
VAL OXT HXT  sing N N 379 
# 
_pdbx_audit_support.funding_organization   'The Natural Science Foundation of Jiangsu Province' 
_pdbx_audit_support.country                China 
_pdbx_audit_support.grant_number           BK20170222 
_pdbx_audit_support.ordinal                1 
# 
loop_
_pdbx_entity_nonpoly.entity_id 
_pdbx_entity_nonpoly.name 
_pdbx_entity_nonpoly.comp_id 
2 'SULFATE ION' SO4 
3 water         HOH 
# 
_pdbx_initial_refinement_model.id               1 
_pdbx_initial_refinement_model.entity_id_list   ? 
_pdbx_initial_refinement_model.type             'experimental model' 
_pdbx_initial_refinement_model.source_name      PDB 
_pdbx_initial_refinement_model.accession_code   1TEV 
_pdbx_initial_refinement_model.details          ? 
# 
_pdbx_struct_assembly_auth_evidence.id                     1 
_pdbx_struct_assembly_auth_evidence.assembly_id            1 
_pdbx_struct_assembly_auth_evidence.experimental_support   'gel filtration' 
_pdbx_struct_assembly_auth_evidence.details                ? 
# 
